data_1X6B
#
_entry.id   1X6B
#
_entity_poly.entity_id   1
_entity_poly.type   'polypeptide(L)'
_entity_poly.pdbx_seq_one_letter_code
;GSSGSSGWQGLSSKGDLPQVEITKAFFAKQADEVTLQQADVVLVLQQEDGWLYGERLRDGETGWFPEDFARFISGPSSG
;
_entity_poly.pdbx_strand_id   A
#
# COMPACT_ATOMS: atom_id res chain seq x y z
N GLY A 1 3.52 -6.13 27.13
CA GLY A 1 3.14 -5.01 26.27
C GLY A 1 2.63 -5.51 24.92
N SER A 2 3.21 -4.95 23.87
CA SER A 2 2.84 -5.33 22.51
C SER A 2 4.06 -5.29 21.60
N SER A 3 4.86 -6.34 21.70
CA SER A 3 6.06 -6.45 20.89
C SER A 3 7.03 -5.31 21.24
N GLY A 4 8.29 -5.68 21.40
CA GLY A 4 9.32 -4.71 21.75
C GLY A 4 9.76 -3.94 20.51
N SER A 5 10.75 -3.08 20.71
CA SER A 5 11.29 -2.28 19.61
C SER A 5 12.43 -1.40 20.12
N SER A 6 13.23 -0.92 19.17
CA SER A 6 14.35 -0.07 19.50
C SER A 6 14.78 0.75 18.28
N GLY A 7 14.10 1.88 18.10
CA GLY A 7 14.40 2.74 16.97
C GLY A 7 13.60 4.04 17.07
N TRP A 8 13.25 4.57 15.90
CA TRP A 8 12.49 5.80 15.82
C TRP A 8 11.01 5.45 16.04
N GLN A 9 10.28 6.41 16.57
CA GLN A 9 8.86 6.23 16.82
C GLN A 9 8.13 5.81 15.54
N GLY A 10 8.39 6.56 14.49
CA GLY A 10 7.78 6.29 13.19
C GLY A 10 7.94 7.47 12.25
N LEU A 11 7.28 8.56 12.60
CA LEU A 11 7.35 9.76 11.78
C LEU A 11 6.78 9.46 10.38
N SER A 12 5.46 9.54 10.29
CA SER A 12 4.79 9.28 9.03
C SER A 12 3.50 10.10 8.94
N SER A 13 3.12 10.40 7.70
CA SER A 13 1.91 11.18 7.48
C SER A 13 0.77 10.26 7.03
N LYS A 14 -0.30 10.28 7.80
CA LYS A 14 -1.46 9.46 7.50
C LYS A 14 -2.60 9.82 8.44
N GLY A 15 -3.80 9.44 8.05
CA GLY A 15 -4.99 9.72 8.84
C GLY A 15 -6.10 8.71 8.57
N ASP A 16 -6.86 8.97 7.51
CA ASP A 16 -7.94 8.08 7.13
C ASP A 16 -7.72 7.60 5.70
N LEU A 17 -6.45 7.50 5.33
CA LEU A 17 -6.09 7.05 3.99
C LEU A 17 -6.82 5.74 3.68
N PRO A 18 -6.94 5.45 2.36
CA PRO A 18 -7.61 4.24 1.92
C PRO A 18 -6.72 3.01 2.14
N GLN A 19 -7.35 1.92 2.55
CA GLN A 19 -6.63 0.68 2.80
C GLN A 19 -7.27 -0.47 2.02
N VAL A 20 -6.42 -1.33 1.50
CA VAL A 20 -6.89 -2.48 0.74
C VAL A 20 -6.22 -3.75 1.27
N GLU A 21 -7.01 -4.82 1.33
CA GLU A 21 -6.51 -6.09 1.82
C GLU A 21 -6.07 -6.96 0.65
N ILE A 22 -4.77 -7.28 0.65
CA ILE A 22 -4.21 -8.10 -0.41
C ILE A 22 -4.82 -9.50 -0.33
N THR A 23 -5.64 -9.81 -1.33
CA THR A 23 -6.29 -11.11 -1.39
C THR A 23 -5.26 -12.22 -1.60
N LYS A 24 -4.27 -11.91 -2.41
CA LYS A 24 -3.21 -12.86 -2.71
C LYS A 24 -1.87 -12.14 -2.74
N ALA A 25 -0.83 -12.87 -2.39
CA ALA A 25 0.52 -12.31 -2.37
C ALA A 25 0.78 -11.61 -3.70
N PHE A 26 1.60 -10.57 -3.63
CA PHE A 26 1.95 -9.81 -4.82
C PHE A 26 3.46 -9.63 -4.94
N PHE A 27 4.11 -10.67 -5.48
CA PHE A 27 5.55 -10.64 -5.66
C PHE A 27 5.97 -9.45 -6.52
N ALA A 28 6.78 -8.59 -5.91
CA ALA A 28 7.27 -7.40 -6.61
C ALA A 28 8.36 -7.82 -7.60
N LYS A 29 8.22 -7.33 -8.82
CA LYS A 29 9.18 -7.63 -9.86
C LYS A 29 10.04 -6.39 -10.14
N GLN A 30 9.42 -5.23 -10.03
CA GLN A 30 10.11 -3.98 -10.26
C GLN A 30 10.78 -3.50 -8.97
N ALA A 31 11.35 -2.31 -9.04
CA ALA A 31 12.03 -1.73 -7.90
C ALA A 31 11.07 -0.81 -7.15
N ASP A 32 9.90 -0.63 -7.73
CA ASP A 32 8.88 0.22 -7.14
C ASP A 32 7.79 -0.66 -6.51
N GLU A 33 7.65 -1.86 -7.07
CA GLU A 33 6.66 -2.79 -6.58
C GLU A 33 7.09 -3.37 -5.23
N VAL A 34 6.11 -3.59 -4.36
CA VAL A 34 6.38 -4.14 -3.05
C VAL A 34 5.72 -5.51 -2.93
N THR A 35 6.39 -6.40 -2.21
CA THR A 35 5.88 -7.75 -2.01
C THR A 35 4.83 -7.76 -0.90
N LEU A 36 3.70 -8.36 -1.22
CA LEU A 36 2.60 -8.45 -0.25
C LEU A 36 2.21 -9.91 -0.08
N GLN A 37 1.54 -10.18 1.03
CA GLN A 37 1.10 -11.53 1.33
C GLN A 37 -0.43 -11.61 1.27
N GLN A 38 -0.93 -12.82 1.47
CA GLN A 38 -2.37 -13.05 1.44
C GLN A 38 -3.02 -12.53 2.73
N ALA A 39 -4.02 -11.68 2.55
CA ALA A 39 -4.72 -11.10 3.68
C ALA A 39 -3.80 -10.12 4.40
N ASP A 40 -3.19 -9.25 3.62
CA ASP A 40 -2.29 -8.25 4.17
C ASP A 40 -2.98 -6.88 4.18
N VAL A 41 -2.27 -5.89 4.70
CA VAL A 41 -2.80 -4.55 4.78
C VAL A 41 -1.76 -3.56 4.23
N VAL A 42 -2.23 -2.67 3.38
CA VAL A 42 -1.36 -1.67 2.79
C VAL A 42 -2.07 -0.32 2.78
N LEU A 43 -1.36 0.70 3.28
CA LEU A 43 -1.90 2.04 3.33
C LEU A 43 -1.64 2.75 2.00
N VAL A 44 -2.71 2.96 1.26
CA VAL A 44 -2.62 3.62 -0.04
C VAL A 44 -2.01 5.01 0.15
N LEU A 45 -1.13 5.37 -0.77
CA LEU A 45 -0.47 6.67 -0.71
C LEU A 45 -0.77 7.43 -2.00
N GLN A 46 -0.73 6.71 -3.11
CA GLN A 46 -0.98 7.31 -4.40
C GLN A 46 -1.80 6.36 -5.28
N GLN A 47 -2.98 6.83 -5.65
CA GLN A 47 -3.87 6.04 -6.48
C GLN A 47 -3.70 6.41 -7.95
N GLU A 48 -3.18 5.46 -8.72
CA GLU A 48 -2.96 5.67 -10.13
C GLU A 48 -3.75 4.65 -10.95
N ASP A 49 -4.70 5.17 -11.72
CA ASP A 49 -5.53 4.32 -12.55
C ASP A 49 -4.67 3.20 -13.15
N GLY A 50 -4.80 2.03 -12.56
CA GLY A 50 -4.05 0.87 -13.03
C GLY A 50 -3.25 0.24 -11.88
N TRP A 51 -2.61 1.09 -11.11
CA TRP A 51 -1.82 0.64 -9.98
C TRP A 51 -2.13 1.54 -8.78
N LEU A 52 -2.16 0.91 -7.61
CA LEU A 52 -2.44 1.63 -6.38
C LEU A 52 -1.22 1.60 -5.47
N TYR A 53 -0.67 2.78 -5.23
CA TYR A 53 0.51 2.90 -4.38
C TYR A 53 0.11 3.05 -2.91
N GLY A 54 0.90 2.42 -2.05
CA GLY A 54 0.65 2.47 -0.62
C GLY A 54 1.87 2.03 0.17
N GLU A 55 1.68 1.89 1.47
CA GLU A 55 2.76 1.47 2.35
C GLU A 55 2.30 0.32 3.24
N ARG A 56 2.97 -0.82 3.09
CA ARG A 56 2.64 -1.99 3.87
C ARG A 56 2.82 -1.71 5.36
N LEU A 57 1.72 -1.79 6.09
CA LEU A 57 1.75 -1.54 7.53
C LEU A 57 2.58 -2.64 8.20
N ARG A 58 2.76 -3.73 7.49
CA ARG A 58 3.52 -4.85 8.01
C ARG A 58 4.89 -4.38 8.50
N ASP A 59 5.70 -3.91 7.56
CA ASP A 59 7.02 -3.43 7.89
C ASP A 59 7.10 -1.93 7.61
N GLY A 60 6.24 -1.49 6.69
CA GLY A 60 6.21 -0.08 6.32
C GLY A 60 6.74 0.13 4.90
N GLU A 61 6.95 -0.98 4.21
CA GLU A 61 7.45 -0.93 2.84
C GLU A 61 6.47 -0.18 1.95
N THR A 62 6.99 0.79 1.24
CA THR A 62 6.17 1.59 0.33
C THR A 62 6.49 1.24 -1.13
N GLY A 63 5.51 0.65 -1.79
CA GLY A 63 5.68 0.26 -3.18
C GLY A 63 4.35 0.39 -3.95
N TRP A 64 4.38 -0.05 -5.19
CA TRP A 64 3.20 0.01 -6.03
C TRP A 64 2.50 -1.35 -5.96
N PHE A 65 1.20 -1.30 -5.75
CA PHE A 65 0.40 -2.51 -5.66
C PHE A 65 -0.91 -2.37 -6.44
N PRO A 66 -1.18 -3.40 -7.28
CA PRO A 66 -2.39 -3.41 -8.09
C PRO A 66 -3.63 -3.73 -7.24
N GLU A 67 -4.76 -3.24 -7.70
CA GLU A 67 -6.01 -3.47 -6.99
C GLU A 67 -6.48 -4.92 -7.18
N ASP A 68 -6.21 -5.43 -8.38
CA ASP A 68 -6.59 -6.80 -8.69
C ASP A 68 -6.07 -7.75 -7.61
N PHE A 69 -5.04 -7.28 -6.91
CA PHE A 69 -4.43 -8.06 -5.86
C PHE A 69 -4.79 -7.50 -4.48
N ALA A 70 -5.91 -6.79 -4.44
CA ALA A 70 -6.37 -6.18 -3.20
C ALA A 70 -7.87 -5.92 -3.30
N ARG A 71 -8.46 -5.59 -2.16
CA ARG A 71 -9.88 -5.30 -2.10
C ARG A 71 -10.14 -4.06 -1.24
N PHE A 72 -10.57 -2.99 -1.89
CA PHE A 72 -10.86 -1.75 -1.20
C PHE A 72 -11.82 -1.98 -0.04
N ILE A 73 -11.27 -1.93 1.16
CA ILE A 73 -12.07 -2.13 2.35
C ILE A 73 -13.12 -1.02 2.46
N SER A 74 -12.64 0.20 2.54
CA SER A 74 -13.52 1.35 2.65
C SER A 74 -12.82 2.60 2.08
N GLY A 75 -13.48 3.19 1.09
CA GLY A 75 -12.94 4.39 0.46
C GLY A 75 -14.00 5.08 -0.41
N PRO A 76 -14.32 4.43 -1.56
CA PRO A 76 -15.30 4.96 -2.47
C PRO A 76 -16.72 4.76 -1.93
N SER A 77 -16.97 5.37 -0.78
CA SER A 77 -18.27 5.27 -0.15
C SER A 77 -19.38 5.58 -1.17
N SER A 78 -20.61 5.33 -0.75
CA SER A 78 -21.76 5.58 -1.61
C SER A 78 -22.46 6.86 -1.17
N GLY A 79 -22.91 6.86 0.08
CA GLY A 79 -23.59 8.01 0.63
C GLY A 79 -22.83 9.31 0.33
N GLY A 1 24.09 -1.31 1.71
CA GLY A 1 23.99 -0.84 3.08
C GLY A 1 23.26 0.50 3.15
N SER A 2 22.04 0.45 3.64
CA SER A 2 21.23 1.64 3.76
C SER A 2 21.51 2.34 5.09
N SER A 3 21.32 3.65 5.10
CA SER A 3 21.55 4.44 6.30
C SER A 3 20.85 5.79 6.17
N GLY A 4 20.61 6.41 7.32
CA GLY A 4 19.96 7.70 7.37
C GLY A 4 19.35 7.97 8.74
N SER A 5 19.45 9.22 9.17
CA SER A 5 18.92 9.62 10.46
C SER A 5 19.04 11.13 10.63
N SER A 6 18.42 11.63 11.69
CA SER A 6 18.45 13.05 11.97
C SER A 6 17.64 13.81 10.92
N GLY A 7 17.12 14.96 11.33
CA GLY A 7 16.33 15.79 10.44
C GLY A 7 14.84 15.50 10.60
N TRP A 8 14.03 16.50 10.27
CA TRP A 8 12.59 16.37 10.37
C TRP A 8 12.09 15.65 9.11
N GLN A 9 11.61 14.43 9.32
CA GLN A 9 11.10 13.63 8.22
C GLN A 9 9.64 13.23 8.49
N GLY A 10 8.74 13.92 7.83
CA GLY A 10 7.32 13.64 7.98
C GLY A 10 6.76 14.33 9.22
N LEU A 11 5.72 15.12 9.00
CA LEU A 11 5.08 15.84 10.09
C LEU A 11 3.57 15.85 9.88
N SER A 12 2.98 14.66 9.89
CA SER A 12 1.56 14.51 9.70
C SER A 12 1.13 13.08 9.99
N SER A 13 -0.18 12.89 10.11
CA SER A 13 -0.73 11.58 10.38
C SER A 13 -1.33 10.98 9.11
N LYS A 14 -1.22 9.67 9.01
CA LYS A 14 -1.75 8.96 7.85
C LYS A 14 -2.62 7.80 8.31
N GLY A 15 -3.92 7.99 8.17
CA GLY A 15 -4.88 6.96 8.56
C GLY A 15 -6.17 7.07 7.76
N ASP A 16 -6.64 8.29 7.62
CA ASP A 16 -7.87 8.55 6.88
C ASP A 16 -7.71 8.01 5.45
N LEU A 17 -6.46 7.81 5.07
CA LEU A 17 -6.16 7.29 3.74
C LEU A 17 -6.87 5.97 3.53
N PRO A 18 -7.01 5.58 2.24
CA PRO A 18 -7.67 4.33 1.90
C PRO A 18 -6.76 3.13 2.18
N GLN A 19 -7.39 1.98 2.34
CA GLN A 19 -6.66 0.76 2.62
C GLN A 19 -7.27 -0.42 1.86
N VAL A 20 -6.41 -1.32 1.44
CA VAL A 20 -6.85 -2.49 0.70
C VAL A 20 -6.19 -3.74 1.27
N GLU A 21 -6.95 -4.82 1.34
CA GLU A 21 -6.45 -6.06 1.85
C GLU A 21 -6.01 -6.98 0.71
N ILE A 22 -4.72 -7.31 0.72
CA ILE A 22 -4.16 -8.17 -0.32
C ILE A 22 -4.78 -9.57 -0.19
N THR A 23 -5.58 -9.93 -1.18
CA THR A 23 -6.22 -11.23 -1.19
C THR A 23 -5.19 -12.34 -1.41
N LYS A 24 -4.18 -12.02 -2.22
CA LYS A 24 -3.14 -12.97 -2.51
C LYS A 24 -1.79 -12.24 -2.59
N ALA A 25 -0.73 -12.97 -2.26
CA ALA A 25 0.60 -12.41 -2.29
C ALA A 25 0.85 -11.78 -3.66
N PHE A 26 1.65 -10.72 -3.66
CA PHE A 26 1.98 -10.03 -4.88
C PHE A 26 3.50 -9.86 -5.03
N PHE A 27 4.14 -10.93 -5.49
CA PHE A 27 5.57 -10.92 -5.68
C PHE A 27 6.00 -9.78 -6.61
N ALA A 28 6.73 -8.83 -6.04
CA ALA A 28 7.20 -7.69 -6.80
C ALA A 28 8.32 -8.14 -7.74
N LYS A 29 8.26 -7.64 -8.97
CA LYS A 29 9.26 -7.97 -9.96
C LYS A 29 10.15 -6.75 -10.22
N GLN A 30 9.54 -5.59 -10.14
CA GLN A 30 10.26 -4.34 -10.36
C GLN A 30 10.74 -3.76 -9.02
N ALA A 31 11.45 -2.64 -9.12
CA ALA A 31 11.97 -1.98 -7.94
C ALA A 31 10.92 -0.99 -7.42
N ASP A 32 9.87 -0.83 -8.20
CA ASP A 32 8.80 0.09 -7.83
C ASP A 32 7.68 -0.70 -7.14
N GLU A 33 7.68 -2.00 -7.37
CA GLU A 33 6.68 -2.87 -6.78
C GLU A 33 7.11 -3.30 -5.38
N VAL A 34 6.18 -3.95 -4.69
CA VAL A 34 6.45 -4.42 -3.34
C VAL A 34 5.75 -5.76 -3.11
N THR A 35 6.45 -6.66 -2.45
CA THR A 35 5.91 -7.98 -2.16
C THR A 35 4.89 -7.90 -1.03
N LEU A 36 3.79 -8.61 -1.21
CA LEU A 36 2.73 -8.63 -0.21
C LEU A 36 2.34 -10.09 0.07
N GLN A 37 1.59 -10.25 1.15
CA GLN A 37 1.15 -11.58 1.55
C GLN A 37 -0.39 -11.64 1.55
N GLN A 38 -0.90 -12.86 1.62
CA GLN A 38 -2.34 -13.07 1.64
C GLN A 38 -2.95 -12.50 2.91
N ALA A 39 -3.95 -11.65 2.72
CA ALA A 39 -4.63 -11.03 3.85
C ALA A 39 -3.69 -10.00 4.50
N ASP A 40 -3.08 -9.18 3.64
CA ASP A 40 -2.17 -8.16 4.10
C ASP A 40 -2.82 -6.78 3.93
N VAL A 41 -2.46 -5.88 4.83
CA VAL A 41 -3.00 -4.53 4.78
C VAL A 41 -1.94 -3.58 4.23
N VAL A 42 -2.38 -2.65 3.39
CA VAL A 42 -1.49 -1.68 2.80
C VAL A 42 -2.16 -0.31 2.78
N LEU A 43 -1.43 0.68 3.27
CA LEU A 43 -1.94 2.04 3.32
C LEU A 43 -1.65 2.74 1.99
N VAL A 44 -2.71 2.97 1.23
CA VAL A 44 -2.59 3.63 -0.06
C VAL A 44 -1.98 5.02 0.15
N LEU A 45 -1.09 5.38 -0.77
CA LEU A 45 -0.45 6.68 -0.71
C LEU A 45 -0.75 7.47 -1.98
N GLN A 46 -0.74 6.76 -3.10
CA GLN A 46 -1.02 7.37 -4.38
C GLN A 46 -1.83 6.42 -5.26
N GLN A 47 -3.01 6.88 -5.65
CA GLN A 47 -3.88 6.08 -6.49
C GLN A 47 -3.74 6.49 -7.96
N GLU A 48 -3.20 5.58 -8.74
CA GLU A 48 -3.01 5.84 -10.17
C GLU A 48 -3.77 4.82 -11.00
N ASP A 49 -4.75 5.31 -11.74
CA ASP A 49 -5.56 4.45 -12.59
C ASP A 49 -4.67 3.39 -13.23
N GLY A 50 -4.75 2.19 -12.69
CA GLY A 50 -3.96 1.08 -13.19
C GLY A 50 -3.18 0.39 -12.07
N TRP A 51 -2.64 1.22 -11.19
CA TRP A 51 -1.86 0.71 -10.06
C TRP A 51 -2.19 1.59 -8.84
N LEU A 52 -2.16 0.95 -7.68
CA LEU A 52 -2.43 1.66 -6.43
C LEU A 52 -1.19 1.61 -5.54
N TYR A 53 -0.69 2.79 -5.22
CA TYR A 53 0.49 2.89 -4.37
C TYR A 53 0.09 3.03 -2.90
N GLY A 54 0.90 2.41 -2.05
CA GLY A 54 0.64 2.45 -0.62
C GLY A 54 1.86 1.95 0.17
N GLU A 55 1.66 1.82 1.47
CA GLU A 55 2.72 1.34 2.35
C GLU A 55 2.23 0.16 3.19
N ARG A 56 3.03 -0.90 3.18
CA ARG A 56 2.68 -2.09 3.94
C ARG A 56 2.80 -1.81 5.45
N LEU A 57 1.68 -1.92 6.13
CA LEU A 57 1.64 -1.69 7.56
C LEU A 57 2.44 -2.77 8.27
N ARG A 58 2.78 -3.80 7.51
CA ARG A 58 3.55 -4.92 8.05
C ARG A 58 4.92 -4.44 8.53
N ASP A 59 5.72 -3.99 7.57
CA ASP A 59 7.05 -3.49 7.87
C ASP A 59 7.12 -2.00 7.59
N GLY A 60 6.26 -1.56 6.68
CA GLY A 60 6.20 -0.16 6.31
C GLY A 60 6.72 0.05 4.89
N GLU A 61 6.95 -1.07 4.21
CA GLU A 61 7.44 -1.02 2.84
C GLU A 61 6.45 -0.28 1.94
N THR A 62 6.97 0.72 1.24
CA THR A 62 6.15 1.52 0.34
C THR A 62 6.47 1.18 -1.12
N GLY A 63 5.50 0.59 -1.79
CA GLY A 63 5.66 0.21 -3.18
C GLY A 63 4.34 0.34 -3.94
N TRP A 64 4.39 -0.06 -5.21
CA TRP A 64 3.21 0.00 -6.06
C TRP A 64 2.52 -1.36 -6.01
N PHE A 65 1.22 -1.33 -5.74
CA PHE A 65 0.44 -2.55 -5.67
C PHE A 65 -0.86 -2.42 -6.46
N PRO A 66 -1.14 -3.46 -7.30
CA PRO A 66 -2.34 -3.47 -8.11
C PRO A 66 -3.57 -3.78 -7.26
N GLU A 67 -4.71 -3.29 -7.72
CA GLU A 67 -5.96 -3.50 -7.02
C GLU A 67 -6.42 -4.95 -7.18
N ASP A 68 -6.15 -5.49 -8.37
CA ASP A 68 -6.53 -6.86 -8.67
C ASP A 68 -6.03 -7.77 -7.55
N PHE A 69 -5.00 -7.32 -6.87
CA PHE A 69 -4.42 -8.09 -5.78
C PHE A 69 -4.75 -7.45 -4.43
N ALA A 70 -5.93 -6.84 -4.37
CA ALA A 70 -6.38 -6.21 -3.14
C ALA A 70 -7.86 -5.88 -3.27
N ARG A 71 -8.47 -5.60 -2.12
CA ARG A 71 -9.88 -5.26 -2.08
C ARG A 71 -10.12 -4.04 -1.20
N PHE A 72 -10.55 -2.96 -1.84
CA PHE A 72 -10.82 -1.73 -1.13
C PHE A 72 -11.77 -1.96 0.05
N ILE A 73 -11.21 -1.95 1.24
CA ILE A 73 -11.99 -2.15 2.44
C ILE A 73 -13.07 -1.08 2.54
N SER A 74 -12.63 0.15 2.71
CA SER A 74 -13.55 1.28 2.82
C SER A 74 -13.01 2.46 2.01
N GLY A 75 -13.70 2.73 0.91
CA GLY A 75 -13.32 3.83 0.03
C GLY A 75 -14.37 4.94 0.04
N PRO A 76 -14.41 5.71 -1.08
CA PRO A 76 -15.36 6.80 -1.20
C PRO A 76 -16.77 6.26 -1.47
N SER A 77 -17.64 6.45 -0.48
CA SER A 77 -19.01 5.99 -0.60
C SER A 77 -19.86 6.58 0.52
N SER A 78 -20.65 7.60 0.16
CA SER A 78 -21.50 8.25 1.13
C SER A 78 -22.57 7.28 1.64
N GLY A 79 -23.10 7.59 2.81
CA GLY A 79 -24.11 6.75 3.42
C GLY A 79 -23.51 5.48 4.01
N GLY A 1 21.11 2.58 -5.51
CA GLY A 1 20.68 2.90 -4.16
C GLY A 1 19.32 3.59 -4.18
N SER A 2 18.81 3.85 -2.99
CA SER A 2 17.53 4.51 -2.85
C SER A 2 17.36 5.04 -1.43
N SER A 3 17.02 6.32 -1.35
CA SER A 3 16.83 6.97 -0.06
C SER A 3 16.23 8.36 -0.25
N GLY A 4 15.66 8.88 0.83
CA GLY A 4 15.05 10.20 0.79
C GLY A 4 13.97 10.33 1.86
N SER A 5 14.38 10.85 3.01
CA SER A 5 13.46 11.05 4.12
C SER A 5 14.11 11.93 5.19
N SER A 6 13.89 13.23 5.05
CA SER A 6 14.43 14.19 6.00
C SER A 6 13.91 15.59 5.69
N GLY A 7 13.44 16.24 6.73
CA GLY A 7 12.90 17.58 6.59
C GLY A 7 11.41 17.62 6.95
N TRP A 8 10.59 17.75 5.92
CA TRP A 8 9.14 17.81 6.11
C TRP A 8 8.49 17.26 4.85
N GLN A 9 8.28 15.94 4.85
CA GLN A 9 7.66 15.28 3.72
C GLN A 9 6.14 15.32 3.85
N GLY A 10 5.49 15.64 2.74
CA GLY A 10 4.04 15.72 2.71
C GLY A 10 3.54 16.84 3.64
N LEU A 11 2.99 17.86 3.02
CA LEU A 11 2.46 18.99 3.76
C LEU A 11 0.99 19.19 3.42
N SER A 12 0.17 19.30 4.46
CA SER A 12 -1.26 19.49 4.28
C SER A 12 -1.76 18.63 3.11
N SER A 13 -1.95 17.36 3.40
CA SER A 13 -2.42 16.42 2.40
C SER A 13 -2.54 15.02 3.00
N LYS A 14 -1.41 14.51 3.48
CA LYS A 14 -1.37 13.19 4.07
C LYS A 14 -2.44 13.10 5.16
N GLY A 15 -2.84 11.87 5.45
CA GLY A 15 -3.84 11.64 6.48
C GLY A 15 -5.13 11.09 5.86
N ASP A 16 -5.86 10.33 6.67
CA ASP A 16 -7.11 9.75 6.22
C ASP A 16 -6.94 9.23 4.79
N LEU A 17 -6.23 8.13 4.67
CA LEU A 17 -5.98 7.53 3.36
C LEU A 17 -6.73 6.19 3.27
N PRO A 18 -6.93 5.73 2.01
CA PRO A 18 -7.61 4.48 1.77
C PRO A 18 -6.70 3.29 2.10
N GLN A 19 -7.34 2.16 2.36
CA GLN A 19 -6.61 0.95 2.68
C GLN A 19 -7.22 -0.26 1.97
N VAL A 20 -6.35 -1.14 1.49
CA VAL A 20 -6.78 -2.32 0.79
C VAL A 20 -6.07 -3.55 1.37
N GLU A 21 -6.81 -4.64 1.44
CA GLU A 21 -6.26 -5.88 1.97
C GLU A 21 -5.91 -6.83 0.82
N ILE A 22 -4.63 -7.20 0.76
CA ILE A 22 -4.16 -8.10 -0.27
C ILE A 22 -4.83 -9.46 -0.11
N THR A 23 -5.42 -9.92 -1.20
CA THR A 23 -6.12 -11.21 -1.19
C THR A 23 -5.13 -12.34 -1.51
N LYS A 24 -4.04 -11.96 -2.15
CA LYS A 24 -3.02 -12.93 -2.52
C LYS A 24 -1.66 -12.23 -2.57
N ALA A 25 -0.63 -12.98 -2.20
CA ALA A 25 0.73 -12.46 -2.21
C ALA A 25 1.05 -11.91 -3.61
N PHE A 26 1.55 -10.68 -3.63
CA PHE A 26 1.90 -10.04 -4.88
C PHE A 26 3.42 -9.87 -5.00
N PHE A 27 4.05 -10.88 -5.58
CA PHE A 27 5.49 -10.84 -5.76
C PHE A 27 5.91 -9.70 -6.69
N ALA A 28 6.33 -8.61 -6.08
CA ALA A 28 6.75 -7.44 -6.83
C ALA A 28 7.62 -7.89 -8.01
N LYS A 29 7.33 -7.32 -9.18
CA LYS A 29 8.08 -7.65 -10.38
C LYS A 29 8.95 -6.46 -10.78
N GLN A 30 8.42 -5.27 -10.52
CA GLN A 30 9.14 -4.05 -10.86
C GLN A 30 9.93 -3.56 -9.64
N ALA A 31 10.53 -2.39 -9.81
CA ALA A 31 11.33 -1.80 -8.74
C ALA A 31 10.44 -0.85 -7.93
N ASP A 32 9.25 -0.62 -8.45
CA ASP A 32 8.31 0.27 -7.78
C ASP A 32 7.29 -0.56 -6.99
N GLU A 33 7.16 -1.81 -7.40
CA GLU A 33 6.24 -2.73 -6.74
C GLU A 33 6.80 -3.17 -5.39
N VAL A 34 5.99 -3.92 -4.66
CA VAL A 34 6.39 -4.40 -3.35
C VAL A 34 5.74 -5.76 -3.09
N THR A 35 6.52 -6.66 -2.52
CA THR A 35 6.03 -8.00 -2.22
C THR A 35 4.98 -7.94 -1.11
N LEU A 36 3.88 -8.64 -1.33
CA LEU A 36 2.80 -8.67 -0.36
C LEU A 36 2.39 -10.13 -0.12
N GLN A 37 1.60 -10.31 0.93
CA GLN A 37 1.13 -11.65 1.28
C GLN A 37 -0.40 -11.69 1.30
N GLN A 38 -0.93 -12.87 1.54
CA GLN A 38 -2.37 -13.05 1.59
C GLN A 38 -2.93 -12.45 2.89
N ALA A 39 -3.90 -11.56 2.71
CA ALA A 39 -4.54 -10.91 3.85
C ALA A 39 -3.56 -9.89 4.45
N ASP A 40 -2.97 -9.10 3.57
CA ASP A 40 -2.01 -8.09 3.99
C ASP A 40 -2.62 -6.70 3.78
N VAL A 41 -2.56 -5.89 4.83
CA VAL A 41 -3.11 -4.54 4.76
C VAL A 41 -2.02 -3.59 4.25
N VAL A 42 -2.44 -2.66 3.39
CA VAL A 42 -1.53 -1.69 2.82
C VAL A 42 -2.20 -0.32 2.80
N LEU A 43 -1.46 0.67 3.29
CA LEU A 43 -1.97 2.03 3.33
C LEU A 43 -1.68 2.72 2.00
N VAL A 44 -2.74 2.95 1.23
CA VAL A 44 -2.61 3.60 -0.05
C VAL A 44 -2.01 5.00 0.14
N LEU A 45 -1.09 5.35 -0.76
CA LEU A 45 -0.44 6.64 -0.69
C LEU A 45 -0.75 7.43 -1.97
N GLN A 46 -0.72 6.71 -3.09
CA GLN A 46 -1.00 7.32 -4.38
C GLN A 46 -1.82 6.37 -5.26
N GLN A 47 -2.97 6.86 -5.68
CA GLN A 47 -3.86 6.07 -6.53
C GLN A 47 -3.70 6.49 -7.99
N GLU A 48 -3.17 5.56 -8.78
CA GLU A 48 -2.97 5.81 -10.20
C GLU A 48 -3.75 4.80 -11.04
N ASP A 49 -4.73 5.31 -11.78
CA ASP A 49 -5.55 4.46 -12.62
C ASP A 49 -4.67 3.39 -13.27
N GLY A 50 -4.77 2.18 -12.72
CA GLY A 50 -3.98 1.07 -13.24
C GLY A 50 -3.21 0.39 -12.11
N TRP A 51 -2.66 1.21 -11.23
CA TRP A 51 -1.89 0.69 -10.10
C TRP A 51 -2.20 1.56 -8.88
N LEU A 52 -2.17 0.93 -7.71
CA LEU A 52 -2.44 1.63 -6.48
C LEU A 52 -1.20 1.57 -5.58
N TYR A 53 -0.72 2.76 -5.22
CA TYR A 53 0.45 2.85 -4.37
C TYR A 53 0.06 2.99 -2.89
N GLY A 54 0.86 2.37 -2.04
CA GLY A 54 0.61 2.43 -0.61
C GLY A 54 1.82 1.93 0.18
N GLU A 55 1.62 1.78 1.48
CA GLU A 55 2.68 1.32 2.35
C GLU A 55 2.21 0.12 3.18
N ARG A 56 3.02 -0.93 3.17
CA ARG A 56 2.70 -2.14 3.90
C ARG A 56 2.83 -1.90 5.40
N LEU A 57 1.70 -1.97 6.09
CA LEU A 57 1.67 -1.76 7.53
C LEU A 57 2.46 -2.88 8.21
N ARG A 58 2.77 -3.90 7.43
CA ARG A 58 3.51 -5.03 7.95
C ARG A 58 4.89 -4.59 8.45
N ASP A 59 5.71 -4.12 7.51
CA ASP A 59 7.04 -3.66 7.84
C ASP A 59 7.12 -2.15 7.61
N GLY A 60 6.27 -1.67 6.72
CA GLY A 60 6.23 -0.25 6.41
C GLY A 60 6.75 0.01 4.99
N GLU A 61 7.03 -1.08 4.29
CA GLU A 61 7.53 -0.98 2.93
C GLU A 61 6.53 -0.26 2.04
N THR A 62 7.02 0.74 1.32
CA THR A 62 6.18 1.51 0.43
C THR A 62 6.49 1.17 -1.02
N GLY A 63 5.51 0.58 -1.69
CA GLY A 63 5.67 0.21 -3.08
C GLY A 63 4.34 0.34 -3.84
N TRP A 64 4.36 -0.09 -5.09
CA TRP A 64 3.18 -0.02 -5.93
C TRP A 64 2.50 -1.40 -5.87
N PHE A 65 1.18 -1.34 -5.78
CA PHE A 65 0.39 -2.57 -5.71
C PHE A 65 -0.92 -2.42 -6.50
N PRO A 66 -1.20 -3.45 -7.35
CA PRO A 66 -2.41 -3.44 -8.16
C PRO A 66 -3.63 -3.75 -7.31
N GLU A 67 -4.78 -3.28 -7.78
CA GLU A 67 -6.03 -3.49 -7.09
C GLU A 67 -6.51 -4.94 -7.28
N ASP A 68 -6.23 -5.46 -8.47
CA ASP A 68 -6.62 -6.82 -8.79
C ASP A 68 -6.11 -7.77 -7.70
N PHE A 69 -5.07 -7.31 -7.00
CA PHE A 69 -4.48 -8.11 -5.94
C PHE A 69 -4.80 -7.51 -4.57
N ALA A 70 -5.83 -6.67 -4.55
CA ALA A 70 -6.26 -6.04 -3.32
C ALA A 70 -7.78 -5.83 -3.35
N ARG A 71 -8.32 -5.54 -2.17
CA ARG A 71 -9.75 -5.31 -2.06
C ARG A 71 -10.03 -4.09 -1.18
N PHE A 72 -10.52 -3.04 -1.81
CA PHE A 72 -10.83 -1.81 -1.09
C PHE A 72 -11.80 -2.08 0.05
N ILE A 73 -11.26 -2.09 1.26
CA ILE A 73 -12.06 -2.34 2.44
C ILE A 73 -13.19 -1.31 2.50
N SER A 74 -12.79 -0.04 2.48
CA SER A 74 -13.75 1.05 2.53
C SER A 74 -13.16 2.30 1.90
N GLY A 75 -13.81 2.76 0.84
CA GLY A 75 -13.36 3.96 0.14
C GLY A 75 -14.41 4.43 -0.87
N PRO A 76 -14.33 3.83 -2.10
CA PRO A 76 -15.26 4.18 -3.15
C PRO A 76 -16.63 3.57 -2.91
N SER A 77 -17.49 4.35 -2.26
CA SER A 77 -18.84 3.89 -1.95
C SER A 77 -19.86 4.87 -2.53
N SER A 78 -20.68 4.35 -3.43
CA SER A 78 -21.71 5.16 -4.06
C SER A 78 -23.10 4.67 -3.63
N GLY A 79 -23.18 3.37 -3.40
CA GLY A 79 -24.44 2.77 -2.99
C GLY A 79 -25.04 1.91 -4.10
N GLY A 1 26.92 -1.25 13.15
CA GLY A 1 25.74 -1.19 12.30
C GLY A 1 24.46 -1.06 13.15
N SER A 2 23.33 -1.28 12.49
CA SER A 2 22.05 -1.19 13.17
C SER A 2 21.78 0.26 13.58
N SER A 3 20.70 0.81 13.06
CA SER A 3 20.33 2.17 13.38
C SER A 3 18.89 2.45 12.88
N GLY A 4 18.33 3.53 13.38
CA GLY A 4 16.99 3.93 13.00
C GLY A 4 16.96 4.50 11.58
N SER A 5 16.00 5.39 11.36
CA SER A 5 15.86 6.02 10.06
C SER A 5 14.73 7.04 10.10
N SER A 6 15.11 8.30 9.92
CA SER A 6 14.15 9.39 9.93
C SER A 6 13.69 9.66 11.37
N GLY A 7 13.13 8.63 11.98
CA GLY A 7 12.64 8.74 13.35
C GLY A 7 11.11 8.77 13.38
N TRP A 8 10.54 7.59 13.44
CA TRP A 8 9.09 7.46 13.48
C TRP A 8 8.53 7.99 12.15
N GLN A 9 7.92 7.09 11.40
CA GLN A 9 7.34 7.45 10.12
C GLN A 9 5.82 7.55 10.23
N GLY A 10 5.24 8.33 9.34
CA GLY A 10 3.81 8.52 9.32
C GLY A 10 3.30 9.04 10.68
N LEU A 11 3.34 10.34 10.83
CA LEU A 11 2.90 10.96 12.06
C LEU A 11 1.99 12.16 11.74
N SER A 12 2.55 13.10 10.99
CA SER A 12 1.81 14.29 10.60
C SER A 12 1.31 14.14 9.16
N SER A 13 0.49 15.09 8.75
CA SER A 13 -0.05 15.10 7.40
C SER A 13 -1.05 13.94 7.25
N LYS A 14 -0.52 12.73 7.33
CA LYS A 14 -1.35 11.54 7.19
C LYS A 14 -2.65 11.75 7.97
N GLY A 15 -3.72 11.17 7.45
CA GLY A 15 -5.02 11.28 8.08
C GLY A 15 -5.79 9.95 8.00
N ASP A 16 -6.73 9.91 7.08
CA ASP A 16 -7.54 8.72 6.88
C ASP A 16 -7.44 8.26 5.42
N LEU A 17 -6.25 7.80 5.07
CA LEU A 17 -6.00 7.34 3.71
C LEU A 17 -6.72 6.00 3.50
N PRO A 18 -6.92 5.66 2.20
CA PRO A 18 -7.59 4.42 1.85
C PRO A 18 -6.65 3.21 2.06
N GLN A 19 -7.25 2.13 2.51
CA GLN A 19 -6.49 0.91 2.76
C GLN A 19 -7.10 -0.26 2.00
N VAL A 20 -6.25 -1.21 1.62
CA VAL A 20 -6.70 -2.39 0.89
C VAL A 20 -6.00 -3.63 1.46
N GLU A 21 -6.75 -4.72 1.49
CA GLU A 21 -6.23 -5.97 2.01
C GLU A 21 -5.86 -6.91 0.86
N ILE A 22 -4.60 -7.26 0.80
CA ILE A 22 -4.11 -8.16 -0.24
C ILE A 22 -4.77 -9.52 -0.08
N THR A 23 -5.42 -9.96 -1.16
CA THR A 23 -6.10 -11.23 -1.16
C THR A 23 -5.10 -12.37 -1.40
N LYS A 24 -4.02 -12.02 -2.08
CA LYS A 24 -2.98 -13.00 -2.39
C LYS A 24 -1.63 -12.28 -2.49
N ALA A 25 -0.58 -13.00 -2.11
CA ALA A 25 0.77 -12.45 -2.14
C ALA A 25 1.02 -11.85 -3.53
N PHE A 26 1.66 -10.69 -3.53
CA PHE A 26 1.97 -10.00 -4.76
C PHE A 26 3.48 -9.76 -4.89
N PHE A 27 4.16 -10.76 -5.44
CA PHE A 27 5.60 -10.67 -5.63
C PHE A 27 5.96 -9.48 -6.51
N ALA A 28 6.65 -8.52 -5.92
CA ALA A 28 7.06 -7.33 -6.65
C ALA A 28 7.96 -7.73 -7.81
N LYS A 29 7.65 -7.19 -8.98
CA LYS A 29 8.41 -7.49 -10.18
C LYS A 29 9.27 -6.28 -10.54
N GLN A 30 8.72 -5.10 -10.29
CA GLN A 30 9.42 -3.87 -10.59
C GLN A 30 10.19 -3.38 -9.36
N ALA A 31 10.82 -2.22 -9.51
CA ALA A 31 11.58 -1.64 -8.42
C ALA A 31 10.68 -0.69 -7.63
N ASP A 32 9.50 -0.48 -8.15
CA ASP A 32 8.54 0.39 -7.49
C ASP A 32 7.49 -0.45 -6.75
N GLU A 33 7.37 -1.70 -7.20
CA GLU A 33 6.43 -2.61 -6.58
C GLU A 33 6.87 -2.99 -5.17
N VAL A 34 6.12 -3.88 -4.55
CA VAL A 34 6.43 -4.33 -3.21
C VAL A 34 5.77 -5.68 -2.96
N THR A 35 6.57 -6.61 -2.44
CA THR A 35 6.07 -7.94 -2.15
C THR A 35 5.04 -7.90 -1.01
N LEU A 36 3.94 -8.60 -1.24
CA LEU A 36 2.88 -8.65 -0.25
C LEU A 36 2.49 -10.11 0.02
N GLN A 37 1.66 -10.30 1.02
CA GLN A 37 1.21 -11.63 1.39
C GLN A 37 -0.31 -11.69 1.40
N GLN A 38 -0.82 -12.89 1.66
CA GLN A 38 -2.26 -13.09 1.70
C GLN A 38 -2.84 -12.47 2.97
N ALA A 39 -3.83 -11.62 2.77
CA ALA A 39 -4.49 -10.94 3.87
C ALA A 39 -3.53 -9.91 4.48
N ASP A 40 -2.94 -9.12 3.60
CA ASP A 40 -2.00 -8.09 4.04
C ASP A 40 -2.62 -6.71 3.81
N VAL A 41 -2.55 -5.89 4.85
CA VAL A 41 -3.10 -4.55 4.78
C VAL A 41 -2.03 -3.60 4.20
N VAL A 42 -2.49 -2.68 3.37
CA VAL A 42 -1.60 -1.72 2.75
C VAL A 42 -2.27 -0.33 2.75
N LEU A 43 -1.53 0.65 3.23
CA LEU A 43 -2.03 2.01 3.29
C LEU A 43 -1.73 2.71 1.96
N VAL A 44 -2.81 2.96 1.21
CA VAL A 44 -2.69 3.62 -0.08
C VAL A 44 -2.08 5.02 0.13
N LEU A 45 -1.16 5.36 -0.76
CA LEU A 45 -0.52 6.65 -0.69
C LEU A 45 -0.80 7.44 -1.97
N GLN A 46 -0.73 6.72 -3.08
CA GLN A 46 -0.98 7.33 -4.38
C GLN A 46 -1.79 6.38 -5.27
N GLN A 47 -2.97 6.85 -5.66
CA GLN A 47 -3.85 6.06 -6.49
C GLN A 47 -3.66 6.44 -7.97
N GLU A 48 -3.14 5.49 -8.73
CA GLU A 48 -2.90 5.72 -10.15
C GLU A 48 -3.69 4.71 -10.98
N ASP A 49 -4.65 5.23 -11.72
CA ASP A 49 -5.48 4.39 -12.58
C ASP A 49 -4.62 3.28 -13.20
N GLY A 50 -4.74 2.10 -12.63
CA GLY A 50 -3.98 0.96 -13.11
C GLY A 50 -3.19 0.30 -11.98
N TRP A 51 -2.64 1.15 -11.12
CA TRP A 51 -1.87 0.67 -9.99
C TRP A 51 -2.19 1.55 -8.78
N LEU A 52 -2.19 0.91 -7.61
CA LEU A 52 -2.49 1.61 -6.38
C LEU A 52 -1.27 1.57 -5.46
N TYR A 53 -0.72 2.75 -5.21
CA TYR A 53 0.45 2.86 -4.35
C TYR A 53 0.05 3.00 -2.88
N GLY A 54 0.84 2.39 -2.01
CA GLY A 54 0.58 2.44 -0.58
C GLY A 54 1.79 1.94 0.21
N GLU A 55 1.56 1.78 1.51
CA GLU A 55 2.62 1.32 2.40
C GLU A 55 2.14 0.12 3.21
N ARG A 56 2.83 -1.00 3.02
CA ARG A 56 2.49 -2.22 3.73
C ARG A 56 2.74 -2.06 5.23
N LEU A 57 1.66 -1.84 5.95
CA LEU A 57 1.74 -1.66 7.39
C LEU A 57 2.51 -2.83 8.00
N ARG A 58 2.54 -3.93 7.26
CA ARG A 58 3.24 -5.12 7.71
C ARG A 58 4.63 -4.75 8.23
N ASP A 59 5.46 -4.28 7.31
CA ASP A 59 6.82 -3.89 7.67
C ASP A 59 6.98 -2.37 7.49
N GLY A 60 6.15 -1.83 6.61
CA GLY A 60 6.18 -0.41 6.33
C GLY A 60 6.74 -0.13 4.94
N GLU A 61 6.88 -1.20 4.17
CA GLU A 61 7.40 -1.08 2.81
C GLU A 61 6.40 -0.34 1.92
N THR A 62 6.90 0.71 1.28
CA THR A 62 6.07 1.51 0.40
C THR A 62 6.39 1.20 -1.06
N GLY A 63 5.42 0.61 -1.74
CA GLY A 63 5.59 0.25 -3.14
C GLY A 63 4.27 0.38 -3.90
N TRP A 64 4.31 -0.02 -5.17
CA TRP A 64 3.13 0.03 -6.01
C TRP A 64 2.45 -1.33 -5.98
N PHE A 65 1.14 -1.31 -5.76
CA PHE A 65 0.37 -2.54 -5.69
C PHE A 65 -0.93 -2.40 -6.49
N PRO A 66 -1.20 -3.43 -7.34
CA PRO A 66 -2.40 -3.43 -8.15
C PRO A 66 -3.63 -3.76 -7.31
N GLU A 67 -4.78 -3.27 -7.77
CA GLU A 67 -6.03 -3.51 -7.06
C GLU A 67 -6.48 -4.96 -7.27
N ASP A 68 -6.21 -5.48 -8.45
CA ASP A 68 -6.58 -6.84 -8.79
C ASP A 68 -6.06 -7.78 -7.70
N PHE A 69 -5.03 -7.31 -7.00
CA PHE A 69 -4.43 -8.11 -5.94
C PHE A 69 -4.76 -7.52 -4.56
N ALA A 70 -5.83 -6.72 -4.53
CA ALA A 70 -6.25 -6.10 -3.29
C ALA A 70 -7.76 -5.86 -3.34
N ARG A 71 -8.32 -5.52 -2.19
CA ARG A 71 -9.74 -5.26 -2.08
C ARG A 71 -10.00 -4.01 -1.24
N PHE A 72 -10.45 -2.97 -1.92
CA PHE A 72 -10.74 -1.72 -1.24
C PHE A 72 -11.68 -1.93 -0.07
N ILE A 73 -11.09 -1.91 1.13
CA ILE A 73 -11.87 -2.09 2.35
C ILE A 73 -12.91 -0.98 2.47
N SER A 74 -12.41 0.25 2.42
CA SER A 74 -13.28 1.41 2.52
C SER A 74 -12.75 2.54 1.64
N GLY A 75 -13.66 3.12 0.87
CA GLY A 75 -13.30 4.21 -0.02
C GLY A 75 -14.41 4.45 -1.06
N PRO A 76 -14.56 3.47 -1.98
CA PRO A 76 -15.57 3.56 -3.03
C PRO A 76 -16.96 3.31 -2.46
N SER A 77 -17.96 3.58 -3.30
CA SER A 77 -19.35 3.38 -2.89
C SER A 77 -20.19 2.97 -4.10
N SER A 78 -20.21 3.86 -5.09
CA SER A 78 -20.98 3.60 -6.31
C SER A 78 -20.12 2.82 -7.30
N GLY A 79 -20.71 1.76 -7.84
CA GLY A 79 -20.02 0.93 -8.81
C GLY A 79 -18.78 0.28 -8.18
N GLY A 1 23.11 -4.60 1.74
CA GLY A 1 22.98 -3.51 0.79
C GLY A 1 22.56 -2.22 1.49
N SER A 2 23.01 -1.11 0.93
CA SER A 2 22.68 0.19 1.49
C SER A 2 23.11 1.30 0.52
N SER A 3 22.36 2.39 0.56
CA SER A 3 22.64 3.53 -0.32
C SER A 3 22.14 4.82 0.33
N GLY A 4 20.83 4.86 0.56
CA GLY A 4 20.22 6.03 1.17
C GLY A 4 18.69 5.91 1.16
N SER A 5 18.04 7.01 0.84
CA SER A 5 16.59 7.04 0.79
C SER A 5 16.12 8.22 -0.06
N SER A 6 14.96 8.04 -0.67
CA SER A 6 14.39 9.08 -1.51
C SER A 6 13.22 9.75 -0.79
N GLY A 7 12.82 10.90 -1.32
CA GLY A 7 11.71 11.64 -0.75
C GLY A 7 12.14 12.34 0.55
N TRP A 8 11.43 13.40 0.88
CA TRP A 8 11.72 14.17 2.08
C TRP A 8 10.67 13.80 3.13
N GLN A 9 11.03 12.82 3.96
CA GLN A 9 10.13 12.37 5.01
C GLN A 9 10.01 13.44 6.10
N GLY A 10 8.90 14.15 6.08
CA GLY A 10 8.64 15.19 7.06
C GLY A 10 7.49 16.08 6.61
N LEU A 11 7.69 16.73 5.47
CA LEU A 11 6.68 17.62 4.94
C LEU A 11 5.54 16.80 4.34
N SER A 12 4.63 16.39 5.22
CA SER A 12 3.49 15.58 4.81
C SER A 12 2.60 15.25 6.01
N SER A 13 1.37 15.70 5.94
CA SER A 13 0.41 15.46 7.01
C SER A 13 -0.13 14.03 6.92
N LYS A 14 -0.85 13.78 5.83
CA LYS A 14 -1.43 12.47 5.61
C LYS A 14 -2.50 12.21 6.67
N GLY A 15 -3.15 11.05 6.53
CA GLY A 15 -4.19 10.68 7.46
C GLY A 15 -5.44 10.20 6.72
N ASP A 16 -6.20 9.34 7.39
CA ASP A 16 -7.41 8.81 6.81
C ASP A 16 -7.18 8.49 5.33
N LEU A 17 -6.42 7.43 5.10
CA LEU A 17 -6.10 7.01 3.74
C LEU A 17 -6.82 5.70 3.44
N PRO A 18 -6.95 5.40 2.12
CA PRO A 18 -7.60 4.18 1.68
C PRO A 18 -6.70 2.96 1.91
N GLN A 19 -7.29 1.93 2.47
CA GLN A 19 -6.56 0.70 2.73
C GLN A 19 -7.18 -0.47 1.97
N VAL A 20 -6.31 -1.35 1.50
CA VAL A 20 -6.76 -2.52 0.75
C VAL A 20 -6.07 -3.77 1.30
N GLU A 21 -6.84 -4.85 1.39
CA GLU A 21 -6.32 -6.10 1.90
C GLU A 21 -5.91 -7.01 0.74
N ILE A 22 -4.63 -7.33 0.71
CA ILE A 22 -4.09 -8.19 -0.33
C ILE A 22 -4.73 -9.58 -0.21
N THR A 23 -5.60 -9.87 -1.17
CA THR A 23 -6.28 -11.16 -1.19
C THR A 23 -5.28 -12.30 -1.41
N LYS A 24 -4.29 -12.01 -2.25
CA LYS A 24 -3.26 -13.00 -2.55
C LYS A 24 -1.91 -12.30 -2.64
N ALA A 25 -0.87 -13.06 -2.31
CA ALA A 25 0.48 -12.52 -2.34
C ALA A 25 0.71 -11.80 -3.66
N PHE A 26 1.69 -10.91 -3.66
CA PHE A 26 2.02 -10.15 -4.86
C PHE A 26 3.53 -9.93 -4.97
N PHE A 27 4.21 -10.97 -5.46
CA PHE A 27 5.65 -10.91 -5.62
C PHE A 27 6.04 -9.83 -6.64
N ALA A 28 6.49 -8.70 -6.12
CA ALA A 28 6.90 -7.60 -6.96
C ALA A 28 7.99 -8.07 -7.92
N LYS A 29 7.91 -7.57 -9.15
CA LYS A 29 8.88 -7.93 -10.17
C LYS A 29 9.78 -6.73 -10.45
N GLN A 30 9.21 -5.55 -10.34
CA GLN A 30 9.95 -4.33 -10.58
C GLN A 30 10.51 -3.78 -9.26
N ALA A 31 11.10 -2.60 -9.35
CA ALA A 31 11.67 -1.96 -8.18
C ALA A 31 10.68 -0.95 -7.61
N ASP A 32 9.59 -0.76 -8.35
CA ASP A 32 8.56 0.17 -7.93
C ASP A 32 7.46 -0.59 -7.18
N GLU A 33 7.42 -1.89 -7.41
CA GLU A 33 6.43 -2.73 -6.76
C GLU A 33 6.95 -3.19 -5.40
N VAL A 34 6.08 -3.89 -4.67
CA VAL A 34 6.43 -4.38 -3.36
C VAL A 34 5.75 -5.74 -3.13
N THR A 35 6.47 -6.61 -2.43
CA THR A 35 5.95 -7.94 -2.14
C THR A 35 4.89 -7.87 -1.04
N LEU A 36 3.82 -8.62 -1.24
CA LEU A 36 2.74 -8.65 -0.27
C LEU A 36 2.33 -10.10 -0.03
N GLN A 37 1.68 -10.32 1.10
CA GLN A 37 1.22 -11.65 1.47
C GLN A 37 -0.30 -11.70 1.49
N GLN A 38 -0.82 -12.93 1.52
CA GLN A 38 -2.26 -13.12 1.54
C GLN A 38 -2.85 -12.54 2.83
N ALA A 39 -3.86 -11.71 2.66
CA ALA A 39 -4.52 -11.08 3.79
C ALA A 39 -3.57 -10.06 4.43
N ASP A 40 -3.02 -9.22 3.57
CA ASP A 40 -2.10 -8.19 4.04
C ASP A 40 -2.73 -6.81 3.81
N VAL A 41 -2.53 -5.94 4.79
CA VAL A 41 -3.07 -4.59 4.72
C VAL A 41 -2.01 -3.66 4.14
N VAL A 42 -2.48 -2.69 3.36
CA VAL A 42 -1.58 -1.73 2.74
C VAL A 42 -2.26 -0.35 2.71
N LEU A 43 -1.54 0.64 3.21
CA LEU A 43 -2.06 1.99 3.25
C LEU A 43 -1.74 2.69 1.93
N VAL A 44 -2.80 2.93 1.15
CA VAL A 44 -2.64 3.58 -0.13
C VAL A 44 -2.07 4.97 0.07
N LEU A 45 -1.15 5.35 -0.81
CA LEU A 45 -0.52 6.65 -0.74
C LEU A 45 -0.82 7.44 -2.02
N GLN A 46 -0.78 6.72 -3.13
CA GLN A 46 -1.05 7.33 -4.43
C GLN A 46 -1.84 6.37 -5.31
N GLN A 47 -3.03 6.80 -5.68
CA GLN A 47 -3.90 5.99 -6.52
C GLN A 47 -3.70 6.37 -7.99
N GLU A 48 -3.23 5.39 -8.76
CA GLU A 48 -3.00 5.60 -10.18
C GLU A 48 -3.76 4.57 -11.00
N ASP A 49 -4.72 5.06 -11.77
CA ASP A 49 -5.53 4.20 -12.61
C ASP A 49 -4.64 3.10 -13.21
N GLY A 50 -4.76 1.91 -12.62
CA GLY A 50 -3.97 0.78 -13.08
C GLY A 50 -3.14 0.19 -11.94
N TRP A 51 -2.51 1.08 -11.19
CA TRP A 51 -1.67 0.67 -10.08
C TRP A 51 -2.00 1.57 -8.89
N LEU A 52 -2.07 0.95 -7.71
CA LEU A 52 -2.38 1.67 -6.50
C LEU A 52 -1.16 1.63 -5.57
N TYR A 53 -0.63 2.81 -5.27
CA TYR A 53 0.52 2.91 -4.40
C TYR A 53 0.09 3.02 -2.93
N GLY A 54 0.89 2.42 -2.07
CA GLY A 54 0.60 2.43 -0.64
C GLY A 54 1.81 1.96 0.17
N GLU A 55 1.59 1.81 1.47
CA GLU A 55 2.65 1.36 2.36
C GLU A 55 2.17 0.17 3.19
N ARG A 56 2.99 -0.86 3.22
CA ARG A 56 2.66 -2.05 3.98
C ARG A 56 2.77 -1.78 5.49
N LEU A 57 1.64 -1.88 6.16
CA LEU A 57 1.59 -1.65 7.58
C LEU A 57 2.38 -2.74 8.30
N ARG A 58 2.73 -3.78 7.54
CA ARG A 58 3.49 -4.89 8.08
C ARG A 58 4.86 -4.42 8.56
N ASP A 59 5.66 -3.98 7.60
CA ASP A 59 7.00 -3.50 7.91
C ASP A 59 7.07 -1.99 7.62
N GLY A 60 6.21 -1.55 6.72
CA GLY A 60 6.17 -0.15 6.35
C GLY A 60 6.68 0.06 4.91
N GLU A 61 6.97 -1.06 4.26
CA GLU A 61 7.45 -1.02 2.89
C GLU A 61 6.45 -0.30 2.00
N THR A 62 6.95 0.71 1.30
CA THR A 62 6.11 1.49 0.40
C THR A 62 6.45 1.17 -1.06
N GLY A 63 5.48 0.58 -1.74
CA GLY A 63 5.65 0.22 -3.14
C GLY A 63 4.34 0.37 -3.91
N TRP A 64 4.38 -0.05 -5.17
CA TRP A 64 3.21 0.02 -6.03
C TRP A 64 2.53 -1.35 -6.01
N PHE A 65 1.22 -1.31 -5.78
CA PHE A 65 0.45 -2.54 -5.74
C PHE A 65 -0.86 -2.40 -6.54
N PRO A 66 -1.12 -3.43 -7.38
CA PRO A 66 -2.32 -3.42 -8.21
C PRO A 66 -3.56 -3.74 -7.37
N GLU A 67 -4.68 -3.17 -7.79
CA GLU A 67 -5.94 -3.38 -7.09
C GLU A 67 -6.40 -4.83 -7.24
N ASP A 68 -6.13 -5.38 -8.42
CA ASP A 68 -6.50 -6.76 -8.70
C ASP A 68 -6.03 -7.66 -7.56
N PHE A 69 -4.96 -7.21 -6.89
CA PHE A 69 -4.40 -7.96 -5.79
C PHE A 69 -4.70 -7.27 -4.45
N ALA A 70 -5.92 -6.79 -4.33
CA ALA A 70 -6.34 -6.11 -3.11
C ALA A 70 -7.80 -5.67 -3.25
N ARG A 71 -8.41 -5.39 -2.10
CA ARG A 71 -9.80 -4.96 -2.09
C ARG A 71 -9.96 -3.76 -1.16
N PHE A 72 -10.69 -2.77 -1.67
CA PHE A 72 -10.93 -1.55 -0.91
C PHE A 72 -11.92 -1.81 0.23
N ILE A 73 -11.37 -1.99 1.43
CA ILE A 73 -12.19 -2.25 2.60
C ILE A 73 -13.22 -1.13 2.75
N SER A 74 -12.72 0.05 3.06
CA SER A 74 -13.58 1.21 3.24
C SER A 74 -12.82 2.50 2.91
N GLY A 75 -13.15 3.06 1.76
CA GLY A 75 -12.50 4.29 1.32
C GLY A 75 -13.53 5.33 0.90
N PRO A 76 -13.08 6.28 0.04
CA PRO A 76 -13.94 7.34 -0.45
C PRO A 76 -14.92 6.80 -1.51
N SER A 77 -15.82 7.67 -1.93
CA SER A 77 -16.82 7.30 -2.92
C SER A 77 -16.88 8.37 -4.01
N SER A 78 -17.31 7.94 -5.19
CA SER A 78 -17.43 8.85 -6.32
C SER A 78 -18.80 8.71 -6.97
N GLY A 79 -19.42 9.85 -7.23
CA GLY A 79 -20.74 9.87 -7.84
C GLY A 79 -20.87 11.05 -8.80
N GLY A 1 24.10 -7.20 8.44
CA GLY A 1 23.43 -6.11 9.12
C GLY A 1 23.46 -4.83 8.28
N SER A 2 22.28 -4.39 7.87
CA SER A 2 22.16 -3.20 7.06
C SER A 2 20.72 -2.68 7.12
N SER A 3 20.59 -1.39 6.82
CA SER A 3 19.28 -0.75 6.83
C SER A 3 19.33 0.56 6.05
N GLY A 4 18.22 0.87 5.41
CA GLY A 4 18.12 2.10 4.63
C GLY A 4 16.68 2.34 4.16
N SER A 5 16.20 3.54 4.43
CA SER A 5 14.84 3.90 4.03
C SER A 5 14.67 5.42 4.07
N SER A 6 13.96 5.93 3.08
CA SER A 6 13.73 7.35 2.98
C SER A 6 12.54 7.64 2.05
N GLY A 7 11.82 8.70 2.36
CA GLY A 7 10.67 9.07 1.55
C GLY A 7 10.40 10.58 1.66
N TRP A 8 9.12 10.91 1.74
CA TRP A 8 8.71 12.30 1.84
C TRP A 8 8.71 12.68 3.33
N GLN A 9 9.83 13.25 3.77
CA GLN A 9 9.97 13.66 5.15
C GLN A 9 8.97 14.77 5.47
N GLY A 10 9.06 15.85 4.71
CA GLY A 10 8.18 16.98 4.91
C GLY A 10 6.72 16.60 4.63
N LEU A 11 6.46 16.33 3.36
CA LEU A 11 5.11 15.96 2.95
C LEU A 11 4.73 14.64 3.62
N SER A 12 3.91 14.76 4.66
CA SER A 12 3.47 13.60 5.41
C SER A 12 2.35 13.99 6.38
N SER A 13 1.14 14.10 5.83
CA SER A 13 -0.01 14.46 6.64
C SER A 13 -0.58 13.23 7.33
N LYS A 14 -1.02 12.28 6.52
CA LYS A 14 -1.59 11.04 7.04
C LYS A 14 -2.95 11.34 7.69
N GLY A 15 -3.84 10.38 7.57
CA GLY A 15 -5.17 10.53 8.14
C GLY A 15 -5.99 9.25 7.96
N ASP A 16 -7.06 9.37 7.21
CA ASP A 16 -7.93 8.24 6.95
C ASP A 16 -7.70 7.72 5.53
N LEU A 17 -6.42 7.60 5.18
CA LEU A 17 -6.06 7.12 3.86
C LEU A 17 -6.78 5.81 3.57
N PRO A 18 -6.92 5.50 2.25
CA PRO A 18 -7.59 4.29 1.83
C PRO A 18 -6.70 3.07 2.05
N GLN A 19 -7.33 1.97 2.46
CA GLN A 19 -6.61 0.74 2.71
C GLN A 19 -7.26 -0.42 1.95
N VAL A 20 -6.42 -1.36 1.53
CA VAL A 20 -6.90 -2.51 0.80
C VAL A 20 -6.21 -3.77 1.33
N GLU A 21 -6.98 -4.84 1.41
CA GLU A 21 -6.46 -6.11 1.90
C GLU A 21 -6.01 -6.99 0.74
N ILE A 22 -4.73 -7.32 0.74
CA ILE A 22 -4.17 -8.15 -0.31
C ILE A 22 -4.76 -9.56 -0.21
N THR A 23 -5.64 -9.86 -1.16
CA THR A 23 -6.27 -11.17 -1.19
C THR A 23 -5.23 -12.28 -1.35
N LYS A 24 -4.39 -12.12 -2.36
CA LYS A 24 -3.35 -13.09 -2.62
C LYS A 24 -1.99 -12.39 -2.60
N ALA A 25 -0.96 -13.17 -2.28
CA ALA A 25 0.38 -12.64 -2.22
C ALA A 25 0.78 -12.06 -3.58
N PHE A 26 1.34 -10.87 -3.54
CA PHE A 26 1.76 -10.20 -4.77
C PHE A 26 3.28 -10.20 -4.90
N PHE A 27 3.73 -10.37 -6.13
CA PHE A 27 5.17 -10.40 -6.41
C PHE A 27 5.59 -9.17 -7.22
N ALA A 28 6.42 -8.35 -6.60
CA ALA A 28 6.92 -7.14 -7.25
C ALA A 28 7.81 -7.53 -8.43
N LYS A 29 7.53 -6.91 -9.57
CA LYS A 29 8.30 -7.18 -10.76
C LYS A 29 9.24 -6.00 -11.04
N GLN A 30 8.77 -4.82 -10.71
CA GLN A 30 9.55 -3.61 -10.91
C GLN A 30 10.25 -3.21 -9.61
N ALA A 31 10.87 -2.04 -9.66
CA ALA A 31 11.59 -1.53 -8.49
C ALA A 31 10.64 -0.63 -7.68
N ASP A 32 9.47 -0.39 -8.25
CA ASP A 32 8.47 0.44 -7.60
C ASP A 32 7.43 -0.45 -6.94
N GLU A 33 7.36 -1.68 -7.41
CA GLU A 33 6.41 -2.64 -6.88
C GLU A 33 6.90 -3.20 -5.54
N VAL A 34 5.96 -3.75 -4.79
CA VAL A 34 6.29 -4.33 -3.49
C VAL A 34 5.54 -5.64 -3.32
N THR A 35 6.26 -6.63 -2.81
CA THR A 35 5.68 -7.94 -2.59
C THR A 35 4.79 -7.94 -1.34
N LEU A 36 3.61 -8.50 -1.50
CA LEU A 36 2.66 -8.57 -0.40
C LEU A 36 2.21 -10.01 -0.20
N GLN A 37 1.70 -10.29 1.00
CA GLN A 37 1.22 -11.62 1.32
C GLN A 37 -0.31 -11.66 1.32
N GLN A 38 -0.84 -12.86 1.48
CA GLN A 38 -2.28 -13.05 1.51
C GLN A 38 -2.86 -12.49 2.80
N ALA A 39 -3.89 -11.68 2.65
CA ALA A 39 -4.56 -11.07 3.80
C ALA A 39 -3.61 -10.05 4.44
N ASP A 40 -3.06 -9.20 3.59
CA ASP A 40 -2.13 -8.17 4.06
C ASP A 40 -2.78 -6.80 3.90
N VAL A 41 -2.40 -5.89 4.78
CA VAL A 41 -2.93 -4.53 4.74
C VAL A 41 -1.88 -3.59 4.17
N VAL A 42 -2.35 -2.60 3.43
CA VAL A 42 -1.45 -1.62 2.83
C VAL A 42 -2.14 -0.25 2.81
N LEU A 43 -1.42 0.74 3.30
CA LEU A 43 -1.95 2.10 3.34
C LEU A 43 -1.66 2.79 2.01
N VAL A 44 -2.72 3.01 1.25
CA VAL A 44 -2.60 3.66 -0.05
C VAL A 44 -2.00 5.06 0.15
N LEU A 45 -1.10 5.41 -0.77
CA LEU A 45 -0.45 6.71 -0.71
C LEU A 45 -0.74 7.49 -1.99
N GLN A 46 -0.71 6.75 -3.11
CA GLN A 46 -0.97 7.37 -4.39
C GLN A 46 -1.79 6.42 -5.27
N GLN A 47 -2.98 6.87 -5.65
CA GLN A 47 -3.85 6.07 -6.49
C GLN A 47 -3.70 6.48 -7.95
N GLU A 48 -3.18 5.55 -8.74
CA GLU A 48 -2.98 5.79 -10.16
C GLU A 48 -3.74 4.75 -10.99
N ASP A 49 -4.70 5.23 -11.75
CA ASP A 49 -5.50 4.36 -12.59
C ASP A 49 -4.59 3.29 -13.21
N GLY A 50 -4.68 2.09 -12.65
CA GLY A 50 -3.88 0.98 -13.14
C GLY A 50 -3.12 0.31 -12.00
N TRP A 51 -2.59 1.13 -11.11
CA TRP A 51 -1.85 0.64 -9.97
C TRP A 51 -2.17 1.52 -8.76
N LEU A 52 -2.15 0.91 -7.59
CA LEU A 52 -2.43 1.62 -6.36
C LEU A 52 -1.21 1.60 -5.46
N TYR A 53 -0.67 2.78 -5.19
CA TYR A 53 0.49 2.90 -4.34
C TYR A 53 0.09 3.05 -2.88
N GLY A 54 0.91 2.46 -2.02
CA GLY A 54 0.65 2.51 -0.58
C GLY A 54 1.84 1.98 0.20
N GLU A 55 1.65 1.87 1.52
CA GLU A 55 2.69 1.38 2.39
C GLU A 55 2.18 0.17 3.20
N ARG A 56 2.97 -0.89 3.18
CA ARG A 56 2.61 -2.10 3.90
C ARG A 56 2.85 -1.91 5.39
N LEU A 57 1.78 -1.57 6.10
CA LEU A 57 1.86 -1.36 7.53
C LEU A 57 2.66 -2.50 8.16
N ARG A 58 2.64 -3.64 7.49
CA ARG A 58 3.37 -4.81 7.98
C ARG A 58 4.76 -4.40 8.48
N ASP A 59 5.58 -3.96 7.54
CA ASP A 59 6.93 -3.54 7.87
C ASP A 59 7.08 -2.05 7.59
N GLY A 60 6.25 -1.56 6.68
CA GLY A 60 6.29 -0.16 6.31
C GLY A 60 6.75 0.03 4.86
N GLU A 61 6.94 -1.10 4.20
CA GLU A 61 7.38 -1.08 2.80
C GLU A 61 6.38 -0.32 1.94
N THR A 62 6.90 0.63 1.17
CA THR A 62 6.07 1.43 0.30
C THR A 62 6.39 1.13 -1.17
N GLY A 63 5.41 0.56 -1.86
CA GLY A 63 5.58 0.22 -3.26
C GLY A 63 4.26 0.38 -4.02
N TRP A 64 4.30 -0.02 -5.29
CA TRP A 64 3.12 0.06 -6.13
C TRP A 64 2.43 -1.30 -6.12
N PHE A 65 1.19 -1.29 -5.64
CA PHE A 65 0.41 -2.51 -5.57
C PHE A 65 -0.89 -2.39 -6.37
N PRO A 66 -1.15 -3.43 -7.21
CA PRO A 66 -2.35 -3.44 -8.03
C PRO A 66 -3.59 -3.76 -7.19
N GLU A 67 -4.73 -3.30 -7.67
CA GLU A 67 -5.99 -3.53 -6.98
C GLU A 67 -6.44 -4.97 -7.17
N ASP A 68 -6.16 -5.50 -8.36
CA ASP A 68 -6.54 -6.86 -8.68
C ASP A 68 -6.00 -7.80 -7.59
N PHE A 69 -4.99 -7.33 -6.88
CA PHE A 69 -4.40 -8.11 -5.81
C PHE A 69 -4.77 -7.54 -4.44
N ALA A 70 -5.85 -6.79 -4.42
CA ALA A 70 -6.32 -6.18 -3.19
C ALA A 70 -7.82 -5.90 -3.30
N ARG A 71 -8.41 -5.54 -2.17
CA ARG A 71 -9.83 -5.24 -2.12
C ARG A 71 -10.09 -4.00 -1.27
N PHE A 72 -10.51 -2.94 -1.93
CA PHE A 72 -10.80 -1.69 -1.25
C PHE A 72 -11.77 -1.91 -0.08
N ILE A 73 -11.20 -1.96 1.12
CA ILE A 73 -12.00 -2.17 2.32
C ILE A 73 -13.02 -1.04 2.43
N SER A 74 -12.53 0.18 2.58
CA SER A 74 -13.39 1.33 2.70
C SER A 74 -12.94 2.42 1.73
N GLY A 75 -13.91 2.92 0.97
CA GLY A 75 -13.64 3.96 -0.01
C GLY A 75 -14.82 4.93 -0.13
N PRO A 76 -14.77 5.76 -1.19
CA PRO A 76 -15.82 6.74 -1.44
C PRO A 76 -17.07 6.05 -1.99
N SER A 77 -18.16 6.81 -2.01
CA SER A 77 -19.43 6.30 -2.52
C SER A 77 -20.46 7.42 -2.58
N SER A 78 -21.42 7.24 -3.48
CA SER A 78 -22.46 8.24 -3.65
C SER A 78 -23.49 8.12 -2.52
N GLY A 79 -24.05 9.27 -2.15
CA GLY A 79 -25.04 9.31 -1.09
C GLY A 79 -26.01 10.48 -1.29
N GLY A 1 18.88 1.82 -9.04
CA GLY A 1 19.71 1.79 -7.86
C GLY A 1 19.81 0.38 -7.29
N SER A 2 20.04 0.31 -5.99
CA SER A 2 20.16 -0.98 -5.32
C SER A 2 20.07 -0.79 -3.81
N SER A 3 18.85 -0.77 -3.31
CA SER A 3 18.63 -0.59 -1.89
C SER A 3 19.09 0.79 -1.45
N GLY A 4 18.44 1.31 -0.41
CA GLY A 4 18.78 2.62 0.12
C GLY A 4 19.64 2.50 1.36
N SER A 5 19.12 3.05 2.45
CA SER A 5 19.84 3.01 3.72
C SER A 5 18.89 3.36 4.87
N SER A 6 18.31 4.55 4.78
CA SER A 6 17.38 5.01 5.79
C SER A 6 16.06 5.41 5.15
N GLY A 7 16.14 6.37 4.23
CA GLY A 7 14.96 6.84 3.54
C GLY A 7 14.11 7.72 4.46
N TRP A 8 13.82 8.92 3.97
CA TRP A 8 13.01 9.86 4.74
C TRP A 8 11.57 9.34 4.76
N GLN A 9 10.89 9.63 5.86
CA GLN A 9 9.51 9.20 6.02
C GLN A 9 8.76 10.16 6.94
N GLY A 10 7.48 10.34 6.66
CA GLY A 10 6.65 11.22 7.45
C GLY A 10 6.90 12.69 7.09
N LEU A 11 6.73 12.97 5.81
CA LEU A 11 6.93 14.33 5.32
C LEU A 11 5.81 14.69 4.34
N SER A 12 4.59 14.73 4.87
CA SER A 12 3.44 15.06 4.05
C SER A 12 2.18 15.07 4.93
N SER A 13 1.17 15.80 4.46
CA SER A 13 -0.08 15.90 5.17
C SER A 13 -0.91 14.63 4.98
N LYS A 14 -1.29 14.03 6.10
CA LYS A 14 -2.07 12.81 6.07
C LYS A 14 -3.50 13.12 6.52
N GLY A 15 -4.30 12.06 6.61
CA GLY A 15 -5.68 12.20 7.04
C GLY A 15 -6.38 10.84 7.10
N ASP A 16 -7.30 10.65 6.15
CA ASP A 16 -8.04 9.40 6.08
C ASP A 16 -7.84 8.77 4.70
N LEU A 17 -6.63 8.30 4.47
CA LEU A 17 -6.31 7.67 3.19
C LEU A 17 -7.02 6.33 3.10
N PRO A 18 -7.12 5.82 1.83
CA PRO A 18 -7.76 4.55 1.59
C PRO A 18 -6.87 3.39 2.02
N GLN A 19 -7.48 2.21 2.13
CA GLN A 19 -6.76 1.02 2.52
C GLN A 19 -7.32 -0.21 1.81
N VAL A 20 -6.42 -1.11 1.46
CA VAL A 20 -6.81 -2.33 0.77
C VAL A 20 -6.09 -3.52 1.40
N GLU A 21 -6.78 -4.65 1.41
CA GLU A 21 -6.23 -5.87 1.97
C GLU A 21 -5.87 -6.86 0.87
N ILE A 22 -4.58 -7.13 0.76
CA ILE A 22 -4.10 -8.06 -0.26
C ILE A 22 -4.82 -9.41 -0.10
N THR A 23 -5.27 -9.94 -1.23
CA THR A 23 -5.97 -11.21 -1.23
C THR A 23 -5.00 -12.35 -1.49
N LYS A 24 -4.08 -12.10 -2.40
CA LYS A 24 -3.08 -13.11 -2.76
C LYS A 24 -1.70 -12.45 -2.81
N ALA A 25 -0.69 -13.25 -2.52
CA ALA A 25 0.68 -12.77 -2.53
C ALA A 25 0.96 -12.10 -3.88
N PHE A 26 1.56 -10.92 -3.80
CA PHE A 26 1.89 -10.17 -5.00
C PHE A 26 3.41 -10.00 -5.14
N PHE A 27 4.04 -11.04 -5.67
CA PHE A 27 5.49 -11.01 -5.86
C PHE A 27 5.90 -9.88 -6.80
N ALA A 28 6.62 -8.92 -6.25
CA ALA A 28 7.07 -7.78 -7.02
C ALA A 28 8.13 -8.25 -8.02
N LYS A 29 8.04 -7.71 -9.23
CA LYS A 29 8.98 -8.06 -10.27
C LYS A 29 9.87 -6.86 -10.57
N GLN A 30 9.32 -5.67 -10.37
CA GLN A 30 10.06 -4.44 -10.61
C GLN A 30 10.61 -3.89 -9.30
N ALA A 31 11.23 -2.72 -9.39
CA ALA A 31 11.80 -2.07 -8.22
C ALA A 31 10.80 -1.08 -7.66
N ASP A 32 9.72 -0.88 -8.39
CA ASP A 32 8.68 0.05 -7.98
C ASP A 32 7.59 -0.71 -7.22
N GLU A 33 7.49 -2.00 -7.53
CA GLU A 33 6.50 -2.85 -6.88
C GLU A 33 6.98 -3.27 -5.50
N VAL A 34 6.14 -4.04 -4.81
CA VAL A 34 6.47 -4.51 -3.49
C VAL A 34 5.77 -5.84 -3.24
N THR A 35 6.54 -6.78 -2.68
CA THR A 35 6.01 -8.10 -2.40
C THR A 35 4.99 -8.03 -1.25
N LEU A 36 3.87 -8.70 -1.46
CA LEU A 36 2.81 -8.71 -0.46
C LEU A 36 2.36 -10.16 -0.24
N GLN A 37 1.59 -10.34 0.83
CA GLN A 37 1.09 -11.66 1.16
C GLN A 37 -0.44 -11.65 1.21
N GLN A 38 -1.01 -12.84 1.40
CA GLN A 38 -2.46 -12.97 1.47
C GLN A 38 -2.99 -12.41 2.78
N ALA A 39 -3.91 -11.47 2.66
CA ALA A 39 -4.50 -10.85 3.83
C ALA A 39 -3.51 -9.86 4.44
N ASP A 40 -2.93 -9.04 3.57
CA ASP A 40 -1.96 -8.05 4.01
C ASP A 40 -2.55 -6.65 3.82
N VAL A 41 -2.56 -5.89 4.90
CA VAL A 41 -3.09 -4.54 4.87
C VAL A 41 -2.00 -3.59 4.36
N VAL A 42 -2.42 -2.70 3.47
CA VAL A 42 -1.50 -1.73 2.89
C VAL A 42 -2.17 -0.35 2.87
N LEU A 43 -1.42 0.64 3.34
CA LEU A 43 -1.92 2.00 3.38
C LEU A 43 -1.64 2.68 2.04
N VAL A 44 -2.70 2.91 1.28
CA VAL A 44 -2.59 3.55 -0.01
C VAL A 44 -2.02 4.96 0.17
N LEU A 45 -1.12 5.34 -0.73
CA LEU A 45 -0.50 6.64 -0.68
C LEU A 45 -0.86 7.42 -1.94
N GLN A 46 -0.85 6.71 -3.06
CA GLN A 46 -1.18 7.31 -4.35
C GLN A 46 -1.98 6.35 -5.21
N GLN A 47 -3.12 6.82 -5.67
CA GLN A 47 -3.99 6.00 -6.51
C GLN A 47 -3.83 6.40 -7.98
N GLU A 48 -3.28 5.49 -8.76
CA GLU A 48 -3.07 5.73 -10.18
C GLU A 48 -3.82 4.67 -11.00
N ASP A 49 -4.81 5.15 -11.73
CA ASP A 49 -5.62 4.27 -12.57
C ASP A 49 -4.70 3.23 -13.22
N GLY A 50 -4.75 2.03 -12.67
CA GLY A 50 -3.94 0.93 -13.18
C GLY A 50 -3.11 0.30 -12.05
N TRP A 51 -2.58 1.15 -11.19
CA TRP A 51 -1.78 0.69 -10.08
C TRP A 51 -2.09 1.56 -8.87
N LEU A 52 -2.07 0.94 -7.70
CA LEU A 52 -2.35 1.64 -6.46
C LEU A 52 -1.12 1.60 -5.57
N TYR A 53 -0.65 2.78 -5.19
CA TYR A 53 0.52 2.89 -4.34
C TYR A 53 0.12 2.99 -2.87
N GLY A 54 0.92 2.36 -2.02
CA GLY A 54 0.65 2.38 -0.59
C GLY A 54 1.86 1.87 0.19
N GLU A 55 1.67 1.76 1.50
CA GLU A 55 2.73 1.29 2.38
C GLU A 55 2.26 0.08 3.19
N ARG A 56 3.08 -0.95 3.21
CA ARG A 56 2.75 -2.16 3.94
C ARG A 56 2.88 -1.92 5.45
N LEU A 57 1.74 -2.01 6.12
CA LEU A 57 1.71 -1.80 7.56
C LEU A 57 2.50 -2.92 8.25
N ARG A 58 2.83 -3.93 7.47
CA ARG A 58 3.59 -5.06 8.00
C ARG A 58 4.96 -4.60 8.47
N ASP A 59 5.76 -4.14 7.51
CA ASP A 59 7.11 -3.68 7.82
C ASP A 59 7.20 -2.18 7.54
N GLY A 60 6.35 -1.72 6.63
CA GLY A 60 6.31 -0.33 6.26
C GLY A 60 6.83 -0.12 4.83
N GLU A 61 6.99 -1.24 4.13
CA GLU A 61 7.49 -1.20 2.77
C GLU A 61 6.49 -0.46 1.87
N THR A 62 6.99 0.59 1.23
CA THR A 62 6.16 1.39 0.34
C THR A 62 6.49 1.07 -1.12
N GLY A 63 5.50 0.50 -1.80
CA GLY A 63 5.67 0.15 -3.21
C GLY A 63 4.36 0.32 -3.97
N TRP A 64 4.39 -0.09 -5.24
CA TRP A 64 3.22 0.01 -6.09
C TRP A 64 2.52 -1.35 -6.10
N PHE A 65 1.26 -1.34 -5.71
CA PHE A 65 0.48 -2.56 -5.67
C PHE A 65 -0.82 -2.41 -6.46
N PRO A 66 -1.10 -3.44 -7.31
CA PRO A 66 -2.29 -3.42 -8.14
C PRO A 66 -3.53 -3.74 -7.30
N GLU A 67 -4.67 -3.26 -7.78
CA GLU A 67 -5.94 -3.48 -7.10
C GLU A 67 -6.41 -4.93 -7.30
N ASP A 68 -6.13 -5.44 -8.49
CA ASP A 68 -6.51 -6.79 -8.82
C ASP A 68 -6.03 -7.75 -7.73
N PHE A 69 -5.01 -7.29 -7.00
CA PHE A 69 -4.44 -8.09 -5.93
C PHE A 69 -4.75 -7.46 -4.57
N ALA A 70 -5.86 -6.74 -4.52
CA ALA A 70 -6.28 -6.09 -3.29
C ALA A 70 -7.76 -5.75 -3.38
N ARG A 71 -8.33 -5.42 -2.24
CA ARG A 71 -9.74 -5.06 -2.17
C ARG A 71 -9.95 -3.84 -1.26
N PHE A 72 -10.74 -2.91 -1.76
CA PHE A 72 -11.02 -1.69 -1.00
C PHE A 72 -12.00 -1.97 0.14
N ILE A 73 -11.44 -2.13 1.33
CA ILE A 73 -12.26 -2.41 2.50
C ILE A 73 -13.39 -1.37 2.57
N SER A 74 -13.02 -0.15 2.90
CA SER A 74 -13.98 0.93 3.00
C SER A 74 -13.34 2.26 2.64
N GLY A 75 -13.63 2.72 1.44
CA GLY A 75 -13.08 3.97 0.95
C GLY A 75 -13.84 5.17 1.54
N PRO A 76 -13.57 6.36 0.96
CA PRO A 76 -14.21 7.58 1.40
C PRO A 76 -15.67 7.63 0.94
N SER A 77 -16.49 6.83 1.58
CA SER A 77 -17.91 6.78 1.24
C SER A 77 -18.07 6.65 -0.28
N SER A 78 -18.20 5.41 -0.73
CA SER A 78 -18.36 5.13 -2.14
C SER A 78 -19.07 3.79 -2.35
N GLY A 79 -19.60 3.61 -3.54
CA GLY A 79 -20.30 2.37 -3.87
C GLY A 79 -21.72 2.40 -3.32
N GLY A 1 9.13 -0.34 19.18
CA GLY A 1 8.56 0.76 18.41
C GLY A 1 8.33 1.99 19.30
N SER A 2 7.18 2.00 19.96
CA SER A 2 6.83 3.10 20.84
C SER A 2 6.74 4.40 20.04
N SER A 3 6.13 5.40 20.66
CA SER A 3 5.96 6.69 20.02
C SER A 3 5.10 6.55 18.77
N GLY A 4 4.14 7.46 18.63
CA GLY A 4 3.24 7.44 17.50
C GLY A 4 3.59 8.56 16.51
N SER A 5 3.23 9.79 16.91
CA SER A 5 3.50 10.94 16.07
C SER A 5 3.28 12.23 16.87
N SER A 6 4.00 13.26 16.48
CA SER A 6 3.90 14.54 17.15
C SER A 6 4.00 15.68 16.13
N GLY A 7 3.02 16.58 16.19
CA GLY A 7 2.99 17.70 15.29
C GLY A 7 1.76 18.58 15.54
N TRP A 8 1.84 19.37 16.59
CA TRP A 8 0.74 20.25 16.94
C TRP A 8 -0.48 19.38 17.27
N GLN A 9 -0.24 18.35 18.06
CA GLN A 9 -1.30 17.43 18.44
C GLN A 9 -1.88 16.74 17.21
N GLY A 10 -1.14 15.76 16.71
CA GLY A 10 -1.57 15.01 15.55
C GLY A 10 -2.09 15.95 14.45
N LEU A 11 -1.17 16.42 13.63
CA LEU A 11 -1.51 17.32 12.54
C LEU A 11 -0.60 17.04 11.34
N SER A 12 -1.20 16.43 10.33
CA SER A 12 -0.46 16.10 9.12
C SER A 12 -1.35 16.30 7.89
N SER A 13 -0.72 16.29 6.72
CA SER A 13 -1.44 16.46 5.48
C SER A 13 -1.92 15.10 4.95
N LYS A 14 -0.96 14.21 4.74
CA LYS A 14 -1.27 12.88 4.24
C LYS A 14 -1.97 12.09 5.35
N GLY A 15 -3.25 12.39 5.53
CA GLY A 15 -4.04 11.71 6.54
C GLY A 15 -5.31 11.11 5.93
N ASP A 16 -6.00 10.31 6.73
CA ASP A 16 -7.22 9.68 6.29
C ASP A 16 -7.05 9.19 4.85
N LEU A 17 -6.31 8.10 4.71
CA LEU A 17 -6.06 7.53 3.39
C LEU A 17 -6.79 6.19 3.28
N PRO A 18 -6.98 5.74 2.01
CA PRO A 18 -7.66 4.49 1.75
C PRO A 18 -6.74 3.30 2.07
N GLN A 19 -7.37 2.16 2.32
CA GLN A 19 -6.64 0.95 2.64
C GLN A 19 -7.24 -0.24 1.89
N VAL A 20 -6.37 -1.18 1.54
CA VAL A 20 -6.80 -2.38 0.83
C VAL A 20 -6.09 -3.59 1.41
N GLU A 21 -6.83 -4.68 1.52
CA GLU A 21 -6.27 -5.92 2.05
C GLU A 21 -5.93 -6.88 0.90
N ILE A 22 -4.64 -7.20 0.81
CA ILE A 22 -4.18 -8.10 -0.24
C ILE A 22 -4.85 -9.47 -0.06
N THR A 23 -5.39 -9.97 -1.15
CA THR A 23 -6.06 -11.26 -1.13
C THR A 23 -5.08 -12.38 -1.47
N LYS A 24 -4.02 -12.00 -2.17
CA LYS A 24 -3.00 -12.96 -2.57
C LYS A 24 -1.64 -12.26 -2.59
N ALA A 25 -0.61 -13.04 -2.27
CA ALA A 25 0.75 -12.52 -2.27
C ALA A 25 1.09 -11.97 -3.66
N PHE A 26 1.60 -10.74 -3.66
CA PHE A 26 1.98 -10.09 -4.90
C PHE A 26 3.50 -9.91 -4.99
N PHE A 27 4.16 -10.95 -5.47
CA PHE A 27 5.60 -10.91 -5.62
C PHE A 27 6.03 -9.84 -6.63
N ALA A 28 6.42 -8.69 -6.10
CA ALA A 28 6.85 -7.58 -6.94
C ALA A 28 7.96 -8.07 -7.86
N LYS A 29 7.92 -7.57 -9.10
CA LYS A 29 8.92 -7.93 -10.09
C LYS A 29 9.81 -6.73 -10.38
N GLN A 30 9.22 -5.55 -10.24
CA GLN A 30 9.94 -4.32 -10.49
C GLN A 30 10.47 -3.75 -9.18
N ALA A 31 11.08 -2.57 -9.28
CA ALA A 31 11.64 -1.91 -8.11
C ALA A 31 10.63 -0.91 -7.57
N ASP A 32 9.55 -0.75 -8.32
CA ASP A 32 8.49 0.17 -7.92
C ASP A 32 7.42 -0.59 -7.14
N GLU A 33 7.33 -1.88 -7.42
CA GLU A 33 6.36 -2.73 -6.75
C GLU A 33 6.88 -3.17 -5.39
N VAL A 34 6.02 -3.87 -4.66
CA VAL A 34 6.39 -4.34 -3.34
C VAL A 34 5.73 -5.71 -3.10
N THR A 35 6.52 -6.61 -2.54
CA THR A 35 6.03 -7.96 -2.26
C THR A 35 4.97 -7.92 -1.16
N LEU A 36 3.88 -8.61 -1.40
CA LEU A 36 2.79 -8.66 -0.44
C LEU A 36 2.38 -10.12 -0.21
N GLN A 37 1.57 -10.32 0.81
CA GLN A 37 1.10 -11.66 1.14
C GLN A 37 -0.43 -11.68 1.23
N GLN A 38 -0.96 -12.86 1.46
CA GLN A 38 -2.41 -13.04 1.57
C GLN A 38 -2.91 -12.43 2.88
N ALA A 39 -3.88 -11.53 2.75
CA ALA A 39 -4.45 -10.88 3.91
C ALA A 39 -3.44 -9.87 4.48
N ASP A 40 -2.89 -9.07 3.59
CA ASP A 40 -1.91 -8.08 3.99
C ASP A 40 -2.51 -6.68 3.80
N VAL A 41 -2.48 -5.90 4.87
CA VAL A 41 -3.00 -4.55 4.84
C VAL A 41 -1.95 -3.60 4.27
N VAL A 42 -2.41 -2.69 3.43
CA VAL A 42 -1.52 -1.72 2.81
C VAL A 42 -2.19 -0.34 2.80
N LEU A 43 -1.45 0.65 3.28
CA LEU A 43 -1.96 2.01 3.33
C LEU A 43 -1.67 2.70 2.00
N VAL A 44 -2.73 2.94 1.25
CA VAL A 44 -2.61 3.60 -0.04
C VAL A 44 -2.03 5.00 0.17
N LEU A 45 -1.14 5.37 -0.74
CA LEU A 45 -0.50 6.69 -0.67
C LEU A 45 -0.81 7.46 -1.95
N GLN A 46 -0.78 6.75 -3.07
CA GLN A 46 -1.06 7.36 -4.35
C GLN A 46 -1.85 6.40 -5.23
N GLN A 47 -3.01 6.87 -5.67
CA GLN A 47 -3.87 6.05 -6.52
C GLN A 47 -3.70 6.47 -7.99
N GLU A 48 -3.23 5.52 -8.79
CA GLU A 48 -3.03 5.76 -10.20
C GLU A 48 -3.79 4.74 -11.04
N ASP A 49 -4.77 5.24 -11.78
CA ASP A 49 -5.58 4.38 -12.61
C ASP A 49 -4.69 3.31 -13.27
N GLY A 50 -4.76 2.11 -12.72
CA GLY A 50 -3.96 1.01 -13.23
C GLY A 50 -3.17 0.34 -12.11
N TRP A 51 -2.61 1.16 -11.24
CA TRP A 51 -1.83 0.66 -10.11
C TRP A 51 -2.14 1.54 -8.91
N LEU A 52 -2.07 0.92 -7.73
CA LEU A 52 -2.34 1.63 -6.49
C LEU A 52 -1.09 1.59 -5.62
N TYR A 53 -0.69 2.77 -5.16
CA TYR A 53 0.49 2.88 -4.30
C TYR A 53 0.09 3.00 -2.83
N GLY A 54 0.89 2.39 -1.98
CA GLY A 54 0.64 2.43 -0.55
C GLY A 54 1.84 1.89 0.24
N GLU A 55 1.66 1.79 1.54
CA GLU A 55 2.71 1.28 2.40
C GLU A 55 2.21 0.07 3.20
N ARG A 56 2.97 -1.01 3.10
CA ARG A 56 2.62 -2.24 3.79
C ARG A 56 2.84 -2.08 5.29
N LEU A 57 1.76 -1.76 5.98
CA LEU A 57 1.83 -1.57 7.42
C LEU A 57 2.62 -2.72 8.04
N ARG A 58 2.61 -3.85 7.35
CA ARG A 58 3.33 -5.02 7.82
C ARG A 58 4.71 -4.62 8.35
N ASP A 59 5.54 -4.15 7.44
CA ASP A 59 6.88 -3.73 7.80
C ASP A 59 7.03 -2.23 7.57
N GLY A 60 6.20 -1.72 6.66
CA GLY A 60 6.23 -0.30 6.34
C GLY A 60 6.77 -0.06 4.93
N GLU A 61 6.89 -1.15 4.19
CA GLU A 61 7.39 -1.08 2.82
C GLU A 61 6.40 -0.32 1.94
N THR A 62 6.92 0.67 1.24
CA THR A 62 6.11 1.48 0.36
C THR A 62 6.42 1.16 -1.11
N GLY A 63 5.43 0.59 -1.78
CA GLY A 63 5.60 0.23 -3.18
C GLY A 63 4.28 0.38 -3.94
N TRP A 64 4.31 -0.02 -5.20
CA TRP A 64 3.13 0.07 -6.04
C TRP A 64 2.45 -1.31 -6.05
N PHE A 65 1.19 -1.31 -5.64
CA PHE A 65 0.42 -2.54 -5.59
C PHE A 65 -0.86 -2.42 -6.41
N PRO A 66 -1.13 -3.46 -7.23
CA PRO A 66 -2.31 -3.48 -8.07
C PRO A 66 -3.57 -3.77 -7.23
N GLU A 67 -4.69 -3.30 -7.73
CA GLU A 67 -5.96 -3.51 -7.05
C GLU A 67 -6.44 -4.94 -7.24
N ASP A 68 -6.16 -5.47 -8.42
CA ASP A 68 -6.55 -6.83 -8.76
C ASP A 68 -6.05 -7.79 -7.66
N PHE A 69 -5.04 -7.32 -6.93
CA PHE A 69 -4.47 -8.11 -5.86
C PHE A 69 -4.83 -7.53 -4.50
N ALA A 70 -5.90 -6.73 -4.49
CA ALA A 70 -6.36 -6.10 -3.27
C ALA A 70 -7.85 -5.83 -3.36
N ARG A 71 -8.43 -5.49 -2.22
CA ARG A 71 -9.86 -5.21 -2.17
C ARG A 71 -10.13 -4.00 -1.27
N PHE A 72 -10.56 -2.91 -1.91
CA PHE A 72 -10.85 -1.69 -1.17
C PHE A 72 -11.83 -1.95 -0.04
N ILE A 73 -11.26 -2.07 1.17
CA ILE A 73 -12.08 -2.31 2.35
C ILE A 73 -13.16 -1.23 2.46
N SER A 74 -12.70 0.01 2.43
CA SER A 74 -13.61 1.14 2.53
C SER A 74 -12.98 2.39 1.90
N GLY A 75 -13.77 3.09 1.11
CA GLY A 75 -13.29 4.29 0.46
C GLY A 75 -14.14 5.50 0.86
N PRO A 76 -14.26 6.46 -0.10
CA PRO A 76 -15.03 7.67 0.14
C PRO A 76 -16.53 7.37 0.09
N SER A 77 -17.29 8.21 0.79
CA SER A 77 -18.74 8.06 0.83
C SER A 77 -19.41 9.28 0.20
N SER A 78 -20.04 9.04 -0.95
CA SER A 78 -20.72 10.10 -1.66
C SER A 78 -21.73 10.79 -0.73
N GLY A 79 -22.67 10.00 -0.24
CA GLY A 79 -23.69 10.52 0.65
C GLY A 79 -24.76 9.45 0.94
N GLY A 1 20.17 -8.08 11.25
CA GLY A 1 18.91 -7.37 11.12
C GLY A 1 18.80 -6.24 12.15
N SER A 2 17.57 -5.91 12.48
CA SER A 2 17.32 -4.85 13.45
C SER A 2 17.93 -3.54 12.97
N SER A 3 17.07 -2.59 12.65
CA SER A 3 17.52 -1.29 12.18
C SER A 3 16.32 -0.37 11.94
N GLY A 4 16.60 0.90 11.80
CA GLY A 4 15.56 1.89 11.57
C GLY A 4 15.53 2.94 12.69
N SER A 5 16.32 3.99 12.49
CA SER A 5 16.39 5.06 13.47
C SER A 5 16.81 6.37 12.79
N SER A 6 15.94 7.35 12.88
CA SER A 6 16.21 8.65 12.28
C SER A 6 15.29 9.71 12.89
N GLY A 7 13.99 9.46 12.75
CA GLY A 7 13.00 10.39 13.27
C GLY A 7 12.10 10.94 12.14
N TRP A 8 10.98 11.51 12.55
CA TRP A 8 10.05 12.07 11.59
C TRP A 8 9.96 13.58 11.84
N GLN A 9 9.47 13.93 13.02
CA GLN A 9 9.34 15.32 13.39
C GLN A 9 8.42 16.05 12.40
N GLY A 10 7.13 15.78 12.54
CA GLY A 10 6.14 16.39 11.68
C GLY A 10 5.93 15.57 10.41
N LEU A 11 4.84 14.80 10.41
CA LEU A 11 4.51 13.97 9.27
C LEU A 11 4.08 14.86 8.10
N SER A 12 2.99 15.58 8.32
CA SER A 12 2.47 16.46 7.29
C SER A 12 2.02 15.65 6.07
N SER A 13 1.33 16.33 5.17
CA SER A 13 0.84 15.68 3.97
C SER A 13 0.01 14.45 4.33
N LYS A 14 -0.69 13.93 3.33
CA LYS A 14 -1.52 12.76 3.53
C LYS A 14 -2.62 13.09 4.53
N GLY A 15 -3.81 12.56 4.27
CA GLY A 15 -4.95 12.79 5.14
C GLY A 15 -5.46 11.47 5.73
N ASP A 16 -6.48 10.94 5.09
CA ASP A 16 -7.08 9.70 5.55
C ASP A 16 -7.07 8.68 4.39
N LEU A 17 -5.91 8.54 3.78
CA LEU A 17 -5.76 7.62 2.67
C LEU A 17 -6.55 6.34 2.96
N PRO A 18 -7.04 5.71 1.86
CA PRO A 18 -7.81 4.48 1.97
C PRO A 18 -6.90 3.29 2.32
N GLN A 19 -7.51 2.11 2.29
CA GLN A 19 -6.77 0.89 2.60
C GLN A 19 -7.37 -0.29 1.84
N VAL A 20 -6.49 -1.21 1.45
CA VAL A 20 -6.91 -2.39 0.71
C VAL A 20 -6.20 -3.62 1.28
N GLU A 21 -6.95 -4.71 1.36
CA GLU A 21 -6.41 -5.96 1.88
C GLU A 21 -5.99 -6.87 0.73
N ILE A 22 -4.73 -7.27 0.75
CA ILE A 22 -4.20 -8.14 -0.28
C ILE A 22 -4.84 -9.53 -0.15
N THR A 23 -5.52 -9.93 -1.21
CA THR A 23 -6.18 -11.23 -1.23
C THR A 23 -5.16 -12.34 -1.43
N LYS A 24 -4.11 -12.01 -2.16
CA LYS A 24 -3.05 -12.98 -2.44
C LYS A 24 -1.71 -12.24 -2.52
N ALA A 25 -0.66 -12.98 -2.19
CA ALA A 25 0.68 -12.42 -2.22
C ALA A 25 0.96 -11.85 -3.62
N PHE A 26 1.63 -10.71 -3.63
CA PHE A 26 1.98 -10.06 -4.89
C PHE A 26 3.50 -9.90 -5.04
N PHE A 27 4.11 -10.99 -5.48
CA PHE A 27 5.56 -10.99 -5.67
C PHE A 27 5.99 -9.87 -6.61
N ALA A 28 6.68 -8.89 -6.04
CA ALA A 28 7.15 -7.76 -6.82
C ALA A 28 8.25 -8.23 -7.78
N LYS A 29 8.17 -7.73 -9.00
CA LYS A 29 9.14 -8.08 -10.02
C LYS A 29 10.03 -6.87 -10.32
N GLN A 30 9.41 -5.70 -10.24
CA GLN A 30 10.13 -4.45 -10.50
C GLN A 30 10.63 -3.85 -9.19
N ALA A 31 11.29 -2.71 -9.32
CA ALA A 31 11.83 -2.02 -8.15
C ALA A 31 10.79 -1.01 -7.64
N ASP A 32 9.72 -0.87 -8.41
CA ASP A 32 8.66 0.05 -8.04
C ASP A 32 7.56 -0.72 -7.30
N GLU A 33 7.53 -2.02 -7.54
CA GLU A 33 6.54 -2.87 -6.90
C GLU A 33 7.01 -3.30 -5.52
N VAL A 34 6.13 -3.97 -4.81
CA VAL A 34 6.44 -4.44 -3.46
C VAL A 34 5.77 -5.80 -3.23
N THR A 35 6.51 -6.68 -2.57
CA THR A 35 6.00 -8.01 -2.28
C THR A 35 4.99 -7.96 -1.13
N LEU A 36 3.86 -8.62 -1.36
CA LEU A 36 2.81 -8.66 -0.36
C LEU A 36 2.41 -10.10 -0.09
N GLN A 37 1.65 -10.30 0.98
CA GLN A 37 1.21 -11.63 1.36
C GLN A 37 -0.32 -11.69 1.36
N GLN A 38 -0.84 -12.88 1.58
CA GLN A 38 -2.28 -13.09 1.62
C GLN A 38 -2.87 -12.45 2.89
N ALA A 39 -3.90 -11.64 2.68
CA ALA A 39 -4.56 -10.96 3.78
C ALA A 39 -3.61 -9.94 4.39
N ASP A 40 -2.96 -9.19 3.52
CA ASP A 40 -2.02 -8.16 3.95
C ASP A 40 -2.64 -6.78 3.73
N VAL A 41 -2.54 -5.95 4.76
CA VAL A 41 -3.07 -4.60 4.70
C VAL A 41 -1.99 -3.65 4.18
N VAL A 42 -2.42 -2.72 3.33
CA VAL A 42 -1.52 -1.74 2.76
C VAL A 42 -2.17 -0.37 2.78
N LEU A 43 -1.43 0.60 3.27
CA LEU A 43 -1.92 1.97 3.35
C LEU A 43 -1.64 2.69 2.03
N VAL A 44 -2.71 2.94 1.29
CA VAL A 44 -2.60 3.61 0.01
C VAL A 44 -2.00 5.00 0.22
N LEU A 45 -1.21 5.43 -0.76
CA LEU A 45 -0.57 6.73 -0.70
C LEU A 45 -0.88 7.51 -1.99
N GLN A 46 -0.80 6.80 -3.10
CA GLN A 46 -1.06 7.40 -4.40
C GLN A 46 -1.85 6.43 -5.29
N GLN A 47 -3.04 6.88 -5.67
CA GLN A 47 -3.90 6.06 -6.51
C GLN A 47 -3.74 6.47 -7.99
N GLU A 48 -3.25 5.52 -8.78
CA GLU A 48 -3.04 5.77 -10.19
C GLU A 48 -3.79 4.73 -11.04
N ASP A 49 -4.80 5.21 -11.76
CA ASP A 49 -5.59 4.34 -12.60
C ASP A 49 -4.69 3.29 -13.24
N GLY A 50 -4.75 2.09 -12.68
CA GLY A 50 -3.94 0.99 -13.19
C GLY A 50 -3.14 0.33 -12.06
N TRP A 51 -2.60 1.18 -11.20
CA TRP A 51 -1.81 0.70 -10.08
C TRP A 51 -2.12 1.58 -8.86
N LEU A 52 -2.05 0.97 -7.70
CA LEU A 52 -2.32 1.69 -6.46
C LEU A 52 -1.08 1.64 -5.56
N TYR A 53 -0.63 2.82 -5.17
CA TYR A 53 0.54 2.92 -4.30
C TYR A 53 0.14 3.03 -2.84
N GLY A 54 0.93 2.39 -1.99
CA GLY A 54 0.67 2.41 -0.56
C GLY A 54 1.87 1.90 0.23
N GLU A 55 1.68 1.81 1.53
CA GLU A 55 2.76 1.34 2.41
C GLU A 55 2.26 0.17 3.27
N ARG A 56 2.99 -0.94 3.17
CA ARG A 56 2.65 -2.12 3.93
C ARG A 56 2.77 -1.85 5.44
N LEU A 57 1.65 -1.94 6.12
CA LEU A 57 1.62 -1.71 7.55
C LEU A 57 2.42 -2.81 8.26
N ARG A 58 2.75 -3.84 7.49
CA ARG A 58 3.51 -4.95 8.03
C ARG A 58 4.89 -4.48 8.50
N ASP A 59 5.69 -4.04 7.54
CA ASP A 59 7.03 -3.56 7.84
C ASP A 59 7.11 -2.06 7.53
N GLY A 60 6.24 -1.63 6.62
CA GLY A 60 6.20 -0.23 6.25
C GLY A 60 6.73 -0.03 4.82
N GLU A 61 6.88 -1.15 4.12
CA GLU A 61 7.38 -1.12 2.76
C GLU A 61 6.38 -0.37 1.85
N THR A 62 6.90 0.64 1.19
CA THR A 62 6.08 1.44 0.29
C THR A 62 6.41 1.12 -1.16
N GLY A 63 5.43 0.54 -1.85
CA GLY A 63 5.60 0.19 -3.25
C GLY A 63 4.30 0.34 -4.03
N TRP A 64 4.35 -0.06 -5.29
CA TRP A 64 3.18 0.02 -6.15
C TRP A 64 2.49 -1.34 -6.15
N PHE A 65 1.25 -1.35 -5.63
CA PHE A 65 0.49 -2.57 -5.57
C PHE A 65 -0.81 -2.46 -6.38
N PRO A 66 -1.07 -3.51 -7.20
CA PRO A 66 -2.26 -3.53 -8.03
C PRO A 66 -3.52 -3.81 -7.19
N GLU A 67 -4.64 -3.30 -7.68
CA GLU A 67 -5.91 -3.49 -6.98
C GLU A 67 -6.39 -4.93 -7.15
N ASP A 68 -6.12 -5.48 -8.32
CA ASP A 68 -6.53 -6.84 -8.63
C ASP A 68 -6.02 -7.77 -7.53
N PHE A 69 -4.99 -7.30 -6.83
CA PHE A 69 -4.41 -8.08 -5.75
C PHE A 69 -4.73 -7.47 -4.39
N ALA A 70 -5.83 -6.73 -4.35
CA ALA A 70 -6.27 -6.09 -3.13
C ALA A 70 -7.76 -5.80 -3.21
N ARG A 71 -8.35 -5.54 -2.05
CA ARG A 71 -9.77 -5.24 -1.98
C ARG A 71 -10.01 -3.99 -1.13
N PHE A 72 -10.51 -2.95 -1.79
CA PHE A 72 -10.79 -1.71 -1.10
C PHE A 72 -11.77 -1.92 0.05
N ILE A 73 -11.22 -2.01 1.25
CA ILE A 73 -12.04 -2.22 2.44
C ILE A 73 -13.11 -1.12 2.50
N SER A 74 -12.64 0.12 2.42
CA SER A 74 -13.55 1.26 2.47
C SER A 74 -12.99 2.41 1.65
N GLY A 75 -13.89 3.17 1.04
CA GLY A 75 -13.50 4.30 0.23
C GLY A 75 -14.33 5.54 0.56
N PRO A 76 -14.50 6.42 -0.46
CA PRO A 76 -15.26 7.65 -0.28
C PRO A 76 -16.76 7.35 -0.25
N SER A 77 -17.50 8.26 0.35
CA SER A 77 -18.94 8.11 0.46
C SER A 77 -19.59 8.40 -0.90
N SER A 78 -20.79 7.86 -1.06
CA SER A 78 -21.54 8.05 -2.31
C SER A 78 -22.95 8.54 -2.00
N GLY A 79 -23.67 7.74 -1.22
CA GLY A 79 -25.03 8.08 -0.85
C GLY A 79 -25.23 7.99 0.66
N GLY A 1 22.01 6.34 3.38
CA GLY A 1 22.19 5.22 4.28
C GLY A 1 22.31 5.70 5.73
N SER A 2 23.43 5.37 6.34
CA SER A 2 23.68 5.76 7.72
C SER A 2 22.57 5.22 8.62
N SER A 3 22.82 5.29 9.92
CA SER A 3 21.85 4.82 10.89
C SER A 3 22.34 5.14 12.32
N GLY A 4 21.89 6.27 12.82
CA GLY A 4 22.26 6.70 14.16
C GLY A 4 21.65 5.78 15.21
N SER A 5 20.47 6.16 15.69
CA SER A 5 19.78 5.38 16.69
C SER A 5 18.27 5.54 16.53
N SER A 6 17.82 6.78 16.60
CA SER A 6 16.40 7.07 16.46
C SER A 6 16.22 8.47 15.86
N GLY A 7 15.52 8.50 14.74
CA GLY A 7 15.25 9.76 14.05
C GLY A 7 14.82 9.52 12.61
N TRP A 8 13.72 8.80 12.46
CA TRP A 8 13.20 8.50 11.14
C TRP A 8 12.83 9.81 10.46
N GLN A 9 11.81 10.46 11.01
CA GLN A 9 11.35 11.73 10.46
C GLN A 9 10.78 11.53 9.06
N GLY A 10 9.98 12.50 8.63
CA GLY A 10 9.37 12.45 7.32
C GLY A 10 8.26 11.39 7.28
N LEU A 11 8.39 10.47 6.33
CA LEU A 11 7.42 9.41 6.17
C LEU A 11 6.04 10.02 5.92
N SER A 12 5.86 10.52 4.71
CA SER A 12 4.60 11.13 4.33
C SER A 12 3.46 10.12 4.48
N SER A 13 2.41 10.54 5.17
CA SER A 13 1.26 9.69 5.37
C SER A 13 -0.01 10.53 5.54
N LYS A 14 -0.80 10.56 4.47
CA LYS A 14 -2.03 11.33 4.49
C LYS A 14 -2.99 10.73 5.51
N GLY A 15 -3.81 11.60 6.09
CA GLY A 15 -4.77 11.17 7.08
C GLY A 15 -5.97 10.47 6.43
N ASP A 16 -6.54 9.53 7.17
CA ASP A 16 -7.68 8.78 6.68
C ASP A 16 -7.47 8.44 5.20
N LEU A 17 -6.55 7.51 4.97
CA LEU A 17 -6.23 7.08 3.62
C LEU A 17 -6.93 5.76 3.33
N PRO A 18 -7.05 5.44 2.01
CA PRO A 18 -7.70 4.21 1.59
C PRO A 18 -6.79 3.00 1.83
N GLN A 19 -7.39 1.95 2.37
CA GLN A 19 -6.65 0.73 2.67
C GLN A 19 -7.27 -0.46 1.93
N VAL A 20 -6.40 -1.31 1.39
CA VAL A 20 -6.84 -2.48 0.67
C VAL A 20 -6.15 -3.72 1.22
N GLU A 21 -6.92 -4.79 1.33
CA GLU A 21 -6.39 -6.04 1.85
C GLU A 21 -5.95 -6.95 0.70
N ILE A 22 -4.67 -7.29 0.72
CA ILE A 22 -4.11 -8.15 -0.31
C ILE A 22 -4.72 -9.55 -0.19
N THR A 23 -5.52 -9.90 -1.19
CA THR A 23 -6.17 -11.19 -1.21
C THR A 23 -5.14 -12.30 -1.40
N LYS A 24 -4.14 -12.02 -2.23
CA LYS A 24 -3.09 -12.99 -2.50
C LYS A 24 -1.74 -12.26 -2.55
N ALA A 25 -0.69 -12.99 -2.23
CA ALA A 25 0.65 -12.43 -2.24
C ALA A 25 0.90 -11.77 -3.59
N PHE A 26 1.67 -10.69 -3.55
CA PHE A 26 2.00 -9.95 -4.75
C PHE A 26 3.51 -9.78 -4.90
N PHE A 27 4.15 -10.82 -5.41
CA PHE A 27 5.59 -10.79 -5.60
C PHE A 27 6.00 -9.65 -6.51
N ALA A 28 6.80 -8.75 -5.96
CA ALA A 28 7.27 -7.59 -6.71
C ALA A 28 8.31 -8.06 -7.74
N LYS A 29 8.15 -7.54 -8.96
CA LYS A 29 9.06 -7.89 -10.03
C LYS A 29 9.98 -6.72 -10.32
N GLN A 30 9.43 -5.52 -10.18
CA GLN A 30 10.19 -4.31 -10.42
C GLN A 30 10.73 -3.76 -9.10
N ALA A 31 11.37 -2.60 -9.20
CA ALA A 31 11.94 -1.95 -8.03
C ALA A 31 10.93 -0.94 -7.47
N ASP A 32 9.85 -0.76 -8.21
CA ASP A 32 8.81 0.17 -7.80
C ASP A 32 7.68 -0.60 -7.12
N GLU A 33 7.75 -1.91 -7.25
CA GLU A 33 6.74 -2.76 -6.65
C GLU A 33 7.16 -3.18 -5.23
N VAL A 34 6.24 -3.86 -4.56
CA VAL A 34 6.50 -4.31 -3.20
C VAL A 34 5.82 -5.66 -2.97
N THR A 35 6.57 -6.57 -2.36
CA THR A 35 6.05 -7.90 -2.08
C THR A 35 5.04 -7.85 -0.92
N LEU A 36 3.92 -8.52 -1.13
CA LEU A 36 2.87 -8.57 -0.12
C LEU A 36 2.52 -10.02 0.17
N GLN A 37 1.66 -10.19 1.16
CA GLN A 37 1.23 -11.52 1.56
C GLN A 37 -0.31 -11.60 1.56
N GLN A 38 -0.80 -12.83 1.62
CA GLN A 38 -2.23 -13.05 1.63
C GLN A 38 -2.86 -12.48 2.91
N ALA A 39 -3.87 -11.65 2.71
CA ALA A 39 -4.56 -11.02 3.84
C ALA A 39 -3.63 -10.00 4.48
N ASP A 40 -3.03 -9.16 3.65
CA ASP A 40 -2.12 -8.14 4.13
C ASP A 40 -2.77 -6.77 3.97
N VAL A 41 -2.41 -5.86 4.87
CA VAL A 41 -2.95 -4.52 4.84
C VAL A 41 -1.91 -3.57 4.25
N VAL A 42 -2.39 -2.66 3.42
CA VAL A 42 -1.51 -1.68 2.78
C VAL A 42 -2.20 -0.32 2.75
N LEU A 43 -1.50 0.68 3.25
CA LEU A 43 -2.04 2.03 3.30
C LEU A 43 -1.72 2.73 1.98
N VAL A 44 -2.78 2.96 1.20
CA VAL A 44 -2.63 3.62 -0.09
C VAL A 44 -2.05 5.02 0.13
N LEU A 45 -1.14 5.38 -0.76
CA LEU A 45 -0.49 6.67 -0.69
C LEU A 45 -0.78 7.46 -1.97
N GLN A 46 -0.73 6.75 -3.09
CA GLN A 46 -0.98 7.36 -4.38
C GLN A 46 -1.79 6.41 -5.27
N GLN A 47 -2.99 6.85 -5.60
CA GLN A 47 -3.87 6.05 -6.45
C GLN A 47 -3.67 6.42 -7.92
N GLU A 48 -3.22 5.44 -8.69
CA GLU A 48 -2.99 5.65 -10.11
C GLU A 48 -3.77 4.61 -10.93
N ASP A 49 -4.71 5.12 -11.71
CA ASP A 49 -5.53 4.26 -12.54
C ASP A 49 -4.66 3.15 -13.14
N GLY A 50 -4.78 1.97 -12.55
CA GLY A 50 -4.01 0.83 -13.01
C GLY A 50 -3.19 0.22 -11.87
N TRP A 51 -2.49 1.10 -11.15
CA TRP A 51 -1.67 0.67 -10.03
C TRP A 51 -2.00 1.57 -8.83
N LEU A 52 -2.07 0.93 -7.67
CA LEU A 52 -2.37 1.66 -6.44
C LEU A 52 -1.15 1.61 -5.52
N TYR A 53 -0.64 2.80 -5.22
CA TYR A 53 0.53 2.91 -4.34
C TYR A 53 0.09 3.04 -2.88
N GLY A 54 0.90 2.44 -2.01
CA GLY A 54 0.61 2.48 -0.59
C GLY A 54 1.82 2.01 0.22
N GLU A 55 1.60 1.83 1.52
CA GLU A 55 2.66 1.39 2.41
C GLU A 55 2.19 0.17 3.20
N ARG A 56 2.73 -0.98 2.83
CA ARG A 56 2.39 -2.23 3.51
C ARG A 56 2.75 -2.14 4.99
N LEU A 57 1.78 -1.71 5.78
CA LEU A 57 1.97 -1.58 7.21
C LEU A 57 2.81 -2.76 7.71
N ARG A 58 2.43 -3.94 7.24
CA ARG A 58 3.14 -5.15 7.63
C ARG A 58 4.63 -4.87 7.80
N ASP A 59 5.27 -4.55 6.69
CA ASP A 59 6.70 -4.25 6.69
C ASP A 59 6.91 -2.77 6.38
N GLY A 60 5.87 -1.98 6.67
CA GLY A 60 5.94 -0.55 6.42
C GLY A 60 6.62 -0.26 5.09
N GLU A 61 6.51 -1.21 4.17
CA GLU A 61 7.11 -1.07 2.85
C GLU A 61 6.19 -0.25 1.94
N THR A 62 6.78 0.71 1.25
CA THR A 62 6.04 1.55 0.34
C THR A 62 6.38 1.22 -1.11
N GLY A 63 5.42 0.62 -1.80
CA GLY A 63 5.60 0.24 -3.18
C GLY A 63 4.29 0.37 -3.97
N TRP A 64 4.35 -0.05 -5.22
CA TRP A 64 3.19 0.01 -6.09
C TRP A 64 2.51 -1.36 -6.06
N PHE A 65 1.22 -1.34 -5.76
CA PHE A 65 0.44 -2.57 -5.71
C PHE A 65 -0.85 -2.44 -6.51
N PRO A 66 -1.12 -3.48 -7.34
CA PRO A 66 -2.31 -3.49 -8.17
C PRO A 66 -3.55 -3.80 -7.33
N GLU A 67 -4.67 -3.20 -7.73
CA GLU A 67 -5.92 -3.40 -7.03
C GLU A 67 -6.39 -4.86 -7.17
N ASP A 68 -6.12 -5.42 -8.34
CA ASP A 68 -6.50 -6.79 -8.62
C ASP A 68 -6.02 -7.69 -7.47
N PHE A 69 -4.96 -7.24 -6.81
CA PHE A 69 -4.39 -7.98 -5.71
C PHE A 69 -4.71 -7.31 -4.37
N ALA A 70 -5.92 -6.80 -4.28
CA ALA A 70 -6.37 -6.13 -3.06
C ALA A 70 -7.85 -5.77 -3.20
N ARG A 71 -8.49 -5.60 -2.05
CA ARG A 71 -9.89 -5.24 -2.02
C ARG A 71 -10.12 -4.01 -1.15
N PHE A 72 -10.55 -2.93 -1.80
CA PHE A 72 -10.80 -1.69 -1.09
C PHE A 72 -11.75 -1.91 0.09
N ILE A 73 -11.17 -1.92 1.27
CA ILE A 73 -11.96 -2.13 2.49
C ILE A 73 -13.01 -1.03 2.60
N SER A 74 -12.53 0.21 2.69
CA SER A 74 -13.42 1.35 2.80
C SER A 74 -12.95 2.47 1.87
N GLY A 75 -13.52 2.49 0.68
CA GLY A 75 -13.17 3.50 -0.30
C GLY A 75 -14.42 4.02 -1.02
N PRO A 76 -14.24 4.31 -2.34
CA PRO A 76 -15.33 4.82 -3.15
C PRO A 76 -16.32 3.71 -3.50
N SER A 77 -17.53 3.85 -2.99
CA SER A 77 -18.56 2.87 -3.23
C SER A 77 -19.90 3.57 -3.50
N SER A 78 -20.64 3.04 -4.46
CA SER A 78 -21.93 3.61 -4.82
C SER A 78 -23.02 2.56 -4.61
N GLY A 79 -23.64 2.62 -3.44
CA GLY A 79 -24.70 1.69 -3.10
C GLY A 79 -25.70 2.34 -2.13
N GLY A 1 23.54 -0.16 -0.45
CA GLY A 1 23.54 1.06 0.35
C GLY A 1 24.04 0.79 1.77
N SER A 2 23.85 1.78 2.63
CA SER A 2 24.28 1.65 4.02
C SER A 2 23.20 2.21 4.95
N SER A 3 23.35 1.91 6.22
CA SER A 3 22.41 2.37 7.22
C SER A 3 22.95 3.61 7.92
N GLY A 4 22.07 4.27 8.66
CA GLY A 4 22.44 5.47 9.38
C GLY A 4 21.43 5.80 10.48
N SER A 5 21.17 7.09 10.64
CA SER A 5 20.22 7.53 11.65
C SER A 5 19.03 8.23 10.97
N SER A 6 17.90 8.20 11.67
CA SER A 6 16.69 8.83 11.16
C SER A 6 16.33 8.20 9.81
N GLY A 7 15.08 8.44 9.40
CA GLY A 7 14.59 7.91 8.14
C GLY A 7 13.11 8.26 7.94
N TRP A 8 12.88 9.21 7.04
CA TRP A 8 11.52 9.64 6.75
C TRP A 8 11.22 9.28 5.30
N GLN A 9 11.97 9.91 4.40
CA GLN A 9 11.80 9.67 2.98
C GLN A 9 10.41 10.14 2.53
N GLY A 10 10.31 11.42 2.24
CA GLY A 10 9.06 12.01 1.80
C GLY A 10 8.01 11.95 2.91
N LEU A 11 7.84 13.09 3.58
CA LEU A 11 6.88 13.17 4.67
C LEU A 11 5.47 13.02 4.10
N SER A 12 4.90 11.85 4.34
CA SER A 12 3.56 11.56 3.87
C SER A 12 2.62 11.35 5.05
N SER A 13 2.14 12.46 5.60
CA SER A 13 1.24 12.40 6.73
C SER A 13 0.00 11.57 6.38
N LYS A 14 -0.39 10.73 7.33
CA LYS A 14 -1.55 9.88 7.14
C LYS A 14 -2.72 10.39 7.99
N GLY A 15 -3.90 9.88 7.69
CA GLY A 15 -5.09 10.28 8.41
C GLY A 15 -6.16 9.18 8.38
N ASP A 16 -6.81 9.06 7.23
CA ASP A 16 -7.84 8.06 7.05
C ASP A 16 -7.80 7.54 5.61
N LEU A 17 -6.59 7.52 5.06
CA LEU A 17 -6.40 7.05 3.70
C LEU A 17 -7.09 5.70 3.53
N PRO A 18 -7.33 5.34 2.24
CA PRO A 18 -7.98 4.08 1.93
C PRO A 18 -7.02 2.90 2.12
N GLN A 19 -7.58 1.78 2.54
CA GLN A 19 -6.80 0.57 2.76
C GLN A 19 -7.38 -0.60 1.98
N VAL A 20 -6.49 -1.43 1.46
CA VAL A 20 -6.90 -2.59 0.69
C VAL A 20 -6.22 -3.83 1.26
N GLU A 21 -6.98 -4.93 1.29
CA GLU A 21 -6.46 -6.19 1.80
C GLU A 21 -5.98 -7.06 0.65
N ILE A 22 -4.69 -7.33 0.65
CA ILE A 22 -4.09 -8.16 -0.38
C ILE A 22 -4.68 -9.58 -0.29
N THR A 23 -5.54 -9.88 -1.25
CA THR A 23 -6.17 -11.19 -1.29
C THR A 23 -5.12 -12.28 -1.45
N LYS A 24 -4.25 -12.09 -2.42
CA LYS A 24 -3.19 -13.05 -2.69
C LYS A 24 -1.85 -12.32 -2.73
N ALA A 25 -0.80 -13.07 -2.44
CA ALA A 25 0.55 -12.52 -2.44
C ALA A 25 0.85 -11.91 -3.81
N PHE A 26 1.61 -10.82 -3.79
CA PHE A 26 1.98 -10.14 -5.02
C PHE A 26 3.49 -10.05 -5.17
N PHE A 27 4.06 -11.10 -5.75
CA PHE A 27 5.50 -11.16 -5.96
C PHE A 27 5.96 -10.03 -6.86
N ALA A 28 6.44 -8.96 -6.24
CA ALA A 28 6.92 -7.80 -6.98
C ALA A 28 7.98 -8.26 -7.99
N LYS A 29 7.83 -7.76 -9.21
CA LYS A 29 8.75 -8.11 -10.27
C LYS A 29 9.63 -6.90 -10.60
N GLN A 30 9.02 -5.73 -10.47
CA GLN A 30 9.74 -4.49 -10.75
C GLN A 30 10.33 -3.92 -9.45
N ALA A 31 11.04 -2.81 -9.60
CA ALA A 31 11.66 -2.16 -8.47
C ALA A 31 10.69 -1.14 -7.86
N ASP A 32 9.57 -0.96 -8.56
CA ASP A 32 8.55 -0.02 -8.11
C ASP A 32 7.47 -0.78 -7.33
N GLU A 33 7.40 -2.07 -7.59
CA GLU A 33 6.42 -2.92 -6.93
C GLU A 33 6.95 -3.35 -5.55
N VAL A 34 6.05 -3.98 -4.79
CA VAL A 34 6.41 -4.45 -3.46
C VAL A 34 5.72 -5.79 -3.20
N THR A 35 6.46 -6.69 -2.57
CA THR A 35 5.93 -8.00 -2.25
C THR A 35 4.90 -7.91 -1.13
N LEU A 36 3.80 -8.62 -1.31
CA LEU A 36 2.74 -8.62 -0.31
C LEU A 36 2.32 -10.06 -0.03
N GLN A 37 1.70 -10.25 1.13
CA GLN A 37 1.24 -11.58 1.54
C GLN A 37 -0.28 -11.64 1.52
N GLN A 38 -0.79 -12.86 1.50
CA GLN A 38 -2.23 -13.06 1.48
C GLN A 38 -2.85 -12.52 2.77
N ALA A 39 -3.87 -11.69 2.60
CA ALA A 39 -4.55 -11.09 3.73
C ALA A 39 -3.63 -10.08 4.41
N ASP A 40 -3.04 -9.23 3.59
CA ASP A 40 -2.13 -8.21 4.09
C ASP A 40 -2.80 -6.84 3.96
N VAL A 41 -2.37 -5.93 4.83
CA VAL A 41 -2.92 -4.58 4.82
C VAL A 41 -1.88 -3.62 4.26
N VAL A 42 -2.36 -2.66 3.48
CA VAL A 42 -1.49 -1.68 2.86
C VAL A 42 -2.20 -0.32 2.82
N LEU A 43 -1.51 0.70 3.33
CA LEU A 43 -2.06 2.03 3.36
C LEU A 43 -1.76 2.74 2.03
N VAL A 44 -2.81 2.93 1.25
CA VAL A 44 -2.67 3.58 -0.04
C VAL A 44 -2.09 4.99 0.17
N LEU A 45 -1.19 5.37 -0.73
CA LEU A 45 -0.57 6.67 -0.66
C LEU A 45 -0.89 7.45 -1.94
N GLN A 46 -0.85 6.75 -3.06
CA GLN A 46 -1.13 7.37 -4.34
C GLN A 46 -1.93 6.40 -5.23
N GLN A 47 -3.10 6.86 -5.65
CA GLN A 47 -3.96 6.05 -6.49
C GLN A 47 -3.80 6.46 -7.95
N GLU A 48 -3.28 5.54 -8.75
CA GLU A 48 -3.06 5.80 -10.16
C GLU A 48 -3.81 4.74 -11.01
N ASP A 49 -4.78 5.23 -11.77
CA ASP A 49 -5.56 4.35 -12.62
C ASP A 49 -4.64 3.30 -13.24
N GLY A 50 -4.70 2.10 -12.70
CA GLY A 50 -3.89 1.00 -13.20
C GLY A 50 -3.11 0.34 -12.05
N TRP A 51 -2.59 1.17 -11.17
CA TRP A 51 -1.82 0.68 -10.04
C TRP A 51 -2.16 1.56 -8.82
N LEU A 52 -2.14 0.92 -7.66
CA LEU A 52 -2.43 1.63 -6.42
C LEU A 52 -1.21 1.59 -5.51
N TYR A 53 -0.70 2.76 -5.20
CA TYR A 53 0.46 2.87 -4.33
C TYR A 53 0.05 3.02 -2.87
N GLY A 54 0.82 2.39 -2.00
CA GLY A 54 0.54 2.45 -0.57
C GLY A 54 1.75 1.99 0.24
N GLU A 55 1.54 1.85 1.54
CA GLU A 55 2.60 1.43 2.44
C GLU A 55 2.16 0.19 3.23
N ARG A 56 3.01 -0.82 3.21
CA ARG A 56 2.72 -2.05 3.93
C ARG A 56 2.86 -1.84 5.43
N LEU A 57 1.73 -1.92 6.11
CA LEU A 57 1.71 -1.74 7.56
C LEU A 57 2.56 -2.82 8.21
N ARG A 58 2.87 -3.85 7.42
CA ARG A 58 3.67 -4.95 7.92
C ARG A 58 5.02 -4.44 8.45
N ASP A 59 5.82 -3.93 7.53
CA ASP A 59 7.13 -3.40 7.89
C ASP A 59 7.18 -1.90 7.57
N GLY A 60 6.35 -1.51 6.61
CA GLY A 60 6.30 -0.11 6.20
C GLY A 60 6.74 0.05 4.75
N GLU A 61 7.09 -1.07 4.14
CA GLU A 61 7.54 -1.07 2.76
C GLU A 61 6.53 -0.34 1.88
N THR A 62 7.02 0.65 1.15
CA THR A 62 6.17 1.42 0.26
C THR A 62 6.48 1.10 -1.20
N GLY A 63 5.49 0.53 -1.87
CA GLY A 63 5.64 0.17 -3.27
C GLY A 63 4.33 0.33 -4.03
N TRP A 64 4.35 -0.08 -5.29
CA TRP A 64 3.17 0.01 -6.13
C TRP A 64 2.47 -1.35 -6.13
N PHE A 65 1.22 -1.35 -5.69
CA PHE A 65 0.45 -2.58 -5.63
C PHE A 65 -0.85 -2.44 -6.43
N PRO A 66 -1.11 -3.48 -7.27
CA PRO A 66 -2.30 -3.48 -8.11
C PRO A 66 -3.55 -3.80 -7.27
N GLU A 67 -4.68 -3.31 -7.75
CA GLU A 67 -5.94 -3.53 -7.06
C GLU A 67 -6.39 -4.98 -7.23
N ASP A 68 -6.11 -5.53 -8.41
CA ASP A 68 -6.47 -6.90 -8.71
C ASP A 68 -5.96 -7.81 -7.59
N PHE A 69 -4.94 -7.34 -6.90
CA PHE A 69 -4.34 -8.10 -5.82
C PHE A 69 -4.65 -7.45 -4.46
N ALA A 70 -5.79 -6.79 -4.40
CA ALA A 70 -6.21 -6.13 -3.18
C ALA A 70 -7.72 -5.86 -3.24
N ARG A 71 -8.27 -5.55 -2.08
CA ARG A 71 -9.70 -5.27 -1.99
C ARG A 71 -9.94 -4.00 -1.18
N PHE A 72 -10.36 -2.96 -1.88
CA PHE A 72 -10.63 -1.68 -1.24
C PHE A 72 -11.59 -1.85 -0.05
N ILE A 73 -11.17 -1.32 1.09
CA ILE A 73 -11.98 -1.42 2.29
C ILE A 73 -12.51 -0.03 2.64
N SER A 74 -13.78 0.19 2.32
CA SER A 74 -14.43 1.46 2.59
C SER A 74 -13.94 2.51 1.59
N GLY A 75 -14.20 2.22 0.32
CA GLY A 75 -13.80 3.14 -0.75
C GLY A 75 -14.40 2.69 -2.08
N PRO A 76 -14.45 3.67 -3.04
CA PRO A 76 -14.99 3.40 -4.36
C PRO A 76 -14.00 2.59 -5.20
N SER A 77 -14.50 2.08 -6.31
CA SER A 77 -13.68 1.29 -7.20
C SER A 77 -12.80 2.21 -8.06
N SER A 78 -11.80 1.60 -8.70
CA SER A 78 -10.90 2.35 -9.55
C SER A 78 -10.96 1.81 -10.98
N GLY A 79 -11.51 2.64 -11.86
CA GLY A 79 -11.62 2.26 -13.26
C GLY A 79 -11.09 3.37 -14.17
N GLY A 1 6.50 -6.51 20.62
CA GLY A 1 6.28 -5.18 21.17
C GLY A 1 6.19 -4.13 20.06
N SER A 2 7.09 -3.17 20.13
CA SER A 2 7.12 -2.11 19.13
C SER A 2 8.29 -1.15 19.42
N SER A 3 9.23 -1.12 18.48
CA SER A 3 10.39 -0.27 18.62
C SER A 3 10.75 0.35 17.27
N GLY A 4 11.25 1.58 17.33
CA GLY A 4 11.64 2.29 16.13
C GLY A 4 10.41 2.78 15.36
N SER A 5 9.81 3.84 15.87
CA SER A 5 8.63 4.41 15.25
C SER A 5 8.29 5.76 15.89
N SER A 6 7.53 6.55 15.16
CA SER A 6 7.13 7.86 15.65
C SER A 6 5.88 8.34 14.91
N GLY A 7 6.00 8.43 13.59
CA GLY A 7 4.90 8.86 12.76
C GLY A 7 4.44 10.27 13.16
N TRP A 8 3.22 10.60 12.75
CA TRP A 8 2.66 11.90 13.05
C TRP A 8 1.15 11.74 13.21
N GLN A 9 0.71 11.88 14.46
CA GLN A 9 -0.71 11.75 14.76
C GLN A 9 -1.54 12.54 13.75
N GLY A 10 -1.44 13.85 13.84
CA GLY A 10 -2.17 14.73 12.93
C GLY A 10 -1.74 14.51 11.49
N LEU A 11 -1.63 15.62 10.76
CA LEU A 11 -1.23 15.56 9.37
C LEU A 11 -2.38 14.99 8.53
N SER A 12 -2.85 15.80 7.59
CA SER A 12 -3.94 15.40 6.73
C SER A 12 -3.57 14.12 5.97
N SER A 13 -2.27 13.85 5.94
CA SER A 13 -1.76 12.67 5.26
C SER A 13 -1.56 11.53 6.26
N LYS A 14 -1.34 10.35 5.73
CA LYS A 14 -1.13 9.17 6.56
C LYS A 14 -1.96 9.32 7.83
N GLY A 15 -3.20 8.87 7.75
CA GLY A 15 -4.09 8.94 8.90
C GLY A 15 -5.45 8.31 8.57
N ASP A 16 -6.21 9.01 7.75
CA ASP A 16 -7.52 8.53 7.34
C ASP A 16 -7.49 8.13 5.87
N LEU A 17 -6.31 7.68 5.44
CA LEU A 17 -6.14 7.26 4.06
C LEU A 17 -6.83 5.91 3.85
N PRO A 18 -7.03 5.57 2.55
CA PRO A 18 -7.67 4.31 2.20
C PRO A 18 -6.72 3.13 2.40
N GLN A 19 -7.30 1.94 2.44
CA GLN A 19 -6.52 0.73 2.63
C GLN A 19 -7.16 -0.44 1.87
N VAL A 20 -6.30 -1.36 1.45
CA VAL A 20 -6.78 -2.53 0.72
C VAL A 20 -6.08 -3.77 1.26
N GLU A 21 -6.87 -4.83 1.42
CA GLU A 21 -6.35 -6.08 1.94
C GLU A 21 -5.94 -7.00 0.78
N ILE A 22 -4.65 -7.32 0.75
CA ILE A 22 -4.12 -8.18 -0.29
C ILE A 22 -4.73 -9.58 -0.16
N THR A 23 -5.61 -9.90 -1.10
CA THR A 23 -6.27 -11.19 -1.09
C THR A 23 -5.25 -12.31 -1.32
N LYS A 24 -4.26 -12.00 -2.14
CA LYS A 24 -3.21 -12.98 -2.44
C LYS A 24 -1.87 -12.25 -2.59
N ALA A 25 -0.82 -12.96 -2.21
CA ALA A 25 0.52 -12.40 -2.29
C ALA A 25 0.71 -11.72 -3.64
N PHE A 26 1.67 -10.79 -3.68
CA PHE A 26 1.95 -10.06 -4.92
C PHE A 26 3.45 -9.85 -5.08
N PHE A 27 4.10 -10.85 -5.66
CA PHE A 27 5.53 -10.79 -5.88
C PHE A 27 5.89 -9.62 -6.79
N ALA A 28 6.57 -8.64 -6.20
CA ALA A 28 6.98 -7.45 -6.94
C ALA A 28 8.02 -7.85 -7.98
N LYS A 29 7.81 -7.36 -9.20
CA LYS A 29 8.72 -7.66 -10.29
C LYS A 29 9.49 -6.38 -10.66
N GLN A 30 8.85 -5.25 -10.45
CA GLN A 30 9.46 -3.97 -10.75
C GLN A 30 10.22 -3.45 -9.53
N ALA A 31 10.85 -2.30 -9.73
CA ALA A 31 11.62 -1.69 -8.65
C ALA A 31 10.72 -0.74 -7.86
N ASP A 32 9.50 -0.59 -8.34
CA ASP A 32 8.53 0.27 -7.69
C ASP A 32 7.48 -0.57 -6.99
N GLU A 33 7.45 -1.85 -7.36
CA GLU A 33 6.49 -2.78 -6.78
C GLU A 33 6.99 -3.27 -5.42
N VAL A 34 6.06 -3.80 -4.64
CA VAL A 34 6.40 -4.31 -3.32
C VAL A 34 5.72 -5.67 -3.12
N THR A 35 6.46 -6.58 -2.50
CA THR A 35 5.94 -7.91 -2.23
C THR A 35 4.91 -7.86 -1.09
N LEU A 36 3.80 -8.54 -1.33
CA LEU A 36 2.74 -8.59 -0.33
C LEU A 36 2.33 -10.06 -0.10
N GLN A 37 1.67 -10.28 1.03
CA GLN A 37 1.23 -11.61 1.39
C GLN A 37 -0.30 -11.68 1.38
N GLN A 38 -0.81 -12.88 1.62
CA GLN A 38 -2.24 -13.09 1.65
C GLN A 38 -2.85 -12.50 2.93
N ALA A 39 -3.85 -11.66 2.74
CA ALA A 39 -4.52 -11.03 3.86
C ALA A 39 -3.59 -9.97 4.47
N ASP A 40 -3.01 -9.17 3.59
CA ASP A 40 -2.09 -8.12 4.02
C ASP A 40 -2.74 -6.76 3.75
N VAL A 41 -2.65 -5.89 4.75
CA VAL A 41 -3.22 -4.56 4.64
C VAL A 41 -2.13 -3.59 4.16
N VAL A 42 -2.53 -2.70 3.27
CA VAL A 42 -1.61 -1.71 2.74
C VAL A 42 -2.28 -0.34 2.72
N LEU A 43 -1.56 0.65 3.21
CA LEU A 43 -2.07 2.00 3.25
C LEU A 43 -1.76 2.71 1.93
N VAL A 44 -2.82 2.94 1.16
CA VAL A 44 -2.67 3.60 -0.12
C VAL A 44 -2.08 4.99 0.08
N LEU A 45 -1.16 5.35 -0.82
CA LEU A 45 -0.51 6.64 -0.73
C LEU A 45 -0.78 7.42 -2.03
N GLN A 46 -0.72 6.70 -3.14
CA GLN A 46 -0.95 7.31 -4.44
C GLN A 46 -1.77 6.37 -5.32
N GLN A 47 -2.96 6.83 -5.68
CA GLN A 47 -3.85 6.04 -6.51
C GLN A 47 -3.66 6.42 -7.99
N GLU A 48 -3.16 5.45 -8.75
CA GLU A 48 -2.92 5.66 -10.16
C GLU A 48 -3.70 4.64 -10.99
N ASP A 49 -4.64 5.15 -11.77
CA ASP A 49 -5.46 4.30 -12.61
C ASP A 49 -4.60 3.18 -13.20
N GLY A 50 -4.71 2.00 -12.62
CA GLY A 50 -3.95 0.85 -13.08
C GLY A 50 -3.14 0.24 -11.93
N TRP A 51 -2.50 1.11 -11.18
CA TRP A 51 -1.69 0.66 -10.06
C TRP A 51 -2.02 1.56 -8.86
N LEU A 52 -2.09 0.93 -7.69
CA LEU A 52 -2.39 1.65 -6.46
C LEU A 52 -1.18 1.60 -5.53
N TYR A 53 -0.61 2.76 -5.28
CA TYR A 53 0.54 2.87 -4.41
C TYR A 53 0.12 3.02 -2.95
N GLY A 54 0.89 2.39 -2.07
CA GLY A 54 0.60 2.45 -0.65
C GLY A 54 1.80 1.99 0.17
N GLU A 55 1.58 1.82 1.46
CA GLU A 55 2.63 1.38 2.36
C GLU A 55 2.16 0.19 3.20
N ARG A 56 2.96 -0.86 3.19
CA ARG A 56 2.63 -2.06 3.93
C ARG A 56 2.73 -1.79 5.44
N LEU A 57 1.60 -1.91 6.10
CA LEU A 57 1.53 -1.68 7.54
C LEU A 57 2.35 -2.76 8.25
N ARG A 58 2.72 -3.79 7.49
CA ARG A 58 3.48 -4.89 8.04
C ARG A 58 4.85 -4.40 8.53
N ASP A 59 5.65 -3.93 7.59
CA ASP A 59 6.97 -3.42 7.92
C ASP A 59 7.02 -1.92 7.64
N GLY A 60 6.16 -1.48 6.72
CA GLY A 60 6.09 -0.09 6.36
C GLY A 60 6.61 0.14 4.94
N GLU A 61 6.97 -0.96 4.30
CA GLU A 61 7.47 -0.90 2.93
C GLU A 61 6.46 -0.20 2.02
N THR A 62 6.95 0.81 1.31
CA THR A 62 6.11 1.56 0.40
C THR A 62 6.45 1.22 -1.05
N GLY A 63 5.47 0.63 -1.72
CA GLY A 63 5.65 0.24 -3.12
C GLY A 63 4.34 0.36 -3.89
N TRP A 64 4.39 -0.08 -5.13
CA TRP A 64 3.22 -0.02 -6.00
C TRP A 64 2.53 -1.39 -5.94
N PHE A 65 1.21 -1.34 -5.84
CA PHE A 65 0.42 -2.56 -5.77
C PHE A 65 -0.88 -2.42 -6.57
N PRO A 66 -1.15 -3.45 -7.41
CA PRO A 66 -2.35 -3.45 -8.24
C PRO A 66 -3.59 -3.76 -7.40
N GLU A 67 -4.71 -3.19 -7.82
CA GLU A 67 -5.96 -3.41 -7.12
C GLU A 67 -6.43 -4.85 -7.28
N ASP A 68 -6.17 -5.40 -8.45
CA ASP A 68 -6.54 -6.77 -8.75
C ASP A 68 -6.05 -7.69 -7.63
N PHE A 69 -5.01 -7.22 -6.95
CA PHE A 69 -4.42 -7.98 -5.86
C PHE A 69 -4.71 -7.32 -4.51
N ALA A 70 -5.90 -6.74 -4.42
CA ALA A 70 -6.31 -6.07 -3.19
C ALA A 70 -7.79 -5.68 -3.30
N ARG A 71 -8.37 -5.38 -2.15
CA ARG A 71 -9.76 -4.99 -2.10
C ARG A 71 -9.96 -3.83 -1.12
N PHE A 72 -10.64 -2.80 -1.60
CA PHE A 72 -10.90 -1.62 -0.78
C PHE A 72 -11.84 -1.96 0.37
N ILE A 73 -11.27 -2.02 1.57
CA ILE A 73 -12.05 -2.32 2.75
C ILE A 73 -13.18 -1.31 2.90
N SER A 74 -12.80 -0.08 3.18
CA SER A 74 -13.77 0.99 3.34
C SER A 74 -13.19 2.31 2.83
N GLY A 75 -13.62 2.67 1.62
CA GLY A 75 -13.16 3.91 1.00
C GLY A 75 -14.26 4.54 0.15
N PRO A 76 -14.47 3.95 -1.06
CA PRO A 76 -15.49 4.44 -1.97
C PRO A 76 -16.88 4.06 -1.49
N SER A 77 -17.86 4.84 -1.92
CA SER A 77 -19.25 4.59 -1.56
C SER A 77 -19.90 3.65 -2.57
N SER A 78 -19.89 4.07 -3.81
CA SER A 78 -20.48 3.27 -4.88
C SER A 78 -21.98 3.11 -4.65
N GLY A 79 -22.72 3.10 -5.75
CA GLY A 79 -24.16 2.95 -5.69
C GLY A 79 -24.86 4.32 -5.73
N GLY A 1 24.63 -5.64 8.02
CA GLY A 1 23.56 -5.79 9.00
C GLY A 1 23.03 -4.42 9.45
N SER A 2 21.81 -4.44 9.96
CA SER A 2 21.17 -3.21 10.42
C SER A 2 21.01 -2.24 9.26
N SER A 3 19.79 -1.76 9.10
CA SER A 3 19.48 -0.81 8.03
C SER A 3 18.06 -0.28 8.19
N GLY A 4 17.79 0.80 7.48
CA GLY A 4 16.47 1.42 7.54
C GLY A 4 16.24 2.12 8.87
N SER A 5 15.88 3.39 8.79
CA SER A 5 15.62 4.18 9.98
C SER A 5 14.85 5.45 9.62
N SER A 6 15.44 6.24 8.74
CA SER A 6 14.82 7.48 8.30
C SER A 6 13.74 7.18 7.26
N GLY A 7 12.92 8.19 7.00
CA GLY A 7 11.84 8.04 6.04
C GLY A 7 11.64 9.34 5.25
N TRP A 8 10.38 9.69 5.06
CA TRP A 8 10.03 10.90 4.33
C TRP A 8 10.00 12.05 5.32
N GLN A 9 11.15 12.67 5.51
CA GLN A 9 11.27 13.79 6.44
C GLN A 9 10.11 14.76 6.23
N GLY A 10 10.01 15.28 5.01
CA GLY A 10 8.95 16.21 4.69
C GLY A 10 7.62 15.48 4.46
N LEU A 11 6.92 15.90 3.43
CA LEU A 11 5.64 15.29 3.09
C LEU A 11 4.76 15.25 4.35
N SER A 12 4.26 16.41 4.72
CA SER A 12 3.41 16.51 5.90
C SER A 12 1.95 16.72 5.48
N SER A 13 1.32 15.60 5.11
CA SER A 13 -0.07 15.64 4.69
C SER A 13 -0.64 14.23 4.66
N LYS A 14 -1.18 13.81 5.81
CA LYS A 14 -1.76 12.50 5.92
C LYS A 14 -2.99 12.56 6.84
N GLY A 15 -3.92 11.64 6.62
CA GLY A 15 -5.12 11.58 7.41
C GLY A 15 -5.69 10.17 7.45
N ASP A 16 -6.80 9.98 6.74
CA ASP A 16 -7.44 8.69 6.69
C ASP A 16 -7.47 8.19 5.25
N LEU A 17 -6.30 7.85 4.75
CA LEU A 17 -6.16 7.37 3.39
C LEU A 17 -6.89 6.02 3.26
N PRO A 18 -7.14 5.63 1.99
CA PRO A 18 -7.82 4.37 1.71
C PRO A 18 -6.89 3.19 1.93
N GLN A 19 -7.47 2.08 2.39
CA GLN A 19 -6.69 0.88 2.65
C GLN A 19 -7.29 -0.30 1.87
N VAL A 20 -6.41 -1.22 1.50
CA VAL A 20 -6.83 -2.39 0.76
C VAL A 20 -6.12 -3.63 1.32
N GLU A 21 -6.86 -4.71 1.39
CA GLU A 21 -6.32 -5.96 1.91
C GLU A 21 -5.92 -6.88 0.76
N ILE A 22 -4.63 -7.17 0.71
CA ILE A 22 -4.10 -8.03 -0.34
C ILE A 22 -4.73 -9.41 -0.22
N THR A 23 -5.45 -9.79 -1.27
CA THR A 23 -6.11 -11.09 -1.30
C THR A 23 -5.09 -12.20 -1.57
N LYS A 24 -4.20 -11.93 -2.51
CA LYS A 24 -3.18 -12.89 -2.86
C LYS A 24 -1.79 -12.23 -2.78
N ALA A 25 -0.79 -13.05 -2.52
CA ALA A 25 0.57 -12.56 -2.40
C ALA A 25 1.03 -12.02 -3.75
N PHE A 26 1.40 -10.75 -3.76
CA PHE A 26 1.86 -10.10 -4.97
C PHE A 26 3.38 -10.16 -5.08
N PHE A 27 3.86 -10.52 -6.26
CA PHE A 27 5.28 -10.61 -6.51
C PHE A 27 5.76 -9.45 -7.39
N ALA A 28 6.42 -8.49 -6.74
CA ALA A 28 6.94 -7.33 -7.45
C ALA A 28 7.55 -7.79 -8.78
N LYS A 29 7.27 -7.02 -9.81
CA LYS A 29 7.80 -7.33 -11.14
C LYS A 29 8.75 -6.22 -11.57
N GLN A 30 8.40 -4.99 -11.20
CA GLN A 30 9.21 -3.84 -11.55
C GLN A 30 10.11 -3.46 -10.37
N ALA A 31 10.94 -2.45 -10.61
CA ALA A 31 11.85 -1.98 -9.59
C ALA A 31 11.11 -1.04 -8.64
N ASP A 32 9.89 -0.70 -9.03
CA ASP A 32 9.06 0.18 -8.24
C ASP A 32 7.82 -0.57 -7.76
N GLU A 33 8.06 -1.75 -7.22
CA GLU A 33 6.97 -2.59 -6.72
C GLU A 33 7.34 -3.17 -5.36
N VAL A 34 6.32 -3.66 -4.67
CA VAL A 34 6.51 -4.24 -3.35
C VAL A 34 5.72 -5.55 -3.26
N THR A 35 6.39 -6.57 -2.73
CA THR A 35 5.77 -7.88 -2.59
C THR A 35 4.88 -7.91 -1.35
N LEU A 36 3.66 -8.40 -1.54
CA LEU A 36 2.71 -8.49 -0.45
C LEU A 36 2.27 -9.95 -0.28
N GLN A 37 1.65 -10.23 0.86
CA GLN A 37 1.18 -11.56 1.15
C GLN A 37 -0.35 -11.58 1.19
N GLN A 38 -0.90 -12.79 1.28
CA GLN A 38 -2.34 -12.95 1.34
C GLN A 38 -2.88 -12.45 2.67
N ALA A 39 -3.87 -11.57 2.58
CA ALA A 39 -4.48 -11.00 3.76
C ALA A 39 -3.51 -10.00 4.40
N ASP A 40 -2.99 -9.12 3.57
CA ASP A 40 -2.05 -8.11 4.04
C ASP A 40 -2.69 -6.72 3.89
N VAL A 41 -2.43 -5.88 4.89
CA VAL A 41 -2.96 -4.53 4.87
C VAL A 41 -1.91 -3.57 4.30
N VAL A 42 -2.37 -2.66 3.46
CA VAL A 42 -1.49 -1.69 2.84
C VAL A 42 -2.18 -0.32 2.81
N LEU A 43 -1.46 0.68 3.29
CA LEU A 43 -1.99 2.03 3.33
C LEU A 43 -1.71 2.72 2.00
N VAL A 44 -2.78 2.93 1.23
CA VAL A 44 -2.65 3.57 -0.07
C VAL A 44 -2.09 4.98 0.12
N LEU A 45 -1.12 5.32 -0.73
CA LEU A 45 -0.49 6.63 -0.66
C LEU A 45 -0.79 7.39 -1.96
N GLN A 46 -0.71 6.67 -3.07
CA GLN A 46 -0.95 7.27 -4.36
C GLN A 46 -1.82 6.35 -5.22
N GLN A 47 -3.05 6.78 -5.45
CA GLN A 47 -3.98 6.00 -6.24
C GLN A 47 -3.82 6.32 -7.73
N GLU A 48 -3.30 5.36 -8.46
CA GLU A 48 -3.08 5.52 -9.89
C GLU A 48 -3.93 4.52 -10.67
N ASP A 49 -4.46 4.99 -11.79
CA ASP A 49 -5.29 4.15 -12.64
C ASP A 49 -4.43 3.01 -13.21
N GLY A 50 -4.60 1.83 -12.62
CA GLY A 50 -3.86 0.67 -13.05
C GLY A 50 -3.02 0.09 -11.91
N TRP A 51 -2.51 1.00 -11.08
CA TRP A 51 -1.70 0.59 -9.94
C TRP A 51 -2.03 1.52 -8.77
N LEU A 52 -2.08 0.92 -7.59
CA LEU A 52 -2.39 1.66 -6.39
C LEU A 52 -1.18 1.63 -5.44
N TYR A 53 -0.57 2.79 -5.26
CA TYR A 53 0.58 2.90 -4.39
C TYR A 53 0.16 3.06 -2.93
N GLY A 54 0.91 2.41 -2.06
CA GLY A 54 0.63 2.46 -0.63
C GLY A 54 1.84 2.02 0.19
N GLU A 55 1.60 1.86 1.49
CA GLU A 55 2.67 1.44 2.38
C GLU A 55 2.22 0.23 3.21
N ARG A 56 2.96 -0.86 3.07
CA ARG A 56 2.64 -2.08 3.79
C ARG A 56 2.78 -1.85 5.31
N LEU A 57 1.66 -1.96 6.00
CA LEU A 57 1.64 -1.77 7.43
C LEU A 57 2.52 -2.83 8.10
N ARG A 58 2.67 -3.96 7.39
CA ARG A 58 3.47 -5.05 7.90
C ARG A 58 4.78 -4.51 8.50
N ASP A 59 5.61 -3.97 7.63
CA ASP A 59 6.89 -3.42 8.06
C ASP A 59 6.93 -1.92 7.73
N GLY A 60 6.16 -1.55 6.71
CA GLY A 60 6.09 -0.16 6.29
C GLY A 60 6.67 0.01 4.89
N GLU A 61 6.70 -1.08 4.16
CA GLU A 61 7.23 -1.07 2.80
C GLU A 61 6.27 -0.32 1.87
N THR A 62 6.82 0.69 1.20
CA THR A 62 6.03 1.49 0.28
C THR A 62 6.39 1.14 -1.17
N GLY A 63 5.41 0.56 -1.86
CA GLY A 63 5.61 0.18 -3.24
C GLY A 63 4.31 0.32 -4.04
N TRP A 64 4.37 -0.11 -5.29
CA TRP A 64 3.21 -0.04 -6.17
C TRP A 64 2.51 -1.39 -6.14
N PHE A 65 1.23 -1.37 -5.79
CA PHE A 65 0.44 -2.58 -5.73
C PHE A 65 -0.86 -2.44 -6.51
N PRO A 66 -1.15 -3.47 -7.35
CA PRO A 66 -2.36 -3.46 -8.15
C PRO A 66 -3.59 -3.76 -7.29
N GLU A 67 -4.72 -3.23 -7.73
CA GLU A 67 -5.97 -3.43 -7.01
C GLU A 67 -6.45 -4.87 -7.19
N ASP A 68 -6.20 -5.40 -8.37
CA ASP A 68 -6.61 -6.77 -8.68
C ASP A 68 -6.10 -7.70 -7.59
N PHE A 69 -5.01 -7.29 -6.96
CA PHE A 69 -4.42 -8.09 -5.88
C PHE A 69 -4.78 -7.50 -4.52
N ALA A 70 -5.87 -6.75 -4.50
CA ALA A 70 -6.32 -6.13 -3.26
C ALA A 70 -7.83 -5.88 -3.34
N ARG A 71 -8.41 -5.51 -2.21
CA ARG A 71 -9.83 -5.24 -2.14
C ARG A 71 -10.09 -3.99 -1.30
N PHE A 72 -10.54 -2.95 -1.98
CA PHE A 72 -10.84 -1.70 -1.30
C PHE A 72 -11.77 -1.91 -0.11
N ILE A 73 -11.18 -1.93 1.07
CA ILE A 73 -11.95 -2.13 2.30
C ILE A 73 -13.04 -1.05 2.39
N SER A 74 -12.58 0.19 2.44
CA SER A 74 -13.50 1.31 2.54
C SER A 74 -12.83 2.58 2.00
N GLY A 75 -13.62 3.37 1.28
CA GLY A 75 -13.12 4.61 0.71
C GLY A 75 -14.28 5.49 0.22
N PRO A 76 -14.13 6.81 0.46
CA PRO A 76 -15.15 7.77 0.05
C PRO A 76 -15.10 8.01 -1.47
N SER A 77 -15.54 7.00 -2.20
CA SER A 77 -15.56 7.09 -3.65
C SER A 77 -16.97 7.39 -4.16
N SER A 78 -17.87 6.45 -3.87
CA SER A 78 -19.26 6.61 -4.28
C SER A 78 -19.33 6.88 -5.79
N GLY A 79 -19.22 5.81 -6.56
CA GLY A 79 -19.27 5.91 -8.00
C GLY A 79 -19.55 4.56 -8.65
N GLY A 1 19.97 -4.27 15.30
CA GLY A 1 18.65 -3.94 15.78
C GLY A 1 17.81 -3.29 14.68
N SER A 2 17.33 -2.09 14.96
CA SER A 2 16.52 -1.36 14.00
C SER A 2 17.30 -0.17 13.44
N SER A 3 16.77 0.40 12.37
CA SER A 3 17.41 1.53 11.73
C SER A 3 16.61 2.80 12.01
N GLY A 4 17.27 3.93 11.80
CA GLY A 4 16.63 5.22 12.03
C GLY A 4 15.40 5.39 11.13
N SER A 5 15.67 5.75 9.88
CA SER A 5 14.61 5.96 8.92
C SER A 5 13.70 7.11 9.37
N SER A 6 12.80 7.50 8.48
CA SER A 6 11.87 8.58 8.77
C SER A 6 12.65 9.86 9.06
N GLY A 7 11.95 10.98 8.94
CA GLY A 7 12.56 12.27 9.19
C GLY A 7 11.53 13.27 9.73
N TRP A 8 10.59 13.62 8.87
CA TRP A 8 9.53 14.55 9.24
C TRP A 8 8.53 13.82 10.12
N GLN A 9 8.79 13.87 11.43
CA GLN A 9 7.91 13.22 12.39
C GLN A 9 6.51 13.82 12.32
N GLY A 10 6.45 15.14 12.44
CA GLY A 10 5.19 15.84 12.40
C GLY A 10 4.84 16.26 10.98
N LEU A 11 3.85 15.58 10.42
CA LEU A 11 3.42 15.87 9.06
C LEU A 11 1.88 15.98 9.04
N SER A 12 1.40 16.80 8.12
CA SER A 12 -0.04 17.01 7.98
C SER A 12 -0.46 16.77 6.52
N SER A 13 -0.91 15.55 6.26
CA SER A 13 -1.35 15.19 4.92
C SER A 13 -2.05 13.82 4.95
N LYS A 14 -1.28 12.82 5.34
CA LYS A 14 -1.80 11.47 5.42
C LYS A 14 -2.49 11.27 6.77
N GLY A 15 -3.55 10.46 6.75
CA GLY A 15 -4.29 10.19 7.96
C GLY A 15 -5.14 8.92 7.80
N ASP A 16 -6.41 9.14 7.47
CA ASP A 16 -7.33 8.03 7.29
C ASP A 16 -7.30 7.58 5.82
N LEU A 17 -6.09 7.46 5.29
CA LEU A 17 -5.91 7.05 3.92
C LEU A 17 -6.63 5.72 3.69
N PRO A 18 -6.87 5.42 2.39
CA PRO A 18 -7.55 4.18 2.02
C PRO A 18 -6.62 2.98 2.16
N GLN A 19 -7.18 1.91 2.72
CA GLN A 19 -6.41 0.69 2.92
C GLN A 19 -7.07 -0.48 2.20
N VAL A 20 -6.25 -1.27 1.52
CA VAL A 20 -6.74 -2.41 0.79
C VAL A 20 -6.08 -3.69 1.33
N GLU A 21 -6.88 -4.74 1.42
CA GLU A 21 -6.38 -6.01 1.92
C GLU A 21 -6.00 -6.92 0.76
N ILE A 22 -4.73 -7.31 0.75
CA ILE A 22 -4.22 -8.18 -0.30
C ILE A 22 -4.87 -9.56 -0.17
N THR A 23 -5.38 -10.05 -1.28
CA THR A 23 -6.02 -11.35 -1.31
C THR A 23 -4.99 -12.45 -1.58
N LYS A 24 -3.91 -12.06 -2.24
CA LYS A 24 -2.86 -13.00 -2.56
C LYS A 24 -1.53 -12.24 -2.65
N ALA A 25 -0.47 -12.92 -2.21
CA ALA A 25 0.86 -12.34 -2.23
C ALA A 25 1.13 -11.76 -3.61
N PHE A 26 1.73 -10.57 -3.62
CA PHE A 26 2.06 -9.90 -4.87
C PHE A 26 3.58 -9.72 -5.01
N PHE A 27 4.22 -10.76 -5.53
CA PHE A 27 5.65 -10.73 -5.73
C PHE A 27 6.06 -9.54 -6.61
N ALA A 28 6.81 -8.64 -6.01
CA ALA A 28 7.28 -7.45 -6.73
C ALA A 28 8.24 -7.88 -7.84
N LYS A 29 8.03 -7.32 -9.01
CA LYS A 29 8.88 -7.63 -10.15
C LYS A 29 9.78 -6.43 -10.46
N GLN A 30 9.23 -5.25 -10.23
CA GLN A 30 9.98 -4.02 -10.48
C GLN A 30 10.62 -3.53 -9.18
N ALA A 31 11.21 -2.34 -9.27
CA ALA A 31 11.86 -1.74 -8.11
C ALA A 31 10.87 -0.81 -7.40
N ASP A 32 9.74 -0.59 -8.06
CA ASP A 32 8.71 0.28 -7.51
C ASP A 32 7.63 -0.58 -6.86
N GLU A 33 7.67 -1.87 -7.17
CA GLU A 33 6.70 -2.79 -6.62
C GLU A 33 7.14 -3.28 -5.24
N VAL A 34 6.18 -3.77 -4.48
CA VAL A 34 6.46 -4.26 -3.15
C VAL A 34 5.78 -5.62 -2.96
N THR A 35 6.53 -6.55 -2.37
CA THR A 35 6.01 -7.89 -2.13
C THR A 35 4.99 -7.87 -1.00
N LEU A 36 3.86 -8.51 -1.25
CA LEU A 36 2.79 -8.58 -0.26
C LEU A 36 2.41 -10.04 -0.01
N GLN A 37 1.60 -10.24 1.01
CA GLN A 37 1.15 -11.59 1.36
C GLN A 37 -0.37 -11.65 1.39
N GLN A 38 -0.88 -12.87 1.52
CA GLN A 38 -2.31 -13.08 1.56
C GLN A 38 -2.90 -12.46 2.84
N ALA A 39 -3.93 -11.65 2.64
CA ALA A 39 -4.59 -10.99 3.76
C ALA A 39 -3.64 -9.97 4.37
N ASP A 40 -3.08 -9.14 3.50
CA ASP A 40 -2.15 -8.11 3.93
C ASP A 40 -2.77 -6.74 3.69
N VAL A 41 -2.70 -5.90 4.72
CA VAL A 41 -3.25 -4.55 4.63
C VAL A 41 -2.16 -3.59 4.18
N VAL A 42 -2.54 -2.67 3.31
CA VAL A 42 -1.61 -1.69 2.80
C VAL A 42 -2.27 -0.31 2.78
N LEU A 43 -1.53 0.68 3.25
CA LEU A 43 -2.04 2.04 3.29
C LEU A 43 -1.73 2.73 1.96
N VAL A 44 -2.79 2.97 1.19
CA VAL A 44 -2.65 3.63 -0.09
C VAL A 44 -2.03 5.01 0.11
N LEU A 45 -1.14 5.37 -0.80
CA LEU A 45 -0.48 6.67 -0.72
C LEU A 45 -0.78 7.45 -2.00
N GLN A 46 -0.75 6.74 -3.12
CA GLN A 46 -1.01 7.36 -4.41
C GLN A 46 -1.83 6.41 -5.30
N GLN A 47 -2.98 6.89 -5.72
CA GLN A 47 -3.85 6.09 -6.57
C GLN A 47 -3.68 6.51 -8.04
N GLU A 48 -3.12 5.61 -8.82
CA GLU A 48 -2.90 5.86 -10.23
C GLU A 48 -3.65 4.84 -11.09
N ASP A 49 -4.62 5.34 -11.85
CA ASP A 49 -5.41 4.48 -12.71
C ASP A 49 -4.52 3.40 -13.31
N GLY A 50 -4.62 2.20 -12.76
CA GLY A 50 -3.83 1.08 -13.24
C GLY A 50 -3.09 0.41 -12.09
N TRP A 51 -2.57 1.24 -11.19
CA TRP A 51 -1.83 0.74 -10.05
C TRP A 51 -2.19 1.62 -8.84
N LEU A 52 -2.15 0.99 -7.67
CA LEU A 52 -2.46 1.69 -6.44
C LEU A 52 -1.25 1.65 -5.51
N TYR A 53 -0.67 2.82 -5.27
CA TYR A 53 0.49 2.92 -4.40
C TYR A 53 0.07 3.04 -2.95
N GLY A 54 0.86 2.43 -2.08
CA GLY A 54 0.59 2.46 -0.65
C GLY A 54 1.79 1.95 0.15
N GLU A 55 1.58 1.84 1.46
CA GLU A 55 2.63 1.37 2.34
C GLU A 55 2.11 0.24 3.23
N ARG A 56 2.77 -0.89 3.14
CA ARG A 56 2.39 -2.05 3.93
C ARG A 56 2.53 -1.75 5.42
N LEU A 57 1.39 -1.81 6.11
CA LEU A 57 1.37 -1.54 7.53
C LEU A 57 2.11 -2.66 8.27
N ARG A 58 2.40 -3.72 7.53
CA ARG A 58 3.10 -4.85 8.10
C ARG A 58 4.49 -4.45 8.57
N ASP A 59 5.32 -4.06 7.60
CA ASP A 59 6.68 -3.64 7.90
C ASP A 59 6.82 -2.14 7.61
N GLY A 60 5.98 -1.67 6.70
CA GLY A 60 6.00 -0.27 6.32
C GLY A 60 6.54 -0.09 4.89
N GLU A 61 6.68 -1.22 4.22
CA GLU A 61 7.17 -1.21 2.84
C GLU A 61 6.24 -0.40 1.95
N THR A 62 6.82 0.58 1.27
CA THR A 62 6.05 1.42 0.37
C THR A 62 6.40 1.12 -1.09
N GLY A 63 5.44 0.53 -1.78
CA GLY A 63 5.64 0.17 -3.18
C GLY A 63 4.32 0.30 -3.96
N TRP A 64 4.38 -0.09 -5.22
CA TRP A 64 3.22 -0.03 -6.09
C TRP A 64 2.52 -1.39 -6.03
N PHE A 65 1.23 -1.36 -5.76
CA PHE A 65 0.44 -2.57 -5.67
C PHE A 65 -0.86 -2.44 -6.47
N PRO A 66 -1.13 -3.48 -7.30
CA PRO A 66 -2.32 -3.50 -8.13
C PRO A 66 -3.57 -3.79 -7.29
N GLU A 67 -4.70 -3.29 -7.76
CA GLU A 67 -5.96 -3.50 -7.07
C GLU A 67 -6.42 -4.95 -7.22
N ASP A 68 -6.14 -5.50 -8.39
CA ASP A 68 -6.53 -6.87 -8.68
C ASP A 68 -5.98 -7.79 -7.58
N PHE A 69 -4.97 -7.29 -6.89
CA PHE A 69 -4.35 -8.05 -5.81
C PHE A 69 -4.66 -7.42 -4.45
N ALA A 70 -5.81 -6.76 -4.39
CA ALA A 70 -6.22 -6.11 -3.15
C ALA A 70 -7.72 -5.81 -3.22
N ARG A 71 -8.30 -5.57 -2.05
CA ARG A 71 -9.72 -5.27 -1.97
C ARG A 71 -9.96 -4.04 -1.10
N PHE A 72 -10.42 -2.98 -1.76
CA PHE A 72 -10.70 -1.73 -1.06
C PHE A 72 -11.64 -1.96 0.12
N ILE A 73 -11.04 -2.02 1.31
CA ILE A 73 -11.81 -2.23 2.53
C ILE A 73 -12.84 -1.10 2.67
N SER A 74 -12.34 0.12 2.59
CA SER A 74 -13.20 1.28 2.71
C SER A 74 -12.56 2.49 2.02
N GLY A 75 -13.36 3.15 1.20
CA GLY A 75 -12.88 4.32 0.48
C GLY A 75 -13.94 4.83 -0.50
N PRO A 76 -13.47 5.14 -1.74
CA PRO A 76 -14.37 5.64 -2.77
C PRO A 76 -15.23 4.51 -3.35
N SER A 77 -16.43 4.87 -3.73
CA SER A 77 -17.36 3.91 -4.30
C SER A 77 -17.70 2.83 -3.26
N SER A 78 -18.78 3.06 -2.54
CA SER A 78 -19.21 2.13 -1.52
C SER A 78 -19.38 0.74 -2.12
N GLY A 79 -18.70 -0.23 -1.51
CA GLY A 79 -18.78 -1.61 -1.98
C GLY A 79 -20.00 -2.31 -1.41
N GLY A 1 3.26 -11.41 14.48
CA GLY A 1 4.11 -10.71 15.41
C GLY A 1 4.94 -9.64 14.69
N SER A 2 5.39 -8.67 15.46
CA SER A 2 6.20 -7.60 14.90
C SER A 2 7.67 -7.83 15.20
N SER A 3 8.51 -7.05 14.54
CA SER A 3 9.95 -7.17 14.73
C SER A 3 10.58 -5.78 14.88
N GLY A 4 10.41 -4.97 13.84
CA GLY A 4 10.95 -3.62 13.84
C GLY A 4 10.34 -2.79 14.97
N SER A 5 11.21 -2.32 15.84
CA SER A 5 10.78 -1.50 16.96
C SER A 5 11.92 -0.60 17.43
N SER A 6 11.86 0.65 16.97
CA SER A 6 12.88 1.62 17.33
C SER A 6 12.33 3.04 17.13
N GLY A 7 11.94 3.32 15.90
CA GLY A 7 11.41 4.64 15.57
C GLY A 7 10.11 4.50 14.77
N TRP A 8 9.52 5.65 14.49
CA TRP A 8 8.27 5.69 13.73
C TRP A 8 8.63 5.60 12.24
N GLN A 9 7.83 4.83 11.53
CA GLN A 9 8.03 4.65 10.09
C GLN A 9 7.81 5.97 9.35
N GLY A 10 8.06 5.93 8.06
CA GLY A 10 7.90 7.11 7.23
C GLY A 10 6.45 7.59 7.24
N LEU A 11 6.24 8.73 7.90
CA LEU A 11 4.91 9.30 8.00
C LEU A 11 4.77 10.44 7.00
N SER A 12 4.10 10.14 5.90
CA SER A 12 3.90 11.13 4.84
C SER A 12 2.50 11.74 4.97
N SER A 13 1.49 10.88 4.87
CA SER A 13 0.11 11.31 4.97
C SER A 13 -0.77 10.14 5.40
N LYS A 14 -1.48 10.35 6.50
CA LYS A 14 -2.38 9.33 7.02
C LYS A 14 -3.69 9.97 7.45
N GLY A 15 -4.73 9.16 7.46
CA GLY A 15 -6.06 9.64 7.85
C GLY A 15 -7.10 8.53 7.74
N ASP A 16 -8.14 8.81 6.98
CA ASP A 16 -9.22 7.85 6.78
C ASP A 16 -9.04 7.18 5.42
N LEU A 17 -7.79 6.99 5.03
CA LEU A 17 -7.48 6.37 3.77
C LEU A 17 -8.42 5.18 3.54
N PRO A 18 -8.51 4.76 2.26
CA PRO A 18 -9.37 3.64 1.89
C PRO A 18 -8.75 2.31 2.33
N GLN A 19 -7.44 2.20 2.09
CA GLN A 19 -6.72 1.00 2.45
C GLN A 19 -7.31 -0.21 1.71
N VAL A 20 -6.44 -1.19 1.45
CA VAL A 20 -6.86 -2.39 0.76
C VAL A 20 -6.17 -3.60 1.39
N GLU A 21 -6.84 -4.74 1.32
CA GLU A 21 -6.30 -5.97 1.87
C GLU A 21 -5.92 -6.93 0.74
N ILE A 22 -4.65 -7.31 0.73
CA ILE A 22 -4.14 -8.22 -0.27
C ILE A 22 -4.79 -9.59 -0.09
N THR A 23 -5.33 -10.10 -1.19
CA THR A 23 -5.99 -11.41 -1.16
C THR A 23 -4.98 -12.52 -1.45
N LYS A 24 -3.90 -12.14 -2.11
CA LYS A 24 -2.87 -13.09 -2.46
C LYS A 24 -1.52 -12.37 -2.52
N ALA A 25 -0.47 -13.10 -2.18
CA ALA A 25 0.88 -12.54 -2.19
C ALA A 25 1.18 -12.00 -3.59
N PHE A 26 1.74 -10.80 -3.62
CA PHE A 26 2.09 -10.17 -4.88
C PHE A 26 3.59 -9.99 -5.01
N PHE A 27 4.24 -11.05 -5.49
CA PHE A 27 5.69 -11.03 -5.67
C PHE A 27 6.10 -9.91 -6.62
N ALA A 28 6.65 -8.86 -6.04
CA ALA A 28 7.10 -7.73 -6.83
C ALA A 28 8.21 -8.18 -7.79
N LYS A 29 8.08 -7.75 -9.04
CA LYS A 29 9.05 -8.10 -10.05
C LYS A 29 9.89 -6.87 -10.41
N GLN A 30 9.24 -5.71 -10.34
CA GLN A 30 9.90 -4.46 -10.65
C GLN A 30 10.54 -3.88 -9.38
N ALA A 31 11.11 -2.70 -9.54
CA ALA A 31 11.76 -2.03 -8.43
C ALA A 31 10.81 -0.98 -7.85
N ASP A 32 9.65 -0.87 -8.47
CA ASP A 32 8.64 0.08 -8.03
C ASP A 32 7.55 -0.66 -7.25
N GLU A 33 7.48 -1.96 -7.49
CA GLU A 33 6.49 -2.80 -6.83
C GLU A 33 6.96 -3.15 -5.41
N VAL A 34 6.14 -3.95 -4.74
CA VAL A 34 6.47 -4.38 -3.39
C VAL A 34 5.81 -5.73 -3.11
N THR A 35 6.61 -6.66 -2.60
CA THR A 35 6.12 -7.98 -2.28
C THR A 35 5.10 -7.92 -1.15
N LEU A 36 3.98 -8.61 -1.36
CA LEU A 36 2.92 -8.64 -0.37
C LEU A 36 2.54 -10.09 -0.09
N GLN A 37 1.71 -10.27 0.93
CA GLN A 37 1.26 -11.60 1.32
C GLN A 37 -0.27 -11.66 1.34
N GLN A 38 -0.78 -12.85 1.61
CA GLN A 38 -2.22 -13.05 1.66
C GLN A 38 -2.80 -12.43 2.94
N ALA A 39 -3.81 -11.61 2.74
CA ALA A 39 -4.46 -10.95 3.86
C ALA A 39 -3.53 -9.89 4.44
N ASP A 40 -2.85 -9.18 3.54
CA ASP A 40 -1.92 -8.15 3.94
C ASP A 40 -2.57 -6.77 3.72
N VAL A 41 -2.51 -5.95 4.76
CA VAL A 41 -3.08 -4.61 4.69
C VAL A 41 -2.01 -3.64 4.20
N VAL A 42 -2.42 -2.78 3.26
CA VAL A 42 -1.51 -1.78 2.71
C VAL A 42 -2.20 -0.42 2.73
N LEU A 43 -1.46 0.57 3.23
CA LEU A 43 -1.97 1.92 3.31
C LEU A 43 -1.70 2.64 1.99
N VAL A 44 -2.78 2.87 1.25
CA VAL A 44 -2.68 3.56 -0.03
C VAL A 44 -2.10 4.95 0.18
N LEU A 45 -1.21 5.34 -0.72
CA LEU A 45 -0.58 6.65 -0.64
C LEU A 45 -0.88 7.44 -1.92
N GLN A 46 -0.82 6.73 -3.04
CA GLN A 46 -1.08 7.35 -4.33
C GLN A 46 -1.89 6.39 -5.22
N GLN A 47 -3.08 6.83 -5.58
CA GLN A 47 -3.96 6.04 -6.43
C GLN A 47 -3.79 6.44 -7.90
N GLU A 48 -3.31 5.50 -8.68
CA GLU A 48 -3.09 5.75 -10.10
C GLU A 48 -3.82 4.70 -10.94
N ASP A 49 -4.80 5.16 -11.70
CA ASP A 49 -5.58 4.27 -12.55
C ASP A 49 -4.64 3.23 -13.17
N GLY A 50 -4.70 2.03 -12.62
CA GLY A 50 -3.87 0.94 -13.11
C GLY A 50 -3.08 0.29 -11.98
N TRP A 51 -2.54 1.13 -11.11
CA TRP A 51 -1.76 0.66 -9.98
C TRP A 51 -2.09 1.55 -8.78
N LEU A 52 -2.09 0.91 -7.61
CA LEU A 52 -2.39 1.62 -6.38
C LEU A 52 -1.17 1.58 -5.46
N TYR A 53 -0.65 2.76 -5.17
CA TYR A 53 0.51 2.88 -4.30
C TYR A 53 0.10 3.00 -2.84
N GLY A 54 0.89 2.37 -1.98
CA GLY A 54 0.63 2.41 -0.55
C GLY A 54 1.84 1.91 0.25
N GLU A 55 1.63 1.79 1.54
CA GLU A 55 2.69 1.32 2.43
C GLU A 55 2.21 0.10 3.23
N ARG A 56 2.87 -1.02 2.98
CA ARG A 56 2.53 -2.25 3.65
C ARG A 56 2.71 -2.10 5.17
N LEU A 57 1.59 -2.01 5.87
CA LEU A 57 1.62 -1.85 7.31
C LEU A 57 2.44 -2.99 7.92
N ARG A 58 2.54 -4.08 7.19
CA ARG A 58 3.30 -5.23 7.65
C ARG A 58 4.63 -4.78 8.24
N ASP A 59 5.47 -4.24 7.38
CA ASP A 59 6.78 -3.77 7.81
C ASP A 59 6.87 -2.25 7.59
N GLY A 60 6.08 -1.78 6.64
CA GLY A 60 6.06 -0.36 6.32
C GLY A 60 6.65 -0.10 4.93
N GLU A 61 6.72 -1.16 4.15
CA GLU A 61 7.27 -1.06 2.80
C GLU A 61 6.29 -0.29 1.90
N THR A 62 6.83 0.71 1.21
CA THR A 62 6.02 1.52 0.32
C THR A 62 6.37 1.20 -1.13
N GLY A 63 5.40 0.62 -1.82
CA GLY A 63 5.58 0.26 -3.22
C GLY A 63 4.29 0.40 -4.01
N TRP A 64 4.33 0.00 -5.27
CA TRP A 64 3.17 0.07 -6.13
C TRP A 64 2.49 -1.30 -6.13
N PHE A 65 1.24 -1.30 -5.67
CA PHE A 65 0.48 -2.54 -5.60
C PHE A 65 -0.82 -2.41 -6.41
N PRO A 66 -1.08 -3.45 -7.25
CA PRO A 66 -2.28 -3.47 -8.07
C PRO A 66 -3.51 -3.79 -7.23
N GLU A 67 -4.65 -3.29 -7.70
CA GLU A 67 -5.91 -3.52 -7.00
C GLU A 67 -6.35 -4.97 -7.16
N ASP A 68 -6.08 -5.51 -8.34
CA ASP A 68 -6.45 -6.88 -8.64
C ASP A 68 -5.92 -7.79 -7.53
N PHE A 69 -4.91 -7.31 -6.84
CA PHE A 69 -4.31 -8.07 -5.75
C PHE A 69 -4.63 -7.44 -4.39
N ALA A 70 -5.80 -6.83 -4.33
CA ALA A 70 -6.24 -6.18 -3.11
C ALA A 70 -7.73 -5.87 -3.20
N ARG A 71 -8.34 -5.69 -2.04
CA ARG A 71 -9.77 -5.39 -1.97
C ARG A 71 -10.01 -4.14 -1.14
N PHE A 72 -10.47 -3.09 -1.81
CA PHE A 72 -10.75 -1.83 -1.14
C PHE A 72 -11.69 -2.04 0.05
N ILE A 73 -11.33 -1.44 1.17
CA ILE A 73 -12.13 -1.55 2.38
C ILE A 73 -12.83 -0.22 2.64
N SER A 74 -14.10 -0.16 2.25
CA SER A 74 -14.89 1.04 2.43
C SER A 74 -14.65 2.01 1.28
N GLY A 75 -15.00 1.56 0.09
CA GLY A 75 -14.82 2.38 -1.11
C GLY A 75 -15.63 1.83 -2.28
N PRO A 76 -14.98 1.80 -3.47
CA PRO A 76 -15.63 1.30 -4.67
C PRO A 76 -15.72 -0.23 -4.64
N SER A 77 -16.60 -0.72 -3.79
CA SER A 77 -16.80 -2.15 -3.66
C SER A 77 -18.29 -2.49 -3.82
N SER A 78 -18.58 -3.26 -4.86
CA SER A 78 -19.95 -3.66 -5.13
C SER A 78 -19.97 -5.03 -5.81
N GLY A 79 -20.69 -5.95 -5.20
CA GLY A 79 -20.80 -7.30 -5.74
C GLY A 79 -21.44 -8.25 -4.73
N GLY A 1 28.24 -2.01 4.27
CA GLY A 1 28.15 -2.74 3.02
C GLY A 1 27.27 -2.00 2.01
N SER A 2 27.89 -1.05 1.34
CA SER A 2 27.18 -0.25 0.35
C SER A 2 26.01 0.49 1.01
N SER A 3 26.20 1.79 1.19
CA SER A 3 25.18 2.61 1.81
C SER A 3 24.04 2.85 0.82
N GLY A 4 22.94 2.15 1.07
CA GLY A 4 21.77 2.27 0.21
C GLY A 4 20.52 2.56 1.04
N SER A 5 19.37 2.51 0.36
CA SER A 5 18.10 2.76 1.03
C SER A 5 18.10 4.17 1.64
N SER A 6 17.27 5.02 1.07
CA SER A 6 17.17 6.39 1.56
C SER A 6 16.62 6.39 2.98
N GLY A 7 16.85 7.50 3.68
CA GLY A 7 16.39 7.65 5.04
C GLY A 7 16.83 8.99 5.63
N TRP A 8 15.87 9.71 6.18
CA TRP A 8 16.14 11.00 6.78
C TRP A 8 16.22 10.82 8.30
N GLN A 9 15.07 10.54 8.89
CA GLN A 9 14.99 10.35 10.33
C GLN A 9 13.60 9.85 10.73
N GLY A 10 12.60 10.66 10.40
CA GLY A 10 11.22 10.32 10.71
C GLY A 10 10.25 11.29 10.04
N LEU A 11 10.03 11.06 8.75
CA LEU A 11 9.13 11.90 7.98
C LEU A 11 8.23 11.02 7.12
N SER A 12 7.03 10.77 7.64
CA SER A 12 6.07 9.95 6.94
C SER A 12 4.73 10.69 6.81
N SER A 13 4.17 11.03 7.97
CA SER A 13 2.91 11.73 8.01
C SER A 13 1.79 10.85 7.47
N LYS A 14 0.71 10.76 8.23
CA LYS A 14 -0.42 9.95 7.83
C LYS A 14 -1.68 10.48 8.51
N GLY A 15 -2.81 9.84 8.19
CA GLY A 15 -4.09 10.25 8.75
C GLY A 15 -5.15 9.18 8.50
N ASP A 16 -6.15 9.57 7.73
CA ASP A 16 -7.25 8.67 7.40
C ASP A 16 -7.17 8.31 5.92
N LEU A 17 -6.13 7.56 5.57
CA LEU A 17 -5.94 7.14 4.20
C LEU A 17 -6.67 5.82 3.96
N PRO A 18 -6.90 5.51 2.65
CA PRO A 18 -7.59 4.29 2.29
C PRO A 18 -6.67 3.08 2.44
N GLN A 19 -7.29 1.94 2.72
CA GLN A 19 -6.54 0.70 2.90
C GLN A 19 -7.14 -0.41 2.03
N VAL A 20 -6.27 -1.30 1.57
CA VAL A 20 -6.70 -2.41 0.75
C VAL A 20 -6.10 -3.71 1.29
N GLU A 21 -6.87 -4.78 1.17
CA GLU A 21 -6.43 -6.08 1.65
C GLU A 21 -5.95 -6.93 0.47
N ILE A 22 -4.67 -7.26 0.49
CA ILE A 22 -4.08 -8.07 -0.56
C ILE A 22 -4.72 -9.47 -0.53
N THR A 23 -5.65 -9.68 -1.45
CA THR A 23 -6.33 -10.96 -1.53
C THR A 23 -5.32 -12.09 -1.72
N LYS A 24 -4.40 -11.87 -2.65
CA LYS A 24 -3.38 -12.85 -2.95
C LYS A 24 -2.03 -12.16 -3.06
N ALA A 25 -0.99 -12.85 -2.59
CA ALA A 25 0.35 -12.31 -2.62
C ALA A 25 0.60 -11.67 -3.99
N PHE A 26 1.52 -10.71 -4.00
CA PHE A 26 1.85 -10.01 -5.23
C PHE A 26 3.37 -9.85 -5.38
N PHE A 27 4.00 -10.92 -5.84
CA PHE A 27 5.44 -10.92 -6.02
C PHE A 27 5.88 -9.74 -6.90
N ALA A 28 6.49 -8.76 -6.25
CA ALA A 28 6.96 -7.58 -6.95
C ALA A 28 8.08 -7.98 -7.92
N LYS A 29 7.95 -7.48 -9.14
CA LYS A 29 8.94 -7.78 -10.18
C LYS A 29 9.74 -6.50 -10.49
N GLN A 30 9.05 -5.37 -10.41
CA GLN A 30 9.68 -4.09 -10.69
C GLN A 30 10.33 -3.54 -9.42
N ALA A 31 10.91 -2.36 -9.56
CA ALA A 31 11.56 -1.71 -8.44
C ALA A 31 10.60 -0.73 -7.78
N ASP A 32 9.41 -0.62 -8.38
CA ASP A 32 8.39 0.27 -7.85
C ASP A 32 7.32 -0.55 -7.14
N GLU A 33 7.29 -1.83 -7.45
CA GLU A 33 6.33 -2.74 -6.85
C GLU A 33 6.83 -3.24 -5.49
N VAL A 34 5.92 -3.82 -4.73
CA VAL A 34 6.26 -4.34 -3.42
C VAL A 34 5.55 -5.67 -3.20
N THR A 35 6.31 -6.65 -2.74
CA THR A 35 5.76 -7.98 -2.49
C THR A 35 4.78 -7.92 -1.32
N LEU A 36 3.61 -8.49 -1.56
CA LEU A 36 2.56 -8.52 -0.54
C LEU A 36 2.15 -9.98 -0.29
N GLN A 37 1.55 -10.18 0.88
CA GLN A 37 1.11 -11.52 1.25
C GLN A 37 -0.43 -11.59 1.24
N GLN A 38 -0.93 -12.81 1.21
CA GLN A 38 -2.36 -13.03 1.19
C GLN A 38 -2.99 -12.51 2.49
N ALA A 39 -4.00 -11.67 2.31
CA ALA A 39 -4.70 -11.09 3.45
C ALA A 39 -3.78 -10.09 4.15
N ASP A 40 -3.21 -9.19 3.36
CA ASP A 40 -2.31 -8.19 3.89
C ASP A 40 -2.93 -6.80 3.68
N VAL A 41 -2.79 -5.97 4.72
CA VAL A 41 -3.34 -4.63 4.66
C VAL A 41 -2.25 -3.66 4.24
N VAL A 42 -2.62 -2.72 3.39
CA VAL A 42 -1.69 -1.72 2.91
C VAL A 42 -2.36 -0.35 2.89
N LEU A 43 -1.60 0.66 3.30
CA LEU A 43 -2.11 2.01 3.35
C LEU A 43 -1.82 2.70 2.01
N VAL A 44 -2.89 2.94 1.27
CA VAL A 44 -2.77 3.59 -0.03
C VAL A 44 -2.19 4.99 0.16
N LEU A 45 -1.29 5.35 -0.74
CA LEU A 45 -0.66 6.66 -0.68
C LEU A 45 -0.97 7.43 -1.97
N GLN A 46 -0.92 6.71 -3.08
CA GLN A 46 -1.18 7.30 -4.38
C GLN A 46 -1.95 6.32 -5.27
N GLN A 47 -2.99 6.83 -5.90
CA GLN A 47 -3.81 6.02 -6.78
C GLN A 47 -3.65 6.47 -8.23
N GLU A 48 -3.20 5.53 -9.05
CA GLU A 48 -2.99 5.83 -10.47
C GLU A 48 -3.71 4.78 -11.33
N ASP A 49 -4.70 5.25 -12.08
CA ASP A 49 -5.47 4.39 -12.95
C ASP A 49 -4.53 3.34 -13.57
N GLY A 50 -4.59 2.13 -13.03
CA GLY A 50 -3.77 1.05 -13.51
C GLY A 50 -3.03 0.37 -12.36
N TRP A 51 -2.50 1.19 -11.47
CA TRP A 51 -1.77 0.69 -10.32
C TRP A 51 -2.11 1.57 -9.11
N LEU A 52 -1.88 1.01 -7.93
CA LEU A 52 -2.15 1.73 -6.70
C LEU A 52 -0.91 1.70 -5.81
N TYR A 53 -0.65 2.84 -5.17
CA TYR A 53 0.50 2.95 -4.29
C TYR A 53 0.06 3.05 -2.82
N GLY A 54 0.86 2.46 -1.95
CA GLY A 54 0.56 2.47 -0.53
C GLY A 54 1.78 2.02 0.28
N GLU A 55 1.56 1.91 1.58
CA GLU A 55 2.63 1.49 2.48
C GLU A 55 2.17 0.30 3.32
N ARG A 56 2.81 -0.84 3.10
CA ARG A 56 2.48 -2.05 3.82
C ARG A 56 2.61 -1.82 5.33
N LEU A 57 1.48 -1.93 6.01
CA LEU A 57 1.46 -1.74 7.45
C LEU A 57 2.24 -2.87 8.13
N ARG A 58 2.49 -3.91 7.35
CA ARG A 58 3.22 -5.06 7.86
C ARG A 58 4.59 -4.63 8.38
N ASP A 59 5.42 -4.16 7.47
CA ASP A 59 6.75 -3.71 7.82
C ASP A 59 6.87 -2.22 7.57
N GLY A 60 6.04 -1.73 6.65
CA GLY A 60 6.04 -0.32 6.32
C GLY A 60 6.53 -0.10 4.88
N GLU A 61 6.91 -1.20 4.24
CA GLU A 61 7.39 -1.15 2.87
C GLU A 61 6.41 -0.38 1.99
N THR A 62 6.91 0.65 1.34
CA THR A 62 6.09 1.47 0.47
C THR A 62 6.39 1.15 -1.00
N GLY A 63 5.40 0.57 -1.66
CA GLY A 63 5.54 0.21 -3.06
C GLY A 63 4.21 0.37 -3.80
N TRP A 64 4.23 -0.05 -5.07
CA TRP A 64 3.04 0.04 -5.90
C TRP A 64 2.39 -1.34 -5.93
N PHE A 65 1.16 -1.40 -5.44
CA PHE A 65 0.42 -2.65 -5.41
C PHE A 65 -0.80 -2.59 -6.33
N PRO A 66 -1.06 -3.73 -7.03
CA PRO A 66 -2.18 -3.81 -7.94
C PRO A 66 -3.49 -3.95 -7.17
N GLU A 67 -4.55 -3.42 -7.77
CA GLU A 67 -5.88 -3.48 -7.16
C GLU A 67 -6.47 -4.88 -7.32
N ASP A 68 -6.19 -5.47 -8.47
CA ASP A 68 -6.70 -6.81 -8.77
C ASP A 68 -6.33 -7.75 -7.62
N PHE A 69 -5.20 -7.46 -7.00
CA PHE A 69 -4.72 -8.27 -5.90
C PHE A 69 -4.86 -7.52 -4.56
N ALA A 70 -5.90 -6.71 -4.48
CA ALA A 70 -6.15 -5.94 -3.28
C ALA A 70 -7.66 -5.69 -3.14
N ARG A 71 -8.08 -5.57 -1.89
CA ARG A 71 -9.49 -5.34 -1.61
C ARG A 71 -9.66 -4.04 -0.82
N PHE A 72 -10.17 -3.03 -1.51
CA PHE A 72 -10.40 -1.73 -0.89
C PHE A 72 -11.26 -1.86 0.37
N ILE A 73 -10.60 -1.79 1.50
CA ILE A 73 -11.29 -1.90 2.78
C ILE A 73 -12.31 -0.77 2.90
N SER A 74 -11.79 0.46 2.84
CA SER A 74 -12.64 1.63 2.94
C SER A 74 -12.19 2.69 1.93
N GLY A 75 -13.09 3.01 1.03
CA GLY A 75 -12.80 4.00 0.01
C GLY A 75 -14.04 4.84 -0.31
N PRO A 76 -14.10 5.32 -1.58
CA PRO A 76 -15.23 6.14 -2.02
C PRO A 76 -16.47 5.29 -2.25
N SER A 77 -17.10 4.91 -1.15
CA SER A 77 -18.30 4.09 -1.21
C SER A 77 -17.98 2.74 -1.86
N SER A 78 -18.66 1.71 -1.37
CA SER A 78 -18.46 0.37 -1.90
C SER A 78 -19.80 -0.34 -2.03
N GLY A 79 -19.84 -1.27 -2.99
CA GLY A 79 -21.06 -2.03 -3.23
C GLY A 79 -20.73 -3.48 -3.57
N GLY A 1 6.37 -1.00 10.21
CA GLY A 1 7.61 -0.24 10.10
C GLY A 1 7.54 1.04 10.93
N SER A 2 8.53 1.90 10.72
CA SER A 2 8.59 3.16 11.44
C SER A 2 8.14 4.30 10.54
N SER A 3 6.83 4.42 10.40
CA SER A 3 6.25 5.46 9.56
C SER A 3 7.01 6.77 9.77
N GLY A 4 7.05 7.22 11.01
CA GLY A 4 7.73 8.44 11.35
C GLY A 4 6.85 9.35 12.22
N SER A 5 7.03 10.65 12.03
CA SER A 5 6.27 11.63 12.79
C SER A 5 5.36 12.42 11.85
N SER A 6 4.07 12.35 12.11
CA SER A 6 3.10 13.06 11.29
C SER A 6 3.19 14.56 11.57
N GLY A 7 2.64 15.33 10.65
CA GLY A 7 2.63 16.78 10.79
C GLY A 7 1.41 17.27 11.55
N TRP A 8 0.26 17.19 10.88
CA TRP A 8 -0.98 17.62 11.48
C TRP A 8 -1.88 16.37 11.64
N GLN A 9 -3.02 16.59 12.29
CA GLN A 9 -3.96 15.50 12.53
C GLN A 9 -4.57 15.05 11.20
N GLY A 10 -5.28 15.96 10.56
CA GLY A 10 -5.92 15.68 9.29
C GLY A 10 -5.48 16.67 8.21
N LEU A 11 -6.27 17.71 8.05
CA LEU A 11 -5.98 18.74 7.06
C LEU A 11 -6.21 18.17 5.66
N SER A 12 -6.22 19.06 4.69
CA SER A 12 -6.42 18.67 3.30
C SER A 12 -5.18 17.94 2.78
N SER A 13 -5.41 17.06 1.82
CA SER A 13 -4.33 16.29 1.23
C SER A 13 -3.66 15.41 2.29
N LYS A 14 -3.58 14.12 1.98
CA LYS A 14 -2.97 13.17 2.89
C LYS A 14 -3.63 13.30 4.26
N GLY A 15 -4.80 12.68 4.39
CA GLY A 15 -5.53 12.73 5.64
C GLY A 15 -5.77 11.31 6.18
N ASP A 16 -6.69 10.62 5.54
CA ASP A 16 -7.03 9.26 5.95
C ASP A 16 -7.04 8.36 4.71
N LEU A 17 -5.89 8.25 4.08
CA LEU A 17 -5.76 7.42 2.89
C LEU A 17 -6.55 6.13 3.09
N PRO A 18 -6.99 5.56 1.94
CA PRO A 18 -7.76 4.32 1.97
C PRO A 18 -6.86 3.13 2.26
N GLN A 19 -7.48 1.98 2.49
CA GLN A 19 -6.75 0.76 2.77
C GLN A 19 -7.34 -0.42 1.99
N VAL A 20 -6.45 -1.26 1.49
CA VAL A 20 -6.88 -2.42 0.72
C VAL A 20 -6.22 -3.67 1.30
N GLU A 21 -7.03 -4.71 1.45
CA GLU A 21 -6.54 -5.97 1.98
C GLU A 21 -6.14 -6.92 0.86
N ILE A 22 -4.86 -7.23 0.82
CA ILE A 22 -4.33 -8.12 -0.21
C ILE A 22 -4.99 -9.49 -0.07
N THR A 23 -5.47 -10.00 -1.20
CA THR A 23 -6.12 -11.30 -1.22
C THR A 23 -5.08 -12.41 -1.42
N LYS A 24 -4.21 -12.19 -2.39
CA LYS A 24 -3.17 -13.17 -2.70
C LYS A 24 -1.80 -12.50 -2.56
N ALA A 25 -0.81 -13.32 -2.22
CA ALA A 25 0.54 -12.82 -2.04
C ALA A 25 1.05 -12.27 -3.37
N PHE A 26 1.49 -11.01 -3.32
CA PHE A 26 2.00 -10.35 -4.51
C PHE A 26 3.53 -10.31 -4.49
N PHE A 27 4.12 -10.70 -5.62
CA PHE A 27 5.56 -10.71 -5.75
C PHE A 27 6.05 -9.50 -6.56
N ALA A 28 6.69 -8.58 -5.86
CA ALA A 28 7.21 -7.38 -6.50
C ALA A 28 8.52 -7.72 -7.22
N LYS A 29 8.51 -7.49 -8.53
CA LYS A 29 9.69 -7.76 -9.34
C LYS A 29 10.50 -6.48 -9.50
N GLN A 30 9.79 -5.36 -9.48
CA GLN A 30 10.43 -4.06 -9.62
C GLN A 30 10.72 -3.46 -8.25
N ALA A 31 11.68 -2.54 -8.23
CA ALA A 31 12.06 -1.88 -6.99
C ALA A 31 10.99 -0.88 -6.60
N ASP A 32 10.02 -0.71 -7.49
CA ASP A 32 8.93 0.22 -7.25
C ASP A 32 7.75 -0.54 -6.64
N GLU A 33 7.67 -1.82 -6.97
CA GLU A 33 6.60 -2.66 -6.46
C GLU A 33 6.88 -3.04 -5.01
N VAL A 34 5.88 -3.68 -4.40
CA VAL A 34 6.00 -4.10 -3.02
C VAL A 34 5.36 -5.48 -2.85
N THR A 35 6.13 -6.38 -2.26
CA THR A 35 5.65 -7.74 -2.03
C THR A 35 4.67 -7.77 -0.86
N LEU A 36 3.51 -8.35 -1.12
CA LEU A 36 2.47 -8.45 -0.11
C LEU A 36 2.14 -9.93 0.13
N GLN A 37 1.25 -10.16 1.08
CA GLN A 37 0.84 -11.51 1.41
C GLN A 37 -0.69 -11.59 1.52
N GLN A 38 -1.20 -12.81 1.42
CA GLN A 38 -2.63 -13.04 1.51
C GLN A 38 -3.18 -12.48 2.82
N ALA A 39 -4.15 -11.59 2.70
CA ALA A 39 -4.76 -10.98 3.87
C ALA A 39 -3.78 -9.98 4.49
N ASP A 40 -3.21 -9.15 3.62
CA ASP A 40 -2.27 -8.14 4.08
C ASP A 40 -2.85 -6.75 3.84
N VAL A 41 -2.72 -5.91 4.85
CA VAL A 41 -3.22 -4.55 4.76
C VAL A 41 -2.10 -3.61 4.30
N VAL A 42 -2.46 -2.69 3.42
CA VAL A 42 -1.49 -1.74 2.90
C VAL A 42 -2.12 -0.35 2.89
N LEU A 43 -1.35 0.62 3.35
CA LEU A 43 -1.82 2.00 3.40
C LEU A 43 -1.53 2.67 2.06
N VAL A 44 -2.61 2.95 1.34
CA VAL A 44 -2.48 3.59 0.04
C VAL A 44 -1.96 5.01 0.22
N LEU A 45 -1.18 5.45 -0.75
CA LEU A 45 -0.60 6.79 -0.71
C LEU A 45 -0.98 7.54 -1.99
N GLN A 46 -0.92 6.82 -3.10
CA GLN A 46 -1.24 7.40 -4.39
C GLN A 46 -2.06 6.40 -5.23
N GLN A 47 -3.24 6.84 -5.62
CA GLN A 47 -4.12 6.01 -6.42
C GLN A 47 -4.02 6.39 -7.90
N GLU A 48 -3.39 5.51 -8.66
CA GLU A 48 -3.21 5.75 -10.09
C GLU A 48 -3.90 4.65 -10.90
N ASP A 49 -4.89 5.07 -11.69
CA ASP A 49 -5.63 4.14 -12.52
C ASP A 49 -4.67 3.11 -13.10
N GLY A 50 -4.72 1.91 -12.53
CA GLY A 50 -3.86 0.83 -12.98
C GLY A 50 -3.07 0.24 -11.82
N TRP A 51 -2.41 1.12 -11.08
CA TRP A 51 -1.62 0.69 -9.94
C TRP A 51 -1.98 1.58 -8.74
N LEU A 52 -2.02 0.97 -7.57
CA LEU A 52 -2.34 1.69 -6.36
C LEU A 52 -1.13 1.67 -5.42
N TYR A 53 -0.54 2.85 -5.24
CA TYR A 53 0.61 2.98 -4.37
C TYR A 53 0.20 3.02 -2.90
N GLY A 54 1.02 2.41 -2.07
CA GLY A 54 0.75 2.35 -0.65
C GLY A 54 1.95 1.78 0.12
N GLU A 55 1.79 1.72 1.44
CA GLU A 55 2.85 1.20 2.29
C GLU A 55 2.35 -0.01 3.08
N ARG A 56 2.97 -1.14 2.83
CA ARG A 56 2.60 -2.37 3.50
C ARG A 56 2.94 -2.29 4.99
N LEU A 57 1.90 -2.18 5.80
CA LEU A 57 2.07 -2.09 7.24
C LEU A 57 2.89 -3.29 7.73
N ARG A 58 2.79 -4.38 6.98
CA ARG A 58 3.51 -5.58 7.33
C ARG A 58 4.92 -5.25 7.80
N ASP A 59 5.72 -4.73 6.86
CA ASP A 59 7.09 -4.35 7.16
C ASP A 59 7.23 -2.83 7.09
N GLY A 60 6.36 -2.23 6.30
CA GLY A 60 6.37 -0.79 6.13
C GLY A 60 7.07 -0.39 4.83
N GLU A 61 6.95 -1.27 3.84
CA GLU A 61 7.57 -1.02 2.55
C GLU A 61 6.57 -0.34 1.61
N THR A 62 6.97 0.82 1.11
CA THR A 62 6.13 1.59 0.20
C THR A 62 6.46 1.25 -1.25
N GLY A 63 5.48 0.68 -1.94
CA GLY A 63 5.66 0.31 -3.33
C GLY A 63 4.34 0.45 -4.10
N TRP A 64 4.39 0.02 -5.36
CA TRP A 64 3.22 0.10 -6.22
C TRP A 64 2.55 -1.27 -6.22
N PHE A 65 1.33 -1.31 -5.69
CA PHE A 65 0.57 -2.55 -5.63
C PHE A 65 -0.72 -2.43 -6.44
N PRO A 66 -0.97 -3.49 -7.26
CA PRO A 66 -2.16 -3.52 -8.10
C PRO A 66 -3.40 -3.85 -7.25
N GLU A 67 -4.52 -3.27 -7.67
CA GLU A 67 -5.77 -3.48 -6.97
C GLU A 67 -6.22 -4.94 -7.11
N ASP A 68 -5.95 -5.50 -8.28
CA ASP A 68 -6.31 -6.88 -8.56
C ASP A 68 -5.88 -7.76 -7.39
N PHE A 69 -4.81 -7.34 -6.74
CA PHE A 69 -4.29 -8.08 -5.59
C PHE A 69 -4.64 -7.38 -4.28
N ALA A 70 -5.84 -6.81 -4.25
CA ALA A 70 -6.30 -6.11 -3.06
C ALA A 70 -7.79 -5.78 -3.22
N ARG A 71 -8.44 -5.60 -2.08
CA ARG A 71 -9.86 -5.28 -2.08
C ARG A 71 -10.11 -4.02 -1.26
N PHE A 72 -10.52 -2.96 -1.96
CA PHE A 72 -10.82 -1.70 -1.32
C PHE A 72 -11.78 -1.88 -0.16
N ILE A 73 -11.23 -1.85 1.05
CA ILE A 73 -12.04 -2.01 2.25
C ILE A 73 -13.09 -0.89 2.30
N SER A 74 -12.61 0.34 2.28
CA SER A 74 -13.48 1.50 2.33
C SER A 74 -12.96 2.59 1.40
N GLY A 75 -13.84 3.05 0.53
CA GLY A 75 -13.47 4.10 -0.42
C GLY A 75 -14.69 4.55 -1.23
N PRO A 76 -15.00 5.86 -1.11
CA PRO A 76 -16.14 6.42 -1.83
C PRO A 76 -15.81 6.60 -3.32
N SER A 77 -16.80 6.30 -4.15
CA SER A 77 -16.63 6.41 -5.59
C SER A 77 -17.99 6.40 -6.27
N SER A 78 -18.53 7.59 -6.49
CA SER A 78 -19.82 7.72 -7.15
C SER A 78 -19.67 7.54 -8.65
N GLY A 79 -20.55 6.72 -9.21
CA GLY A 79 -20.54 6.46 -10.65
C GLY A 79 -21.82 6.98 -11.32
N GLY A 1 21.43 17.92 -11.65
CA GLY A 1 21.75 17.71 -10.26
C GLY A 1 21.95 16.22 -9.95
N SER A 2 23.02 15.94 -9.21
CA SER A 2 23.33 14.57 -8.84
C SER A 2 23.87 14.52 -7.41
N SER A 3 23.28 13.63 -6.62
CA SER A 3 23.69 13.48 -5.24
C SER A 3 23.13 12.17 -4.67
N GLY A 4 23.59 11.83 -3.47
CA GLY A 4 23.15 10.62 -2.82
C GLY A 4 23.33 10.72 -1.30
N SER A 5 22.25 11.08 -0.63
CA SER A 5 22.27 11.22 0.82
C SER A 5 20.89 11.65 1.33
N SER A 6 20.39 10.90 2.29
CA SER A 6 19.08 11.20 2.87
C SER A 6 18.80 10.27 4.04
N GLY A 7 18.04 10.78 5.00
CA GLY A 7 17.69 10.00 6.17
C GLY A 7 17.13 10.89 7.28
N TRP A 8 15.82 10.89 7.39
CA TRP A 8 15.15 11.70 8.40
C TRP A 8 13.89 10.94 8.84
N GLN A 9 13.86 10.63 10.14
CA GLN A 9 12.73 9.91 10.69
C GLN A 9 11.41 10.57 10.26
N GLY A 10 10.38 9.75 10.20
CA GLY A 10 9.06 10.23 9.79
C GLY A 10 8.90 10.15 8.28
N LEU A 11 8.46 11.27 7.70
CA LEU A 11 8.25 11.34 6.27
C LEU A 11 7.16 10.34 5.86
N SER A 12 5.93 10.70 6.20
CA SER A 12 4.79 9.85 5.88
C SER A 12 3.49 10.64 6.03
N SER A 13 3.27 11.12 7.24
CA SER A 13 2.07 11.89 7.53
C SER A 13 0.83 11.18 6.95
N LYS A 14 0.22 10.35 7.79
CA LYS A 14 -0.96 9.61 7.39
C LYS A 14 -2.16 10.11 8.18
N GLY A 15 -3.34 9.60 7.81
CA GLY A 15 -4.57 9.99 8.47
C GLY A 15 -5.63 8.89 8.32
N ASP A 16 -6.53 9.11 7.37
CA ASP A 16 -7.60 8.16 7.13
C ASP A 16 -7.49 7.65 5.69
N LEU A 17 -6.26 7.62 5.20
CA LEU A 17 -6.00 7.15 3.85
C LEU A 17 -6.73 5.83 3.62
N PRO A 18 -6.94 5.50 2.32
CA PRO A 18 -7.61 4.26 1.96
C PRO A 18 -6.69 3.06 2.16
N GLN A 19 -7.29 1.96 2.61
CA GLN A 19 -6.54 0.74 2.84
C GLN A 19 -7.19 -0.44 2.11
N VAL A 20 -6.36 -1.25 1.50
CA VAL A 20 -6.84 -2.41 0.76
C VAL A 20 -6.17 -3.66 1.31
N GLU A 21 -6.96 -4.72 1.41
CA GLU A 21 -6.45 -5.99 1.91
C GLU A 21 -6.04 -6.89 0.75
N ILE A 22 -4.76 -7.24 0.74
CA ILE A 22 -4.22 -8.09 -0.32
C ILE A 22 -4.85 -9.48 -0.21
N THR A 23 -5.56 -9.86 -1.26
CA THR A 23 -6.21 -11.16 -1.29
C THR A 23 -5.18 -12.27 -1.52
N LYS A 24 -4.13 -11.92 -2.23
CA LYS A 24 -3.06 -12.87 -2.52
C LYS A 24 -1.73 -12.13 -2.62
N ALA A 25 -0.68 -12.82 -2.19
CA ALA A 25 0.65 -12.24 -2.23
C ALA A 25 0.88 -11.57 -3.59
N PHE A 26 1.78 -10.61 -3.60
CA PHE A 26 2.10 -9.88 -4.82
C PHE A 26 3.60 -9.67 -4.96
N PHE A 27 4.27 -10.68 -5.49
CA PHE A 27 5.71 -10.61 -5.68
C PHE A 27 6.09 -9.45 -6.59
N ALA A 28 6.62 -8.40 -5.98
CA ALA A 28 7.03 -7.22 -6.73
C ALA A 28 7.72 -7.66 -8.03
N LYS A 29 7.46 -6.91 -9.08
CA LYS A 29 8.04 -7.20 -10.38
C LYS A 29 9.06 -6.10 -10.74
N GLN A 30 8.75 -4.89 -10.30
CA GLN A 30 9.61 -3.75 -10.57
C GLN A 30 10.29 -3.29 -9.28
N ALA A 31 11.06 -2.23 -9.41
CA ALA A 31 11.77 -1.67 -8.28
C ALA A 31 10.83 -0.75 -7.49
N ASP A 32 9.66 -0.52 -8.07
CA ASP A 32 8.67 0.34 -7.45
C ASP A 32 7.59 -0.53 -6.80
N GLU A 33 7.61 -1.80 -7.17
CA GLU A 33 6.63 -2.75 -6.64
C GLU A 33 7.12 -3.30 -5.29
N VAL A 34 6.15 -3.66 -4.45
CA VAL A 34 6.45 -4.19 -3.15
C VAL A 34 5.80 -5.57 -3.00
N THR A 35 6.47 -6.44 -2.26
CA THR A 35 5.98 -7.78 -2.04
C THR A 35 4.93 -7.78 -0.92
N LEU A 36 3.80 -8.40 -1.21
CA LEU A 36 2.72 -8.48 -0.25
C LEU A 36 2.33 -9.94 -0.04
N GLN A 37 1.58 -10.18 1.03
CA GLN A 37 1.14 -11.53 1.34
C GLN A 37 -0.39 -11.60 1.34
N GLN A 38 -0.90 -12.81 1.55
CA GLN A 38 -2.33 -13.02 1.58
C GLN A 38 -2.94 -12.42 2.84
N ALA A 39 -3.96 -11.60 2.64
CA ALA A 39 -4.64 -10.96 3.75
C ALA A 39 -3.71 -9.92 4.36
N ASP A 40 -3.10 -9.13 3.50
CA ASP A 40 -2.18 -8.08 3.95
C ASP A 40 -2.80 -6.72 3.69
N VAL A 41 -2.81 -5.89 4.72
CA VAL A 41 -3.37 -4.55 4.62
C VAL A 41 -2.25 -3.56 4.27
N VAL A 42 -2.50 -2.78 3.23
CA VAL A 42 -1.53 -1.79 2.79
C VAL A 42 -2.18 -0.40 2.80
N LEU A 43 -1.42 0.57 3.27
CA LEU A 43 -1.90 1.94 3.34
C LEU A 43 -1.65 2.63 2.01
N VAL A 44 -2.74 2.88 1.28
CA VAL A 44 -2.64 3.54 -0.01
C VAL A 44 -2.03 4.93 0.17
N LEU A 45 -1.18 5.30 -0.77
CA LEU A 45 -0.53 6.60 -0.72
C LEU A 45 -0.88 7.38 -1.99
N GLN A 46 -0.86 6.67 -3.11
CA GLN A 46 -1.18 7.29 -4.39
C GLN A 46 -1.99 6.33 -5.26
N GLN A 47 -3.16 6.79 -5.66
CA GLN A 47 -4.03 5.98 -6.49
C GLN A 47 -3.91 6.39 -7.96
N GLU A 48 -3.27 5.54 -8.73
CA GLU A 48 -3.08 5.81 -10.15
C GLU A 48 -3.81 4.77 -11.00
N ASP A 49 -4.78 5.25 -11.76
CA ASP A 49 -5.57 4.38 -12.61
C ASP A 49 -4.64 3.33 -13.23
N GLY A 50 -4.72 2.11 -12.69
CA GLY A 50 -3.90 1.03 -13.18
C GLY A 50 -3.11 0.37 -12.04
N TRP A 51 -2.56 1.21 -11.18
CA TRP A 51 -1.78 0.73 -10.06
C TRP A 51 -2.11 1.60 -8.85
N LEU A 52 -2.11 0.98 -7.69
CA LEU A 52 -2.41 1.69 -6.45
C LEU A 52 -1.20 1.62 -5.53
N TYR A 53 -0.60 2.79 -5.29
CA TYR A 53 0.56 2.88 -4.44
C TYR A 53 0.16 3.02 -2.97
N GLY A 54 0.94 2.40 -2.11
CA GLY A 54 0.68 2.45 -0.68
C GLY A 54 1.92 2.06 0.12
N GLU A 55 1.74 1.98 1.43
CA GLU A 55 2.84 1.63 2.32
C GLU A 55 2.40 0.50 3.27
N ARG A 56 2.90 -0.69 2.97
CA ARG A 56 2.58 -1.85 3.79
C ARG A 56 2.52 -1.46 5.27
N LEU A 57 1.62 -2.12 5.99
CA LEU A 57 1.46 -1.86 7.41
C LEU A 57 2.24 -2.89 8.21
N ARG A 58 2.69 -3.92 7.51
CA ARG A 58 3.45 -4.99 8.14
C ARG A 58 4.77 -4.45 8.69
N ASP A 59 5.62 -4.01 7.76
CA ASP A 59 6.91 -3.46 8.14
C ASP A 59 6.97 -1.99 7.76
N GLY A 60 6.19 -1.64 6.75
CA GLY A 60 6.14 -0.26 6.28
C GLY A 60 6.56 -0.17 4.81
N GLU A 61 6.90 -1.32 4.25
CA GLU A 61 7.32 -1.38 2.86
C GLU A 61 6.41 -0.50 1.99
N THR A 62 7.04 0.40 1.26
CA THR A 62 6.31 1.30 0.39
C THR A 62 6.61 1.00 -1.07
N GLY A 63 5.60 0.45 -1.75
CA GLY A 63 5.75 0.11 -3.15
C GLY A 63 4.42 0.27 -3.89
N TRP A 64 4.43 -0.12 -5.16
CA TRP A 64 3.24 -0.04 -5.99
C TRP A 64 2.53 -1.39 -5.95
N PHE A 65 1.24 -1.33 -5.66
CA PHE A 65 0.44 -2.55 -5.60
C PHE A 65 -0.85 -2.40 -6.41
N PRO A 66 -1.12 -3.43 -7.25
CA PRO A 66 -2.31 -3.42 -8.09
C PRO A 66 -3.56 -3.73 -7.27
N GLU A 67 -4.68 -3.23 -7.75
CA GLU A 67 -5.95 -3.44 -7.07
C GLU A 67 -6.41 -4.89 -7.24
N ASP A 68 -6.12 -5.44 -8.40
CA ASP A 68 -6.49 -6.81 -8.70
C ASP A 68 -5.97 -7.73 -7.60
N PHE A 69 -4.97 -7.24 -6.89
CA PHE A 69 -4.36 -8.00 -5.81
C PHE A 69 -4.68 -7.36 -4.45
N ALA A 70 -5.81 -6.67 -4.40
CA ALA A 70 -6.23 -6.01 -3.18
C ALA A 70 -7.73 -5.74 -3.25
N ARG A 71 -8.33 -5.57 -2.07
CA ARG A 71 -9.76 -5.31 -1.98
C ARG A 71 -10.01 -4.06 -1.13
N PHE A 72 -10.45 -3.02 -1.80
CA PHE A 72 -10.74 -1.76 -1.11
C PHE A 72 -11.70 -2.00 0.06
N ILE A 73 -11.13 -1.96 1.26
CA ILE A 73 -11.91 -2.16 2.47
C ILE A 73 -12.99 -1.06 2.56
N SER A 74 -12.53 0.17 2.54
CA SER A 74 -13.42 1.31 2.62
C SER A 74 -12.85 2.50 1.85
N GLY A 75 -13.68 3.04 0.97
CA GLY A 75 -13.27 4.17 0.15
C GLY A 75 -14.45 4.72 -0.65
N PRO A 76 -14.68 4.10 -1.84
CA PRO A 76 -15.76 4.52 -2.70
C PRO A 76 -17.12 4.05 -2.15
N SER A 77 -17.91 5.02 -1.71
CA SER A 77 -19.21 4.72 -1.16
C SER A 77 -20.25 5.67 -1.75
N SER A 78 -21.49 5.19 -1.79
CA SER A 78 -22.58 5.99 -2.33
C SER A 78 -23.47 6.50 -1.19
N GLY A 79 -23.98 5.56 -0.41
CA GLY A 79 -24.84 5.89 0.70
C GLY A 79 -25.55 4.65 1.24
N GLY A 1 23.59 -5.78 6.38
CA GLY A 1 22.23 -5.60 6.83
C GLY A 1 21.27 -6.55 6.12
N SER A 2 20.04 -6.09 5.95
CA SER A 2 19.03 -6.88 5.29
C SER A 2 18.52 -6.15 4.04
N SER A 3 18.00 -4.96 4.26
CA SER A 3 17.49 -4.15 3.16
C SER A 3 17.21 -2.73 3.65
N GLY A 4 16.33 -2.64 4.64
CA GLY A 4 15.97 -1.35 5.20
C GLY A 4 14.46 -1.27 5.47
N SER A 5 14.12 -0.63 6.57
CA SER A 5 12.72 -0.47 6.94
C SER A 5 12.58 0.64 7.98
N SER A 6 11.85 1.69 7.58
CA SER A 6 11.63 2.82 8.45
C SER A 6 10.19 2.83 8.93
N GLY A 7 10.02 3.05 10.23
CA GLY A 7 8.70 3.09 10.83
C GLY A 7 8.78 3.15 12.35
N TRP A 8 8.40 4.29 12.90
CA TRP A 8 8.43 4.48 14.34
C TRP A 8 7.03 4.90 14.79
N GLN A 9 6.16 3.91 14.89
CA GLN A 9 4.78 4.16 15.30
C GLN A 9 4.05 4.97 14.25
N GLY A 10 3.59 4.28 13.21
CA GLY A 10 2.87 4.92 12.13
C GLY A 10 3.70 6.06 11.52
N LEU A 11 4.26 5.79 10.36
CA LEU A 11 5.08 6.79 9.68
C LEU A 11 4.48 7.06 8.29
N SER A 12 4.25 8.33 8.01
CA SER A 12 3.69 8.73 6.73
C SER A 12 2.28 8.15 6.58
N SER A 13 1.31 8.93 7.05
CA SER A 13 -0.08 8.51 6.96
C SER A 13 -1.00 9.71 7.26
N LYS A 14 -1.75 10.09 6.24
CA LYS A 14 -2.67 11.21 6.37
C LYS A 14 -3.44 11.08 7.69
N GLY A 15 -4.06 9.93 7.86
CA GLY A 15 -4.83 9.67 9.07
C GLY A 15 -5.92 8.62 8.81
N ASP A 16 -6.74 8.89 7.81
CA ASP A 16 -7.82 8.00 7.44
C ASP A 16 -7.69 7.61 5.97
N LEU A 17 -6.44 7.48 5.54
CA LEU A 17 -6.17 7.12 4.16
C LEU A 17 -6.87 5.79 3.83
N PRO A 18 -6.99 5.52 2.51
CA PRO A 18 -7.63 4.29 2.05
C PRO A 18 -6.71 3.08 2.25
N GLN A 19 -7.32 1.97 2.62
CA GLN A 19 -6.57 0.74 2.84
C GLN A 19 -7.23 -0.42 2.09
N VAL A 20 -6.38 -1.21 1.44
CA VAL A 20 -6.86 -2.36 0.70
C VAL A 20 -6.21 -3.63 1.25
N GLU A 21 -7.04 -4.66 1.40
CA GLU A 21 -6.57 -5.93 1.92
C GLU A 21 -6.16 -6.85 0.76
N ILE A 22 -4.89 -7.20 0.75
CA ILE A 22 -4.37 -8.07 -0.29
C ILE A 22 -5.02 -9.45 -0.17
N THR A 23 -5.51 -9.94 -1.29
CA THR A 23 -6.16 -11.24 -1.32
C THR A 23 -5.13 -12.35 -1.57
N LYS A 24 -4.21 -12.07 -2.48
CA LYS A 24 -3.17 -13.01 -2.81
C LYS A 24 -1.80 -12.34 -2.68
N ALA A 25 -0.79 -13.16 -2.42
CA ALA A 25 0.56 -12.66 -2.27
C ALA A 25 1.04 -12.11 -3.61
N PHE A 26 1.45 -10.85 -3.59
CA PHE A 26 1.94 -10.19 -4.79
C PHE A 26 3.46 -10.08 -4.78
N PHE A 27 4.07 -10.75 -5.75
CA PHE A 27 5.52 -10.73 -5.86
C PHE A 27 6.01 -9.51 -6.65
N ALA A 28 6.65 -8.60 -5.94
CA ALA A 28 7.16 -7.39 -6.56
C ALA A 28 8.36 -7.75 -7.43
N LYS A 29 8.27 -7.36 -8.70
CA LYS A 29 9.35 -7.63 -9.64
C LYS A 29 10.14 -6.34 -9.90
N GLN A 30 9.42 -5.22 -9.79
CA GLN A 30 10.04 -3.92 -10.00
C GLN A 30 10.71 -3.43 -8.73
N ALA A 31 11.39 -2.31 -8.84
CA ALA A 31 12.08 -1.73 -7.71
C ALA A 31 11.16 -0.73 -6.99
N ASP A 32 9.96 -0.62 -7.54
CA ASP A 32 8.97 0.29 -6.97
C ASP A 32 7.83 -0.53 -6.37
N GLU A 33 7.76 -1.78 -6.78
CA GLU A 33 6.71 -2.68 -6.30
C GLU A 33 7.00 -3.08 -4.85
N VAL A 34 5.97 -3.62 -4.21
CA VAL A 34 6.10 -4.04 -2.83
C VAL A 34 5.46 -5.43 -2.66
N THR A 35 6.22 -6.33 -2.06
CA THR A 35 5.74 -7.69 -1.85
C THR A 35 4.67 -7.70 -0.75
N LEU A 36 3.57 -8.36 -1.06
CA LEU A 36 2.46 -8.46 -0.12
C LEU A 36 2.12 -9.94 0.10
N GLN A 37 1.20 -10.16 1.04
CA GLN A 37 0.78 -11.52 1.36
C GLN A 37 -0.74 -11.59 1.44
N GLN A 38 -1.25 -12.81 1.35
CA GLN A 38 -2.69 -13.03 1.41
C GLN A 38 -3.25 -12.50 2.74
N ALA A 39 -4.22 -11.59 2.61
CA ALA A 39 -4.84 -11.00 3.77
C ALA A 39 -3.87 -10.00 4.41
N ASP A 40 -3.31 -9.16 3.56
CA ASP A 40 -2.37 -8.15 4.03
C ASP A 40 -2.97 -6.76 3.81
N VAL A 41 -2.75 -5.90 4.80
CA VAL A 41 -3.27 -4.54 4.72
C VAL A 41 -2.14 -3.61 4.27
N VAL A 42 -2.51 -2.68 3.39
CA VAL A 42 -1.55 -1.72 2.86
C VAL A 42 -2.18 -0.32 2.86
N LEU A 43 -1.40 0.64 3.32
CA LEU A 43 -1.87 2.01 3.37
C LEU A 43 -1.61 2.68 2.02
N VAL A 44 -2.70 2.95 1.31
CA VAL A 44 -2.62 3.59 0.01
C VAL A 44 -2.05 5.00 0.18
N LEU A 45 -1.19 5.38 -0.75
CA LEU A 45 -0.57 6.70 -0.71
C LEU A 45 -0.89 7.44 -2.01
N GLN A 46 -0.81 6.69 -3.11
CA GLN A 46 -1.09 7.26 -4.42
C GLN A 46 -1.90 6.28 -5.26
N GLN A 47 -3.14 6.66 -5.52
CA GLN A 47 -4.04 5.83 -6.31
C GLN A 47 -3.89 6.17 -7.80
N GLU A 48 -3.36 5.21 -8.54
CA GLU A 48 -3.16 5.39 -9.97
C GLU A 48 -3.94 4.32 -10.74
N ASP A 49 -4.69 4.79 -11.73
CA ASP A 49 -5.49 3.89 -12.56
C ASP A 49 -4.57 2.81 -13.13
N GLY A 50 -4.66 1.62 -12.54
CA GLY A 50 -3.86 0.50 -12.98
C GLY A 50 -2.98 -0.03 -11.85
N TRP A 51 -2.45 0.91 -11.08
CA TRP A 51 -1.58 0.55 -9.96
C TRP A 51 -1.91 1.49 -8.79
N LEU A 52 -2.02 0.90 -7.61
CA LEU A 52 -2.32 1.67 -6.41
C LEU A 52 -1.11 1.66 -5.49
N TYR A 53 -0.55 2.85 -5.28
CA TYR A 53 0.61 2.98 -4.41
C TYR A 53 0.19 3.07 -2.94
N GLY A 54 1.03 2.50 -2.09
CA GLY A 54 0.76 2.51 -0.67
C GLY A 54 1.95 1.96 0.13
N GLU A 55 1.75 1.83 1.43
CA GLU A 55 2.80 1.32 2.30
C GLU A 55 2.28 0.13 3.10
N ARG A 56 2.99 -0.99 2.96
CA ARG A 56 2.61 -2.20 3.67
C ARG A 56 2.91 -2.06 5.17
N LEU A 57 1.85 -1.90 5.94
CA LEU A 57 1.99 -1.75 7.38
C LEU A 57 2.78 -2.94 7.93
N ARG A 58 2.81 -4.01 7.15
CA ARG A 58 3.52 -5.21 7.55
C ARG A 58 4.95 -4.87 7.98
N ASP A 59 5.73 -4.40 7.01
CA ASP A 59 7.11 -4.03 7.28
C ASP A 59 7.25 -2.51 7.18
N GLY A 60 6.37 -1.91 6.39
CA GLY A 60 6.39 -0.47 6.20
C GLY A 60 7.09 -0.10 4.89
N GLU A 61 7.04 -1.02 3.95
CA GLU A 61 7.65 -0.80 2.66
C GLU A 61 6.65 -0.18 1.68
N THR A 62 6.99 1.00 1.21
CA THR A 62 6.13 1.71 0.27
C THR A 62 6.47 1.33 -1.17
N GLY A 63 5.50 0.76 -1.85
CA GLY A 63 5.68 0.35 -3.22
C GLY A 63 4.38 0.47 -4.01
N TRP A 64 4.43 0.00 -5.26
CA TRP A 64 3.27 0.06 -6.13
C TRP A 64 2.58 -1.30 -6.08
N PHE A 65 1.28 -1.27 -5.85
CA PHE A 65 0.49 -2.49 -5.77
C PHE A 65 -0.82 -2.34 -6.55
N PRO A 66 -1.11 -3.37 -7.39
CA PRO A 66 -2.33 -3.37 -8.18
C PRO A 66 -3.55 -3.68 -7.32
N GLU A 67 -4.69 -3.14 -7.73
CA GLU A 67 -5.93 -3.36 -7.01
C GLU A 67 -6.39 -4.80 -7.18
N ASP A 68 -6.15 -5.33 -8.37
CA ASP A 68 -6.54 -6.70 -8.67
C ASP A 68 -6.04 -7.63 -7.57
N PHE A 69 -4.93 -7.24 -6.97
CA PHE A 69 -4.34 -8.02 -5.89
C PHE A 69 -4.66 -7.40 -4.52
N ALA A 70 -5.77 -6.69 -4.48
CA ALA A 70 -6.21 -6.05 -3.25
C ALA A 70 -7.72 -5.82 -3.30
N ARG A 71 -8.29 -5.56 -2.13
CA ARG A 71 -9.71 -5.33 -2.03
C ARG A 71 -9.98 -4.09 -1.17
N PHE A 72 -10.40 -3.02 -1.83
CA PHE A 72 -10.70 -1.78 -1.15
C PHE A 72 -11.68 -2.01 -0.01
N ILE A 73 -11.14 -1.93 1.21
CA ILE A 73 -11.96 -2.13 2.40
C ILE A 73 -13.06 -1.06 2.44
N SER A 74 -12.63 0.19 2.35
CA SER A 74 -13.58 1.29 2.37
C SER A 74 -12.94 2.52 1.71
N GLY A 75 -13.67 3.08 0.75
CA GLY A 75 -13.20 4.25 0.04
C GLY A 75 -14.24 5.38 0.09
N PRO A 76 -15.18 5.33 -0.89
CA PRO A 76 -16.24 6.33 -0.98
C PRO A 76 -17.29 6.10 0.10
N SER A 77 -17.48 7.11 0.94
CA SER A 77 -18.45 7.03 2.02
C SER A 77 -19.49 8.16 1.87
N SER A 78 -20.73 7.80 2.12
CA SER A 78 -21.82 8.76 2.02
C SER A 78 -22.56 8.85 3.36
N GLY A 79 -23.41 9.87 3.46
CA GLY A 79 -24.17 10.08 4.67
C GLY A 79 -23.28 10.56 5.82
N GLY A 1 20.23 8.25 -7.59
CA GLY A 1 20.36 7.50 -6.36
C GLY A 1 21.23 8.25 -5.35
N SER A 2 20.81 8.19 -4.09
CA SER A 2 21.55 8.85 -3.03
C SER A 2 20.86 8.61 -1.68
N SER A 3 21.56 8.97 -0.62
CA SER A 3 21.03 8.80 0.72
C SER A 3 19.93 9.82 0.99
N GLY A 4 18.89 9.36 1.69
CA GLY A 4 17.77 10.23 2.02
C GLY A 4 17.14 9.83 3.35
N SER A 5 16.04 10.49 3.66
CA SER A 5 15.33 10.22 4.90
C SER A 5 14.12 9.33 4.64
N SER A 6 13.51 8.86 5.71
CA SER A 6 12.34 8.01 5.61
C SER A 6 11.14 8.82 5.12
N GLY A 7 10.81 9.85 5.90
CA GLY A 7 9.69 10.72 5.56
C GLY A 7 8.91 11.11 6.81
N TRP A 8 8.78 12.41 7.01
CA TRP A 8 8.06 12.94 8.16
C TRP A 8 6.58 12.59 7.98
N GLN A 9 5.94 12.27 9.09
CA GLN A 9 4.53 11.92 9.07
C GLN A 9 3.67 13.19 9.17
N GLY A 10 2.39 13.02 8.87
CA GLY A 10 1.45 14.13 8.92
C GLY A 10 2.12 15.42 8.41
N LEU A 11 1.97 15.64 7.11
CA LEU A 11 2.54 16.83 6.49
C LEU A 11 1.42 17.63 5.83
N SER A 12 0.78 17.03 4.83
CA SER A 12 -0.30 17.67 4.11
C SER A 12 -1.38 16.66 3.78
N SER A 13 -2.45 16.70 4.56
CA SER A 13 -3.57 15.78 4.35
C SER A 13 -3.12 14.35 4.62
N LYS A 14 -3.56 13.83 5.76
CA LYS A 14 -3.22 12.48 6.15
C LYS A 14 -4.21 11.98 7.20
N GLY A 15 -4.25 10.67 7.36
CA GLY A 15 -5.15 10.06 8.33
C GLY A 15 -5.28 8.55 8.08
N ASP A 16 -6.49 8.05 8.30
CA ASP A 16 -6.76 6.64 8.11
C ASP A 16 -6.42 6.25 6.67
N LEU A 17 -6.77 7.14 5.75
CA LEU A 17 -6.51 6.90 4.35
C LEU A 17 -7.15 5.57 3.93
N PRO A 18 -7.25 5.38 2.59
CA PRO A 18 -7.83 4.17 2.05
C PRO A 18 -6.86 2.99 2.17
N GLN A 19 -7.37 1.90 2.74
CA GLN A 19 -6.57 0.71 2.94
C GLN A 19 -7.21 -0.48 2.21
N VAL A 20 -6.37 -1.25 1.53
CA VAL A 20 -6.84 -2.41 0.80
C VAL A 20 -6.15 -3.67 1.35
N GLU A 21 -6.94 -4.71 1.51
CA GLU A 21 -6.42 -5.97 2.02
C GLU A 21 -6.02 -6.88 0.86
N ILE A 22 -4.73 -7.21 0.82
CA ILE A 22 -4.21 -8.08 -0.22
C ILE A 22 -4.86 -9.45 -0.11
N THR A 23 -5.45 -9.89 -1.23
CA THR A 23 -6.12 -11.17 -1.27
C THR A 23 -5.10 -12.29 -1.52
N LYS A 24 -4.06 -11.93 -2.25
CA LYS A 24 -3.00 -12.89 -2.58
C LYS A 24 -1.66 -12.17 -2.61
N ALA A 25 -0.61 -12.93 -2.30
CA ALA A 25 0.73 -12.38 -2.29
C ALA A 25 1.05 -11.81 -3.67
N PHE A 26 1.68 -10.64 -3.66
CA PHE A 26 2.06 -9.98 -4.91
C PHE A 26 3.57 -9.82 -5.01
N PHE A 27 4.21 -10.87 -5.50
CA PHE A 27 5.65 -10.86 -5.66
C PHE A 27 6.10 -9.74 -6.59
N ALA A 28 6.71 -8.74 -6.01
CA ALA A 28 7.19 -7.60 -6.79
C ALA A 28 8.20 -8.08 -7.82
N LYS A 29 8.01 -7.63 -9.06
CA LYS A 29 8.89 -8.01 -10.14
C LYS A 29 9.80 -6.83 -10.49
N GLN A 30 9.24 -5.64 -10.35
CA GLN A 30 9.98 -4.43 -10.64
C GLN A 30 10.58 -3.84 -9.36
N ALA A 31 11.17 -2.66 -9.50
CA ALA A 31 11.78 -1.99 -8.37
C ALA A 31 10.79 -0.98 -7.79
N ASP A 32 9.66 -0.83 -8.49
CA ASP A 32 8.64 0.11 -8.05
C ASP A 32 7.53 -0.66 -7.32
N GLU A 33 7.58 -1.99 -7.46
CA GLU A 33 6.60 -2.84 -6.83
C GLU A 33 7.09 -3.27 -5.44
N VAL A 34 6.20 -3.94 -4.72
CA VAL A 34 6.52 -4.41 -3.38
C VAL A 34 5.85 -5.76 -3.14
N THR A 35 6.60 -6.65 -2.50
CA THR A 35 6.08 -7.98 -2.21
C THR A 35 5.03 -7.90 -1.10
N LEU A 36 3.93 -8.61 -1.33
CA LEU A 36 2.85 -8.64 -0.36
C LEU A 36 2.42 -10.09 -0.11
N GLN A 37 1.68 -10.29 0.97
CA GLN A 37 1.21 -11.61 1.33
C GLN A 37 -0.32 -11.65 1.33
N GLN A 38 -0.85 -12.85 1.51
CA GLN A 38 -2.29 -13.03 1.53
C GLN A 38 -2.88 -12.44 2.81
N ALA A 39 -3.87 -11.59 2.63
CA ALA A 39 -4.53 -10.95 3.76
C ALA A 39 -3.58 -9.94 4.40
N ASP A 40 -2.99 -9.11 3.54
CA ASP A 40 -2.06 -8.10 4.00
C ASP A 40 -2.68 -6.72 3.80
N VAL A 41 -2.55 -5.89 4.83
CA VAL A 41 -3.09 -4.54 4.78
C VAL A 41 -1.99 -3.57 4.33
N VAL A 42 -2.39 -2.65 3.45
CA VAL A 42 -1.46 -1.67 2.93
C VAL A 42 -2.13 -0.30 2.91
N LEU A 43 -1.39 0.70 3.36
CA LEU A 43 -1.91 2.06 3.40
C LEU A 43 -1.62 2.74 2.06
N VAL A 44 -2.69 2.95 1.30
CA VAL A 44 -2.57 3.60 0.01
C VAL A 44 -2.00 5.01 0.19
N LEU A 45 -1.11 5.38 -0.73
CA LEU A 45 -0.50 6.69 -0.68
C LEU A 45 -0.84 7.46 -1.95
N GLN A 46 -0.83 6.74 -3.07
CA GLN A 46 -1.14 7.34 -4.35
C GLN A 46 -1.93 6.37 -5.21
N GLN A 47 -3.11 6.82 -5.63
CA GLN A 47 -3.98 5.99 -6.46
C GLN A 47 -3.87 6.43 -7.93
N GLU A 48 -3.33 5.52 -8.73
CA GLU A 48 -3.16 5.79 -10.15
C GLU A 48 -3.93 4.76 -10.98
N ASP A 49 -4.92 5.25 -11.71
CA ASP A 49 -5.73 4.38 -12.55
C ASP A 49 -4.83 3.32 -13.20
N GLY A 50 -4.89 2.12 -12.65
CA GLY A 50 -4.09 1.02 -13.16
C GLY A 50 -3.30 0.35 -12.04
N TRP A 51 -2.63 1.18 -11.25
CA TRP A 51 -1.83 0.68 -10.15
C TRP A 51 -2.12 1.55 -8.93
N LEU A 52 -2.04 0.93 -7.76
CA LEU A 52 -2.30 1.63 -6.51
C LEU A 52 -1.04 1.59 -5.65
N TYR A 53 -0.66 2.76 -5.16
CA TYR A 53 0.52 2.88 -4.32
C TYR A 53 0.14 3.04 -2.86
N GLY A 54 0.94 2.43 -1.99
CA GLY A 54 0.70 2.51 -0.57
C GLY A 54 1.91 2.01 0.22
N GLU A 55 1.72 1.91 1.53
CA GLU A 55 2.79 1.45 2.41
C GLU A 55 2.30 0.30 3.28
N ARG A 56 2.80 -0.89 2.98
CA ARG A 56 2.41 -2.08 3.72
C ARG A 56 2.70 -1.88 5.22
N LEU A 57 1.63 -1.92 6.00
CA LEU A 57 1.76 -1.74 7.43
C LEU A 57 2.53 -2.92 8.02
N ARG A 58 2.53 -4.02 7.29
CA ARG A 58 3.24 -5.21 7.71
C ARG A 58 4.62 -4.85 8.25
N ASP A 59 5.47 -4.39 7.34
CA ASP A 59 6.82 -4.01 7.71
C ASP A 59 7.01 -2.51 7.45
N GLY A 60 6.07 -1.95 6.69
CA GLY A 60 6.13 -0.53 6.36
C GLY A 60 6.73 -0.32 4.98
N GLU A 61 6.63 -1.34 4.15
CA GLU A 61 7.16 -1.27 2.81
C GLU A 61 6.24 -0.42 1.91
N THR A 62 6.86 0.50 1.20
CA THR A 62 6.12 1.38 0.31
C THR A 62 6.44 1.06 -1.15
N GLY A 63 5.45 0.51 -1.83
CA GLY A 63 5.61 0.14 -3.23
C GLY A 63 4.30 0.32 -4.00
N TRP A 64 4.34 -0.08 -5.27
CA TRP A 64 3.16 0.02 -6.12
C TRP A 64 2.47 -1.34 -6.12
N PHE A 65 1.25 -1.35 -5.60
CA PHE A 65 0.47 -2.57 -5.54
C PHE A 65 -0.82 -2.44 -6.37
N PRO A 66 -1.08 -3.48 -7.19
CA PRO A 66 -2.26 -3.50 -8.03
C PRO A 66 -3.52 -3.80 -7.21
N GLU A 67 -4.64 -3.33 -7.72
CA GLU A 67 -5.92 -3.54 -7.04
C GLU A 67 -6.40 -4.97 -7.25
N ASP A 68 -6.12 -5.50 -8.43
CA ASP A 68 -6.51 -6.85 -8.77
C ASP A 68 -6.00 -7.81 -7.69
N PHE A 69 -5.00 -7.35 -6.95
CA PHE A 69 -4.41 -8.15 -5.90
C PHE A 69 -4.78 -7.60 -4.52
N ALA A 70 -5.82 -6.77 -4.51
CA ALA A 70 -6.28 -6.17 -3.28
C ALA A 70 -7.78 -5.90 -3.37
N ARG A 71 -8.36 -5.52 -2.24
CA ARG A 71 -9.78 -5.23 -2.18
C ARG A 71 -10.03 -3.99 -1.33
N PHE A 72 -10.48 -2.93 -1.99
CA PHE A 72 -10.77 -1.69 -1.30
C PHE A 72 -11.73 -1.91 -0.14
N ILE A 73 -11.17 -1.89 1.07
CA ILE A 73 -11.96 -2.09 2.26
C ILE A 73 -13.03 -1.00 2.35
N SER A 74 -12.57 0.24 2.30
CA SER A 74 -13.47 1.38 2.37
C SER A 74 -12.97 2.51 1.48
N GLY A 75 -13.66 2.70 0.36
CA GLY A 75 -13.29 3.73 -0.58
C GLY A 75 -14.53 4.39 -1.19
N PRO A 76 -15.04 3.74 -2.28
CA PRO A 76 -16.22 4.25 -2.96
C PRO A 76 -17.50 3.97 -2.14
N SER A 77 -18.60 4.50 -2.64
CA SER A 77 -19.88 4.32 -1.96
C SER A 77 -20.95 3.93 -2.98
N SER A 78 -21.53 2.76 -2.75
CA SER A 78 -22.57 2.26 -3.64
C SER A 78 -23.95 2.60 -3.08
N GLY A 79 -24.19 2.12 -1.87
CA GLY A 79 -25.47 2.36 -1.20
C GLY A 79 -25.83 3.84 -1.27
#